data_3AX6
#
_entry.id   3AX6
#
_cell.length_a   63.919
_cell.length_b   186.590
_cell.length_c   68.463
_cell.angle_alpha   90.00
_cell.angle_beta   90.49
_cell.angle_gamma   90.00
#
_symmetry.space_group_name_H-M   'P 1 21 1'
#
loop_
_entity.id
_entity.type
_entity.pdbx_description
1 polymer 'Phosphoribosylaminoimidazole carboxylase, ATPase subunit'
2 non-polymer "ADENOSINE-5'-DIPHOSPHATE"
3 water water
#
_entity_poly.entity_id   1
_entity_poly.type   'polypeptide(L)'
_entity_poly.pdbx_seq_one_letter_code
;(MSE)KKIGIIGGGQLGK(MSE)(MSE)TLEAKK(MSE)GFYVIVLDPTPRSPAGQVADEQIVAGFFDSERIEDLVKGSD
VTTYDLEHIDVQTLKKLYNEGYKIHPSPYTLEIIQDKFVQKEFLKKNGIPVPEYKLVKDLESDVREFGFPVVQKARKGGY
DGRGVFIIKNEKDLENAIKGETYLEEFVEIEKELAV(MSE)VARNEKGEIACYPVVE(MSE)YFDEDANICDTVIAPARI
EEKYSKIAREIATSVVEALEGVGIFGIE(MSE)FLTKQGEILVNEIAPRPHNSGHYTIEACVTSQFEQHIRAI(MSE)NL
PLGSTELLIPAV(MSE)VNLLGEEGYYGKPALIGLEEALAIEGLSLHFYGKKETRPYRK(MSE)GHFTVVDRDVERALEK
ALRAKKILKVVSEEGA(MSE)CQG
;
_entity_poly.pdbx_strand_id   A,B,C,D
#
loop_
_chem_comp.id
_chem_comp.type
_chem_comp.name
_chem_comp.formula
ADP non-polymer ADENOSINE-5'-DIPHOSPHATE 'C10 H15 N5 O10 P2'
#
# COMPACT_ATOMS: atom_id res chain seq x y z
N MSE A 1 7.96 -13.14 6.93
CA MSE A 1 8.96 -12.65 7.91
C MSE A 1 10.24 -13.48 7.84
O MSE A 1 10.22 -14.69 8.12
CB MSE A 1 8.37 -12.70 9.32
CG MSE A 1 9.29 -12.17 10.41
SE MSE A 1 8.44 -12.11 12.15
CE MSE A 1 7.64 -10.35 12.06
N LYS A 2 11.35 -12.84 7.48
CA LYS A 2 12.64 -13.53 7.39
C LYS A 2 13.11 -13.97 8.77
N LYS A 3 13.91 -15.03 8.82
CA LYS A 3 14.41 -15.56 10.07
C LYS A 3 15.91 -15.35 10.24
N ILE A 4 16.30 -14.94 11.44
CA ILE A 4 17.71 -14.72 11.75
C ILE A 4 18.11 -15.69 12.86
N GLY A 5 19.15 -16.46 12.62
CA GLY A 5 19.62 -17.40 13.61
C GLY A 5 20.81 -16.78 14.34
N ILE A 6 20.82 -16.91 15.67
CA ILE A 6 21.91 -16.34 16.46
C ILE A 6 22.55 -17.39 17.37
N ILE A 7 23.84 -17.62 17.18
CA ILE A 7 24.58 -18.57 18.00
C ILE A 7 25.17 -17.78 19.17
N GLY A 8 24.67 -18.05 20.38
CA GLY A 8 25.14 -17.35 21.55
C GLY A 8 23.98 -16.64 22.21
N GLY A 9 23.58 -17.13 23.39
CA GLY A 9 22.45 -16.54 24.09
C GLY A 9 22.77 -15.55 25.19
N GLY A 10 24.03 -15.10 25.23
CA GLY A 10 24.43 -14.16 26.26
C GLY A 10 23.84 -12.77 26.07
N GLN A 11 24.33 -11.82 26.87
CA GLN A 11 23.84 -10.45 26.81
C GLN A 11 23.95 -9.81 25.42
N LEU A 12 25.04 -10.06 24.70
CA LEU A 12 25.19 -9.49 23.37
C LEU A 12 24.08 -10.04 22.47
N GLY A 13 23.94 -11.35 22.46
CA GLY A 13 22.91 -11.96 21.65
C GLY A 13 21.51 -11.51 22.01
N LYS A 14 21.29 -11.18 23.29
CA LYS A 14 19.97 -10.74 23.71
C LYS A 14 19.71 -9.38 23.12
N MSE A 15 20.70 -8.49 23.21
CA MSE A 15 20.58 -7.14 22.68
C MSE A 15 20.41 -7.18 21.16
O MSE A 15 19.69 -6.37 20.60
CB MSE A 15 21.79 -6.32 23.10
CG MSE A 15 21.89 -6.21 24.63
SE MSE A 15 23.48 -5.38 25.35
CE MSE A 15 22.88 -3.55 25.32
N MSE A 16 21.06 -8.14 20.51
CA MSE A 16 20.93 -8.30 19.06
C MSE A 16 19.50 -8.80 18.78
O MSE A 16 18.81 -8.31 17.89
CB MSE A 16 21.91 -9.35 18.52
CG MSE A 16 23.38 -8.98 18.56
SE MSE A 16 24.50 -10.49 18.00
CE MSE A 16 23.56 -10.94 16.41
N THR A 17 19.09 -9.80 19.56
CA THR A 17 17.76 -10.38 19.42
C THR A 17 16.67 -9.31 19.46
N LEU A 18 16.65 -8.50 20.53
CA LEU A 18 15.63 -7.46 20.66
C LEU A 18 15.62 -6.53 19.44
N GLU A 19 16.78 -6.01 19.07
CA GLU A 19 16.84 -5.10 17.92
C GLU A 19 16.39 -5.77 16.64
N ALA A 20 16.64 -7.07 16.53
CA ALA A 20 16.25 -7.81 15.34
C ALA A 20 14.74 -7.92 15.27
N LYS A 21 14.11 -8.32 16.38
CA LYS A 21 12.67 -8.44 16.41
C LYS A 21 12.04 -7.07 16.20
N LYS A 22 12.72 -6.02 16.66
CA LYS A 22 12.24 -4.66 16.50
C LYS A 22 12.12 -4.28 15.02
N MSE A 23 12.98 -4.87 14.19
CA MSE A 23 12.97 -4.56 12.76
C MSE A 23 12.03 -5.48 12.01
O MSE A 23 11.95 -5.45 10.78
CB MSE A 23 14.40 -4.66 12.20
CG MSE A 23 14.64 -3.82 10.95
SE MSE A 23 16.53 -3.67 10.47
CE MSE A 23 17.17 -2.98 12.17
N GLY A 24 11.30 -6.30 12.77
CA GLY A 24 10.34 -7.22 12.18
C GLY A 24 10.86 -8.60 11.78
N PHE A 25 11.99 -9.02 12.35
CA PHE A 25 12.53 -10.31 12.01
C PHE A 25 12.18 -11.39 13.02
N TYR A 26 12.21 -12.64 12.57
CA TYR A 26 11.93 -13.77 13.42
C TYR A 26 13.30 -14.26 13.87
N VAL A 27 13.49 -14.48 15.17
CA VAL A 27 14.79 -14.93 15.66
C VAL A 27 14.79 -16.25 16.41
N ILE A 28 15.74 -17.09 16.03
CA ILE A 28 15.93 -18.38 16.66
C ILE A 28 17.34 -18.36 17.25
N VAL A 29 17.42 -18.55 18.57
CA VAL A 29 18.69 -18.53 19.32
C VAL A 29 19.21 -19.94 19.66
N LEU A 30 20.53 -20.12 19.55
CA LEU A 30 21.17 -21.38 19.88
C LEU A 30 22.13 -21.11 21.02
N ASP A 31 21.91 -21.80 22.14
CA ASP A 31 22.74 -21.63 23.33
C ASP A 31 22.62 -22.90 24.19
N PRO A 32 23.72 -23.35 24.81
CA PRO A 32 23.70 -24.55 25.64
C PRO A 32 22.98 -24.44 26.98
N THR A 33 22.54 -23.23 27.31
CA THR A 33 21.83 -23.01 28.56
C THR A 33 20.34 -22.75 28.33
N PRO A 34 19.47 -23.62 28.87
CA PRO A 34 18.03 -23.45 28.70
C PRO A 34 17.59 -22.09 29.23
N ARG A 35 16.62 -21.47 28.57
CA ARG A 35 16.14 -20.16 28.99
C ARG A 35 17.31 -19.19 29.17
N SER A 36 18.13 -19.10 28.13
CA SER A 36 19.27 -18.19 28.15
C SER A 36 18.72 -16.77 28.04
N PRO A 37 19.52 -15.77 28.39
CA PRO A 37 19.07 -14.38 28.32
C PRO A 37 18.47 -14.01 26.95
N ALA A 38 19.10 -14.48 25.88
CA ALA A 38 18.63 -14.19 24.54
C ALA A 38 17.44 -15.05 24.15
N GLY A 39 17.51 -16.33 24.48
CA GLY A 39 16.42 -17.24 24.16
C GLY A 39 15.10 -16.81 24.78
N GLN A 40 15.16 -16.23 25.98
CA GLN A 40 13.95 -15.78 26.66
C GLN A 40 13.15 -14.71 25.90
N VAL A 41 13.83 -13.88 25.12
CA VAL A 41 13.16 -12.83 24.37
C VAL A 41 13.13 -13.09 22.86
N ALA A 42 13.62 -14.26 22.48
CA ALA A 42 13.63 -14.66 21.07
C ALA A 42 12.32 -15.40 20.80
N ASP A 43 12.17 -15.92 19.58
CA ASP A 43 10.96 -16.66 19.22
C ASP A 43 11.12 -18.13 19.56
N GLU A 44 12.34 -18.64 19.41
CA GLU A 44 12.67 -20.02 19.69
C GLU A 44 14.12 -20.12 20.12
N GLN A 45 14.44 -21.21 20.82
CA GLN A 45 15.81 -21.46 21.24
C GLN A 45 16.09 -22.93 21.02
N ILE A 46 17.30 -23.22 20.57
CA ILE A 46 17.73 -24.59 20.36
C ILE A 46 18.75 -24.80 21.47
N VAL A 47 18.43 -25.71 22.40
CA VAL A 47 19.33 -25.99 23.51
C VAL A 47 20.45 -26.87 23.00
N ALA A 48 21.63 -26.28 22.81
CA ALA A 48 22.77 -27.03 22.29
C ALA A 48 24.07 -26.25 22.38
N GLY A 49 25.17 -26.99 22.48
CA GLY A 49 26.49 -26.39 22.57
C GLY A 49 27.01 -25.79 21.28
N PHE A 50 27.98 -24.90 21.41
CA PHE A 50 28.58 -24.21 20.30
C PHE A 50 29.47 -25.09 19.43
N PHE A 51 29.50 -26.38 19.74
CA PHE A 51 30.30 -27.31 18.96
C PHE A 51 29.48 -28.53 18.59
N ASP A 52 28.16 -28.39 18.71
CA ASP A 52 27.24 -29.47 18.36
C ASP A 52 26.94 -29.34 16.87
N SER A 53 27.89 -29.81 16.06
CA SER A 53 27.80 -29.78 14.62
C SER A 53 26.38 -29.85 14.05
N GLU A 54 25.74 -31.00 14.20
CA GLU A 54 24.40 -31.19 13.68
C GLU A 54 23.35 -30.20 14.18
N ARG A 55 23.57 -29.60 15.35
CA ARG A 55 22.59 -28.66 15.88
C ARG A 55 22.72 -27.25 15.28
N ILE A 56 23.95 -26.78 15.10
CA ILE A 56 24.14 -25.45 14.52
C ILE A 56 23.75 -25.54 13.05
N GLU A 57 23.81 -26.77 12.53
CA GLU A 57 23.44 -27.05 11.16
C GLU A 57 21.94 -26.84 11.00
N ASP A 58 21.17 -27.29 11.99
CA ASP A 58 19.73 -27.10 11.95
C ASP A 58 19.44 -25.61 12.01
N LEU A 59 20.18 -24.90 12.84
CA LEU A 59 20.02 -23.46 13.01
C LEU A 59 20.24 -22.69 11.72
N VAL A 60 21.36 -22.97 11.05
CA VAL A 60 21.69 -22.28 9.80
C VAL A 60 20.69 -22.62 8.70
N LYS A 61 20.36 -23.91 8.55
CA LYS A 61 19.42 -24.33 7.51
C LYS A 61 18.00 -23.86 7.79
N GLY A 62 17.68 -23.57 9.05
CA GLY A 62 16.36 -23.11 9.40
C GLY A 62 16.27 -21.59 9.42
N SER A 63 17.35 -20.92 9.05
CA SER A 63 17.37 -19.46 9.05
C SER A 63 17.76 -18.91 7.69
N ASP A 64 17.39 -17.67 7.42
CA ASP A 64 17.74 -17.04 6.15
C ASP A 64 19.15 -16.48 6.30
N VAL A 65 19.44 -15.96 7.48
CA VAL A 65 20.74 -15.39 7.79
C VAL A 65 21.11 -15.80 9.20
N THR A 66 22.36 -16.21 9.37
CA THR A 66 22.84 -16.61 10.68
C THR A 66 24.06 -15.78 11.09
N THR A 67 24.13 -15.46 12.37
CA THR A 67 25.22 -14.69 12.93
C THR A 67 25.53 -15.24 14.32
N TYR A 68 26.46 -14.60 15.03
CA TYR A 68 26.84 -15.10 16.35
C TYR A 68 27.27 -13.99 17.32
N ASP A 69 27.25 -14.31 18.61
CA ASP A 69 27.63 -13.31 19.62
C ASP A 69 28.93 -13.67 20.34
N LEU A 70 29.62 -14.69 19.88
CA LEU A 70 30.89 -15.12 20.46
C LEU A 70 31.75 -15.79 19.39
N GLU A 71 33.03 -15.92 19.66
CA GLU A 71 33.94 -16.54 18.69
C GLU A 71 34.17 -18.02 18.88
N HIS A 72 34.15 -18.48 20.13
CA HIS A 72 34.36 -19.88 20.43
C HIS A 72 33.19 -20.72 19.94
N ILE A 73 33.12 -20.94 18.63
CA ILE A 73 32.05 -21.72 18.04
C ILE A 73 32.62 -22.64 16.98
N ASP A 74 31.82 -23.62 16.58
CA ASP A 74 32.26 -24.57 15.56
C ASP A 74 32.39 -23.81 14.25
N VAL A 75 33.52 -23.15 14.07
CA VAL A 75 33.75 -22.37 12.86
C VAL A 75 33.86 -23.23 11.61
N GLN A 76 34.43 -24.42 11.73
CA GLN A 76 34.60 -25.31 10.58
C GLN A 76 33.28 -25.80 10.00
N THR A 77 32.30 -26.12 10.84
CA THR A 77 31.02 -26.57 10.31
C THR A 77 30.35 -25.39 9.62
N LEU A 78 30.57 -24.18 10.14
CA LEU A 78 29.98 -23.00 9.54
C LEU A 78 30.58 -22.75 8.17
N LYS A 79 31.88 -22.99 8.04
CA LYS A 79 32.57 -22.80 6.78
C LYS A 79 31.95 -23.75 5.76
N LYS A 80 31.64 -24.95 6.21
CA LYS A 80 31.03 -25.96 5.35
C LYS A 80 29.72 -25.42 4.80
N LEU A 81 28.83 -25.00 5.71
CA LEU A 81 27.53 -24.46 5.35
C LEU A 81 27.66 -23.21 4.50
N TYR A 82 28.65 -22.39 4.82
CA TYR A 82 28.87 -21.16 4.07
C TYR A 82 29.24 -21.48 2.62
N ASN A 83 29.96 -22.58 2.43
CA ASN A 83 30.37 -22.98 1.09
C ASN A 83 29.22 -23.60 0.32
N GLU A 84 28.15 -23.95 1.03
CA GLU A 84 26.97 -24.53 0.38
C GLU A 84 25.99 -23.42 0.03
N GLY A 85 26.38 -22.17 0.27
CA GLY A 85 25.53 -21.05 -0.05
C GLY A 85 24.74 -20.43 1.09
N TYR A 86 24.76 -21.01 2.28
CA TYR A 86 24.03 -20.44 3.40
C TYR A 86 24.61 -19.12 3.85
N LYS A 87 23.74 -18.17 4.15
CA LYS A 87 24.17 -16.85 4.58
C LYS A 87 24.61 -16.81 6.04
N ILE A 88 25.93 -16.69 6.26
CA ILE A 88 26.49 -16.62 7.60
C ILE A 88 27.41 -15.41 7.70
N HIS A 89 27.03 -14.47 8.57
CA HIS A 89 27.77 -13.22 8.71
C HIS A 89 28.08 -12.85 10.15
N PRO A 90 29.34 -12.49 10.45
CA PRO A 90 30.44 -12.43 9.47
C PRO A 90 30.82 -13.82 8.97
N SER A 91 31.43 -13.85 7.80
CA SER A 91 31.85 -15.11 7.20
C SER A 91 32.73 -15.93 8.14
N PRO A 92 32.60 -17.27 8.07
CA PRO A 92 33.38 -18.17 8.90
C PRO A 92 34.86 -17.97 8.58
N TYR A 93 35.12 -17.56 7.34
CA TYR A 93 36.48 -17.29 6.87
C TYR A 93 37.06 -16.08 7.61
N THR A 94 36.23 -15.06 7.83
CA THR A 94 36.67 -13.87 8.54
C THR A 94 36.90 -14.29 9.99
N LEU A 95 35.94 -14.99 10.55
CA LEU A 95 36.05 -15.47 11.92
C LEU A 95 37.34 -16.30 12.06
N GLU A 96 37.63 -17.09 11.04
CA GLU A 96 38.82 -17.93 11.03
C GLU A 96 40.11 -17.09 11.07
N ILE A 97 40.13 -16.00 10.31
CA ILE A 97 41.28 -15.11 10.27
C ILE A 97 41.51 -14.41 11.61
N ILE A 98 40.43 -13.99 12.24
CA ILE A 98 40.51 -13.28 13.51
C ILE A 98 40.83 -14.18 14.72
N GLN A 99 40.31 -15.41 14.72
CA GLN A 99 40.54 -16.34 15.82
C GLN A 99 42.01 -16.63 16.16
N ASP A 100 42.88 -16.54 15.16
CA ASP A 100 44.29 -16.80 15.38
C ASP A 100 45.03 -15.48 15.21
N LYS A 101 45.60 -15.00 16.31
CA LYS A 101 46.31 -13.73 16.30
C LYS A 101 47.43 -13.63 15.28
N PHE A 102 48.11 -14.74 15.01
CA PHE A 102 49.20 -14.69 14.04
C PHE A 102 48.68 -14.54 12.62
N VAL A 103 47.74 -15.39 12.23
CA VAL A 103 47.17 -15.28 10.89
C VAL A 103 46.54 -13.89 10.75
N GLN A 104 45.94 -13.40 11.84
CA GLN A 104 45.34 -12.07 11.83
C GLN A 104 46.38 -11.01 11.51
N LYS A 105 47.53 -11.08 12.19
CA LYS A 105 48.63 -10.14 11.96
C LYS A 105 49.16 -10.27 10.53
N GLU A 106 49.28 -11.51 10.06
CA GLU A 106 49.76 -11.82 8.72
C GLU A 106 48.81 -11.17 7.70
N PHE A 107 47.51 -11.26 7.97
CA PHE A 107 46.51 -10.68 7.09
C PHE A 107 46.58 -9.17 7.02
N LEU A 108 46.64 -8.53 8.18
CA LEU A 108 46.72 -7.08 8.23
C LEU A 108 47.97 -6.61 7.51
N LYS A 109 49.09 -7.29 7.76
CA LYS A 109 50.36 -6.94 7.13
C LYS A 109 50.28 -7.08 5.62
N LYS A 110 49.56 -8.10 5.16
CA LYS A 110 49.41 -8.35 3.73
C LYS A 110 48.55 -7.27 3.06
N ASN A 111 47.76 -6.55 3.86
CA ASN A 111 46.92 -5.49 3.30
C ASN A 111 47.38 -4.07 3.62
N GLY A 112 48.60 -3.93 4.14
CA GLY A 112 49.12 -2.61 4.46
C GLY A 112 48.53 -1.92 5.67
N ILE A 113 47.81 -2.67 6.49
CA ILE A 113 47.19 -2.13 7.70
C ILE A 113 48.27 -1.99 8.76
N PRO A 114 48.48 -0.77 9.29
CA PRO A 114 49.51 -0.50 10.31
C PRO A 114 49.42 -1.44 11.53
N VAL A 115 50.52 -2.11 11.83
CA VAL A 115 50.56 -3.06 12.93
C VAL A 115 51.98 -3.19 13.49
N PRO A 116 52.13 -3.54 14.78
CA PRO A 116 53.46 -3.69 15.38
C PRO A 116 54.26 -4.79 14.68
N GLU A 117 55.59 -4.65 14.65
CA GLU A 117 56.45 -5.67 14.04
C GLU A 117 56.26 -6.96 14.84
N TYR A 118 56.08 -8.07 14.14
CA TYR A 118 55.87 -9.35 14.83
C TYR A 118 56.69 -10.47 14.19
N LYS A 119 56.64 -11.63 14.82
CA LYS A 119 57.39 -12.79 14.36
C LYS A 119 56.88 -14.07 15.04
N LEU A 120 56.72 -15.13 14.27
CA LEU A 120 56.23 -16.40 14.79
C LEU A 120 57.36 -17.09 15.56
N VAL A 121 57.05 -17.72 16.69
CA VAL A 121 58.09 -18.38 17.45
C VAL A 121 58.38 -19.79 16.94
N LYS A 122 59.64 -20.02 16.56
CA LYS A 122 60.09 -21.32 16.08
C LYS A 122 60.93 -21.84 17.24
N ASP A 123 61.84 -20.99 17.71
CA ASP A 123 62.71 -21.30 18.84
C ASP A 123 62.61 -20.10 19.77
N LEU A 124 61.77 -20.23 20.81
CA LEU A 124 61.54 -19.16 21.76
C LEU A 124 62.75 -18.32 22.13
N GLU A 125 63.74 -18.95 22.77
CA GLU A 125 64.93 -18.26 23.19
C GLU A 125 65.69 -17.55 22.08
N SER A 126 65.91 -18.24 20.96
CA SER A 126 66.63 -17.62 19.86
C SER A 126 65.84 -16.49 19.21
N ASP A 127 64.53 -16.68 19.05
CA ASP A 127 63.69 -15.65 18.43
C ASP A 127 63.61 -14.37 19.25
N VAL A 128 63.35 -14.48 20.54
CA VAL A 128 63.27 -13.29 21.39
C VAL A 128 64.58 -12.51 21.29
N ARG A 129 65.69 -13.24 21.27
CA ARG A 129 67.02 -12.65 21.19
C ARG A 129 67.16 -11.69 20.01
N GLU A 130 66.79 -12.15 18.82
CA GLU A 130 66.90 -11.30 17.64
C GLU A 130 65.88 -10.17 17.67
N PHE A 131 65.08 -10.14 18.74
CA PHE A 131 64.07 -9.12 18.92
C PHE A 131 64.55 -8.11 19.96
N GLY A 132 65.23 -8.62 20.99
CA GLY A 132 65.73 -7.75 22.04
C GLY A 132 64.73 -7.49 23.14
N PHE A 133 65.23 -7.34 24.35
CA PHE A 133 64.38 -7.09 25.51
C PHE A 133 64.05 -5.60 25.66
N PRO A 134 62.79 -5.29 26.03
CA PRO A 134 61.74 -6.26 26.30
C PRO A 134 60.98 -6.58 25.01
N VAL A 135 60.27 -7.71 25.02
CA VAL A 135 59.47 -8.11 23.87
C VAL A 135 58.16 -8.71 24.37
N VAL A 136 57.10 -8.57 23.58
CA VAL A 136 55.80 -9.08 23.97
C VAL A 136 55.45 -10.40 23.30
N GLN A 137 55.07 -11.37 24.12
CA GLN A 137 54.68 -12.69 23.63
C GLN A 137 53.16 -12.84 23.76
N LYS A 138 52.54 -13.40 22.72
CA LYS A 138 51.10 -13.58 22.71
C LYS A 138 50.72 -14.96 22.22
N ALA A 139 49.72 -15.56 22.86
CA ALA A 139 49.24 -16.86 22.44
C ALA A 139 48.57 -16.68 21.08
N ARG A 140 48.72 -17.66 20.20
CA ARG A 140 48.09 -17.56 18.87
C ARG A 140 46.58 -17.67 19.01
N LYS A 141 46.14 -18.61 19.83
CA LYS A 141 44.71 -18.82 20.04
C LYS A 141 44.29 -18.84 21.51
N GLY A 142 45.25 -18.88 22.42
CA GLY A 142 44.90 -18.90 23.83
C GLY A 142 45.92 -19.59 24.71
N GLY A 148 47.55 -15.08 28.46
CA GLY A 148 47.21 -14.38 27.23
C GLY A 148 48.36 -13.56 26.64
N VAL A 149 48.83 -12.58 27.41
CA VAL A 149 49.94 -11.74 26.97
C VAL A 149 51.04 -11.71 28.02
N PHE A 150 52.28 -11.90 27.58
CA PHE A 150 53.41 -11.90 28.49
C PHE A 150 54.54 -11.02 27.97
N ILE A 151 55.04 -10.15 28.83
CA ILE A 151 56.13 -9.27 28.45
C ILE A 151 57.45 -9.86 28.93
N ILE A 152 58.26 -10.33 27.98
CA ILE A 152 59.56 -10.92 28.31
C ILE A 152 60.58 -9.79 28.52
N LYS A 153 60.78 -9.42 29.77
CA LYS A 153 61.70 -8.35 30.12
C LYS A 153 63.19 -8.75 30.10
N ASN A 154 63.46 -10.03 30.29
CA ASN A 154 64.83 -10.55 30.28
C ASN A 154 64.85 -12.08 30.18
N GLU A 155 66.05 -12.66 30.28
CA GLU A 155 66.19 -14.12 30.21
C GLU A 155 65.33 -14.86 31.21
N LYS A 156 65.38 -14.42 32.48
CA LYS A 156 64.62 -15.04 33.54
C LYS A 156 63.16 -15.31 33.16
N ASP A 157 62.56 -14.39 32.40
CA ASP A 157 61.17 -14.54 32.01
C ASP A 157 60.93 -15.65 30.98
N LEU A 158 61.98 -16.11 30.32
CA LEU A 158 61.81 -17.17 29.34
C LEU A 158 61.33 -18.48 29.98
N GLU A 159 61.55 -18.61 31.29
CA GLU A 159 61.13 -19.81 32.03
C GLU A 159 59.64 -19.81 32.27
N ASN A 160 59.07 -18.63 32.47
CA ASN A 160 57.65 -18.47 32.72
C ASN A 160 56.92 -18.03 31.45
N ALA A 161 57.57 -18.23 30.30
CA ALA A 161 56.98 -17.86 29.03
C ALA A 161 55.73 -18.68 28.73
N ILE A 162 54.93 -18.19 27.80
CA ILE A 162 53.69 -18.86 27.43
C ILE A 162 54.01 -20.15 26.68
N LYS A 163 53.40 -21.25 27.12
CA LYS A 163 53.64 -22.54 26.48
C LYS A 163 52.73 -22.72 25.27
N GLY A 164 53.20 -23.49 24.29
CA GLY A 164 52.42 -23.75 23.10
C GLY A 164 52.84 -22.92 21.91
N GLU A 165 51.87 -22.61 21.05
CA GLU A 165 52.14 -21.82 19.87
C GLU A 165 51.82 -20.36 20.13
N THR A 166 52.85 -19.54 20.15
CA THR A 166 52.70 -18.13 20.39
C THR A 166 53.49 -17.41 19.32
N TYR A 167 53.40 -16.09 19.31
CA TYR A 167 54.17 -15.30 18.37
C TYR A 167 54.70 -14.13 19.18
N LEU A 168 55.65 -13.40 18.62
CA LEU A 168 56.24 -12.27 19.31
C LEU A 168 55.95 -10.97 18.56
N GLU A 169 55.94 -9.87 19.29
CA GLU A 169 55.76 -8.57 18.67
C GLU A 169 56.50 -7.53 19.49
N GLU A 170 56.95 -6.47 18.82
CA GLU A 170 57.69 -5.41 19.48
C GLU A 170 56.88 -4.72 20.56
N PHE A 171 57.57 -4.24 21.58
CA PHE A 171 56.90 -3.54 22.67
C PHE A 171 56.52 -2.14 22.20
N VAL A 172 55.25 -1.80 22.34
CA VAL A 172 54.74 -0.51 21.92
C VAL A 172 54.50 0.43 23.12
N GLU A 173 54.98 1.66 23.02
CA GLU A 173 54.78 2.63 24.09
C GLU A 173 53.43 3.29 23.82
N ILE A 174 52.40 2.73 24.44
CA ILE A 174 51.04 3.21 24.29
C ILE A 174 50.75 4.52 25.00
N GLU A 175 50.15 5.46 24.27
CA GLU A 175 49.79 6.76 24.82
C GLU A 175 48.32 6.65 25.24
N LYS A 176 47.51 6.10 24.33
CA LYS A 176 46.09 5.89 24.57
C LYS A 176 45.65 4.64 23.81
N GLU A 177 44.62 3.97 24.31
CA GLU A 177 44.11 2.78 23.64
C GLU A 177 42.75 3.17 23.10
N LEU A 178 42.58 3.00 21.80
CA LEU A 178 41.36 3.40 21.12
C LEU A 178 40.54 2.27 20.49
N ALA A 179 39.26 2.53 20.30
CA ALA A 179 38.35 1.55 19.69
C ALA A 179 37.36 2.26 18.78
N VAL A 180 36.97 1.58 17.70
CA VAL A 180 36.00 2.13 16.78
C VAL A 180 35.17 1.03 16.14
N MSE A 181 33.86 1.19 16.18
CA MSE A 181 32.95 0.22 15.58
C MSE A 181 32.77 0.62 14.12
O MSE A 181 32.62 1.80 13.81
CB MSE A 181 31.57 0.27 16.25
CG MSE A 181 31.56 0.08 17.77
SE MSE A 181 32.34 -1.57 18.35
CE MSE A 181 31.16 -2.81 17.46
N VAL A 182 32.79 -0.36 13.23
CA VAL A 182 32.58 -0.09 11.82
C VAL A 182 31.75 -1.24 11.22
N ALA A 183 30.64 -0.89 10.57
CA ALA A 183 29.77 -1.89 9.99
C ALA A 183 29.87 -1.84 8.47
N ARG A 184 29.67 -2.99 7.84
CA ARG A 184 29.72 -3.08 6.40
C ARG A 184 28.69 -4.08 5.87
N ASN A 185 28.08 -3.71 4.74
CA ASN A 185 27.08 -4.50 4.00
C ASN A 185 27.78 -5.41 3.02
N GLU A 186 27.02 -6.33 2.44
CA GLU A 186 27.59 -7.20 1.43
C GLU A 186 27.68 -6.34 0.16
N LYS A 187 26.81 -5.34 0.07
CA LYS A 187 26.79 -4.41 -1.06
C LYS A 187 28.03 -3.54 -1.04
N GLY A 188 28.69 -3.47 0.11
CA GLY A 188 29.89 -2.67 0.23
C GLY A 188 29.72 -1.36 0.97
N GLU A 189 28.49 -1.03 1.36
CA GLU A 189 28.28 0.22 2.10
C GLU A 189 28.96 0.12 3.46
N ILE A 190 29.68 1.17 3.86
CA ILE A 190 30.35 1.19 5.16
C ILE A 190 29.77 2.28 6.06
N ALA A 191 29.79 2.04 7.36
CA ALA A 191 29.28 2.97 8.36
C ALA A 191 30.30 3.00 9.49
N CYS A 192 30.94 4.14 9.70
CA CYS A 192 31.95 4.22 10.75
C CYS A 192 31.48 5.07 11.92
N TYR A 193 31.73 4.55 13.12
CA TYR A 193 31.34 5.23 14.35
C TYR A 193 32.46 6.11 14.87
N PRO A 194 32.17 6.93 15.88
CA PRO A 194 33.25 7.77 16.40
C PRO A 194 34.30 6.85 17.04
N VAL A 195 35.52 7.34 17.18
CA VAL A 195 36.55 6.54 17.81
C VAL A 195 36.37 6.82 19.30
N VAL A 196 36.51 5.79 20.13
CA VAL A 196 36.37 5.97 21.57
C VAL A 196 37.65 5.70 22.32
N GLU A 197 37.72 6.19 23.55
CA GLU A 197 38.89 6.06 24.39
C GLU A 197 38.67 5.09 25.56
N MSE A 198 39.63 4.18 25.73
CA MSE A 198 39.57 3.24 26.84
C MSE A 198 40.20 3.96 28.02
O MSE A 198 41.35 4.39 27.94
CB MSE A 198 40.39 1.98 26.53
CG MSE A 198 39.98 1.24 25.27
SE MSE A 198 38.11 0.82 25.23
CE MSE A 198 38.12 -0.76 26.33
N TYR A 199 39.45 4.10 29.11
CA TYR A 199 39.96 4.78 30.29
C TYR A 199 40.37 3.73 31.33
N ASP A 208 37.91 -0.84 33.08
CA ASP A 208 37.26 -0.81 31.78
C ASP A 208 36.09 0.20 31.80
N THR A 209 36.34 1.35 31.16
CA THR A 209 35.39 2.43 31.04
C THR A 209 35.68 3.13 29.71
N VAL A 210 34.65 3.32 28.89
CA VAL A 210 34.81 3.94 27.58
C VAL A 210 34.42 5.42 27.56
N ILE A 211 35.21 6.21 26.83
CA ILE A 211 34.96 7.64 26.71
C ILE A 211 34.64 7.95 25.25
N ALA A 212 33.47 8.51 25.00
CA ALA A 212 33.06 8.83 23.64
C ALA A 212 32.72 10.31 23.53
N PRO A 213 33.41 11.05 22.64
CA PRO A 213 34.47 10.56 21.75
C PRO A 213 35.83 10.63 22.46
N ALA A 214 36.79 9.85 21.96
CA ALA A 214 38.12 9.82 22.55
C ALA A 214 38.67 11.25 22.65
N ARG A 215 39.39 11.53 23.72
CA ARG A 215 39.96 12.86 23.90
C ARG A 215 41.33 12.87 23.23
N ILE A 216 41.30 12.96 21.90
CA ILE A 216 42.53 12.99 21.10
C ILE A 216 42.41 14.04 20.01
N GLU A 217 43.56 14.51 19.54
CA GLU A 217 43.55 15.51 18.48
C GLU A 217 42.79 14.96 17.27
N GLU A 218 41.96 15.80 16.67
CA GLU A 218 41.17 15.39 15.51
C GLU A 218 42.02 14.67 14.44
N LYS A 219 43.29 15.01 14.31
CA LYS A 219 44.12 14.37 13.30
C LYS A 219 44.19 12.87 13.59
N TYR A 220 44.28 12.50 14.86
CA TYR A 220 44.36 11.10 15.21
C TYR A 220 43.03 10.38 15.00
N SER A 221 41.92 11.05 15.35
CA SER A 221 40.59 10.50 15.18
C SER A 221 40.32 10.16 13.70
N LYS A 222 40.72 11.08 12.83
CA LYS A 222 40.53 10.89 11.40
C LYS A 222 41.27 9.66 10.89
N ILE A 223 42.52 9.51 11.31
CA ILE A 223 43.34 8.36 10.89
C ILE A 223 42.83 7.05 11.50
N ALA A 224 42.38 7.11 12.75
CA ALA A 224 41.86 5.91 13.44
C ALA A 224 40.62 5.35 12.72
N ARG A 225 39.76 6.25 12.25
CA ARG A 225 38.54 5.86 11.54
C ARG A 225 38.91 5.34 10.17
N GLU A 226 40.01 5.86 9.61
CA GLU A 226 40.48 5.43 8.30
C GLU A 226 41.10 4.03 8.42
N ILE A 227 41.93 3.82 9.44
CA ILE A 227 42.56 2.52 9.64
C ILE A 227 41.49 1.45 9.85
N ALA A 228 40.55 1.74 10.74
CA ALA A 228 39.48 0.80 11.06
C ALA A 228 38.65 0.45 9.84
N THR A 229 38.28 1.46 9.07
CA THR A 229 37.50 1.24 7.87
C THR A 229 38.25 0.34 6.88
N SER A 230 39.55 0.60 6.72
CA SER A 230 40.35 -0.20 5.81
C SER A 230 40.43 -1.67 6.25
N VAL A 231 40.28 -1.92 7.55
CA VAL A 231 40.33 -3.29 8.07
C VAL A 231 39.11 -4.07 7.59
N VAL A 232 37.93 -3.52 7.82
CA VAL A 232 36.71 -4.19 7.42
C VAL A 232 36.61 -4.25 5.89
N GLU A 233 37.22 -3.29 5.21
CA GLU A 233 37.20 -3.28 3.75
C GLU A 233 38.07 -4.41 3.21
N ALA A 234 39.24 -4.61 3.83
CA ALA A 234 40.14 -5.66 3.39
C ALA A 234 39.48 -7.02 3.64
N LEU A 235 38.81 -7.13 4.78
CA LEU A 235 38.12 -8.37 5.12
C LEU A 235 36.88 -8.55 4.25
N GLU A 236 36.40 -7.46 3.66
CA GLU A 236 35.16 -7.52 2.87
C GLU A 236 34.13 -8.00 3.88
N GLY A 237 34.28 -7.51 5.10
CA GLY A 237 33.40 -7.91 6.18
C GLY A 237 31.95 -7.54 6.00
N VAL A 238 31.10 -8.35 6.60
CA VAL A 238 29.65 -8.16 6.58
C VAL A 238 29.20 -8.24 8.03
N GLY A 239 28.77 -7.11 8.57
CA GLY A 239 28.32 -7.03 9.95
C GLY A 239 29.05 -5.86 10.58
N ILE A 240 28.98 -5.73 11.90
CA ILE A 240 29.69 -4.63 12.55
C ILE A 240 30.91 -5.19 13.26
N PHE A 241 32.01 -4.45 13.22
CA PHE A 241 33.26 -4.91 13.82
C PHE A 241 33.85 -3.94 14.84
N GLY A 242 34.50 -4.52 15.85
CA GLY A 242 35.14 -3.74 16.88
C GLY A 242 36.64 -3.74 16.55
N ILE A 243 37.18 -2.57 16.20
CA ILE A 243 38.59 -2.45 15.86
C ILE A 243 39.34 -1.75 16.98
N GLU A 244 40.20 -2.49 17.67
CA GLU A 244 40.98 -1.93 18.78
C GLU A 244 42.34 -1.48 18.29
N MSE A 245 42.72 -0.25 18.61
CA MSE A 245 43.99 0.30 18.16
C MSE A 245 44.79 0.96 19.27
O MSE A 245 44.26 1.28 20.33
CB MSE A 245 43.73 1.32 17.04
CG MSE A 245 43.01 0.77 15.82
SE MSE A 245 42.31 2.17 14.67
CE MSE A 245 40.72 2.57 15.69
N PHE A 246 46.08 1.17 18.99
CA PHE A 246 46.98 1.83 19.93
C PHE A 246 47.44 3.15 19.34
N LEU A 247 47.45 4.20 20.15
CA LEU A 247 47.95 5.49 19.74
C LEU A 247 49.27 5.53 20.50
N THR A 248 50.38 5.35 19.80
CA THR A 248 51.69 5.34 20.46
C THR A 248 52.14 6.71 20.91
N LYS A 249 53.19 6.71 21.74
CA LYS A 249 53.77 7.93 22.27
C LYS A 249 54.40 8.71 21.13
N GLN A 250 54.76 8.01 20.07
CA GLN A 250 55.38 8.64 18.91
C GLN A 250 54.40 8.98 17.78
N GLY A 251 53.12 9.13 18.12
CA GLY A 251 52.11 9.50 17.14
C GLY A 251 51.64 8.52 16.08
N GLU A 252 51.85 7.22 16.28
CA GLU A 252 51.42 6.24 15.30
C GLU A 252 50.16 5.53 15.78
N ILE A 253 49.30 5.14 14.85
CA ILE A 253 48.09 4.41 15.21
C ILE A 253 48.20 3.00 14.63
N LEU A 254 48.28 2.01 15.51
CA LEU A 254 48.41 0.61 15.13
C LEU A 254 47.19 -0.20 15.55
N VAL A 255 46.78 -1.15 14.72
CA VAL A 255 45.64 -1.98 15.11
C VAL A 255 46.12 -3.22 15.85
N ASN A 256 45.57 -3.41 17.04
CA ASN A 256 45.92 -4.52 17.91
C ASN A 256 44.98 -5.71 17.86
N GLU A 257 43.67 -5.44 17.79
CA GLU A 257 42.70 -6.52 17.79
C GLU A 257 41.45 -6.23 16.97
N ILE A 258 40.81 -7.29 16.51
CA ILE A 258 39.58 -7.19 15.73
C ILE A 258 38.51 -8.08 16.35
N ALA A 259 37.33 -7.53 16.62
CA ALA A 259 36.23 -8.29 17.18
C ALA A 259 35.13 -8.34 16.11
N PRO A 260 34.82 -9.53 15.57
CA PRO A 260 33.79 -9.73 14.54
C PRO A 260 32.39 -9.78 15.10
N ARG A 261 32.00 -8.74 15.83
CA ARG A 261 30.68 -8.72 16.43
C ARG A 261 30.51 -7.43 17.22
N PRO A 262 29.29 -7.17 17.72
CA PRO A 262 29.03 -5.97 18.52
C PRO A 262 29.97 -6.12 19.71
N HIS A 263 30.59 -5.02 20.13
CA HIS A 263 31.57 -5.08 21.21
C HIS A 263 31.23 -4.20 22.41
N ASN A 264 31.68 -4.61 23.59
CA ASN A 264 31.42 -3.86 24.80
C ASN A 264 31.85 -2.40 24.69
N SER A 265 32.93 -2.13 23.95
CA SER A 265 33.38 -0.75 23.82
C SER A 265 32.42 0.06 22.95
N GLY A 266 31.37 -0.60 22.44
CA GLY A 266 30.40 0.10 21.59
C GLY A 266 29.03 0.30 22.23
N HIS A 267 28.87 -0.05 23.50
CA HIS A 267 27.58 0.13 24.15
C HIS A 267 27.16 1.60 24.21
N TYR A 268 28.13 2.49 24.17
CA TYR A 268 27.84 3.91 24.23
C TYR A 268 26.89 4.31 23.12
N THR A 269 27.02 3.66 21.96
CA THR A 269 26.19 3.97 20.80
C THR A 269 24.68 3.92 21.11
N ILE A 270 24.30 3.05 22.05
CA ILE A 270 22.89 2.88 22.42
C ILE A 270 22.30 4.15 23.00
N GLU A 271 23.13 4.88 23.74
CA GLU A 271 22.69 6.11 24.38
C GLU A 271 23.09 7.41 23.69
N ALA A 272 24.18 7.39 22.92
CA ALA A 272 24.67 8.62 22.30
C ALA A 272 24.72 8.74 20.79
N CYS A 273 24.30 7.70 20.08
CA CYS A 273 24.33 7.74 18.63
C CYS A 273 22.94 7.49 18.07
N VAL A 274 22.73 7.94 16.83
CA VAL A 274 21.44 7.78 16.19
C VAL A 274 21.06 6.29 16.14
N THR A 275 21.92 5.46 15.56
CA THR A 275 21.64 4.03 15.49
C THR A 275 22.66 3.21 16.28
N SER A 276 22.14 2.38 17.18
CA SER A 276 23.00 1.55 18.02
C SER A 276 23.74 0.48 17.23
N GLN A 277 24.85 0.01 17.80
CA GLN A 277 25.68 -1.01 17.17
C GLN A 277 24.90 -2.29 16.89
N PHE A 278 23.87 -2.54 17.71
CA PHE A 278 23.05 -3.75 17.57
C PHE A 278 22.07 -3.63 16.42
N GLU A 279 21.47 -2.47 16.24
CA GLU A 279 20.56 -2.28 15.11
C GLU A 279 21.44 -2.31 13.85
N GLN A 280 22.58 -1.64 13.94
CA GLN A 280 23.51 -1.54 12.82
C GLN A 280 23.94 -2.93 12.34
N HIS A 281 24.22 -3.81 13.30
CA HIS A 281 24.63 -5.17 13.00
C HIS A 281 23.55 -5.91 12.22
N ILE A 282 22.30 -5.73 12.63
CA ILE A 282 21.18 -6.38 11.94
C ILE A 282 21.08 -5.84 10.53
N ARG A 283 21.16 -4.52 10.38
CA ARG A 283 21.10 -3.91 9.07
C ARG A 283 22.17 -4.49 8.15
N ALA A 284 23.40 -4.60 8.66
CA ALA A 284 24.51 -5.10 7.87
C ALA A 284 24.38 -6.56 7.44
N ILE A 285 24.01 -7.44 8.36
CA ILE A 285 23.90 -8.85 7.99
C ILE A 285 22.70 -9.13 7.11
N MSE A 286 21.73 -8.21 7.09
CA MSE A 286 20.55 -8.38 6.26
C MSE A 286 20.71 -7.59 4.95
O MSE A 286 19.77 -7.44 4.18
CB MSE A 286 19.27 -7.90 6.98
CG MSE A 286 18.92 -8.67 8.25
SE MSE A 286 18.94 -10.58 8.00
CE MSE A 286 17.56 -10.73 6.70
N ASN A 287 21.93 -7.08 4.73
CA ASN A 287 22.25 -6.31 3.53
C ASN A 287 21.22 -5.22 3.25
N LEU A 288 20.90 -4.47 4.30
CA LEU A 288 19.96 -3.36 4.23
C LEU A 288 20.77 -2.08 4.37
N PRO A 289 20.19 -0.92 3.98
CA PRO A 289 20.92 0.34 4.10
C PRO A 289 21.32 0.57 5.56
N LEU A 290 22.59 0.96 5.76
CA LEU A 290 23.09 1.19 7.11
C LEU A 290 22.57 2.48 7.71
N GLY A 291 22.46 2.52 9.05
CA GLY A 291 21.98 3.70 9.72
C GLY A 291 23.04 4.70 10.13
N SER A 292 22.62 5.95 10.28
CA SER A 292 23.52 7.03 10.68
C SER A 292 24.30 6.75 11.96
N THR A 293 25.58 7.10 11.99
CA THR A 293 26.38 6.89 13.18
C THR A 293 26.65 8.20 13.92
N GLU A 294 25.85 9.22 13.64
CA GLU A 294 26.03 10.54 14.26
C GLU A 294 26.03 10.48 15.78
N LEU A 295 26.98 11.17 16.40
CA LEU A 295 27.07 11.21 17.86
C LEU A 295 26.24 12.40 18.31
N LEU A 296 25.16 12.12 19.03
CA LEU A 296 24.25 13.16 19.49
C LEU A 296 24.77 13.90 20.72
N ILE A 297 25.54 13.20 21.55
CA ILE A 297 26.06 13.80 22.77
C ILE A 297 27.17 12.92 23.32
N PRO A 298 28.23 13.53 23.88
CA PRO A 298 29.36 12.80 24.47
C PRO A 298 28.88 11.81 25.53
N ALA A 299 29.62 10.74 25.75
CA ALA A 299 29.21 9.75 26.72
C ALA A 299 30.36 8.96 27.34
N VAL A 300 30.12 8.51 28.57
CA VAL A 300 31.09 7.70 29.29
C VAL A 300 30.34 6.48 29.78
N MSE A 301 30.81 5.29 29.39
CA MSE A 301 30.17 4.05 29.80
C MSE A 301 31.09 3.32 30.77
O MSE A 301 32.31 3.27 30.56
CB MSE A 301 29.91 3.14 28.61
CG MSE A 301 29.25 1.82 28.99
SE MSE A 301 30.13 0.28 28.21
CE MSE A 301 31.62 0.11 29.42
N VAL A 302 30.50 2.78 31.83
CA VAL A 302 31.24 2.05 32.85
C VAL A 302 30.59 0.70 33.09
N ASN A 303 31.40 -0.35 33.13
CA ASN A 303 30.89 -1.70 33.35
C ASN A 303 30.58 -1.93 34.82
N LEU A 304 29.49 -2.64 35.07
CA LEU A 304 29.11 -2.98 36.43
C LEU A 304 29.47 -4.44 36.58
N LEU A 305 30.37 -4.74 37.50
CA LEU A 305 30.79 -6.11 37.75
C LEU A 305 30.39 -6.48 39.17
N GLY A 306 30.16 -7.77 39.40
CA GLY A 306 29.79 -8.19 40.74
C GLY A 306 30.93 -7.88 41.69
N GLU A 307 30.61 -7.31 42.84
CA GLU A 307 31.61 -6.97 43.84
C GLU A 307 32.19 -8.25 44.46
N GLU A 308 33.41 -8.14 44.96
CA GLU A 308 34.07 -9.27 45.59
C GLU A 308 33.31 -9.75 46.83
N GLY A 309 33.36 -11.04 47.10
CA GLY A 309 32.70 -11.59 48.27
C GLY A 309 31.19 -11.67 48.23
N TYR A 310 30.61 -11.57 47.04
CA TYR A 310 29.16 -11.65 46.90
C TYR A 310 28.81 -12.69 45.85
N TYR A 311 27.92 -13.59 46.21
CA TYR A 311 27.46 -14.67 45.32
C TYR A 311 25.96 -14.85 45.50
N GLY A 312 25.29 -15.39 44.48
CA GLY A 312 23.85 -15.60 44.58
C GLY A 312 22.99 -14.62 43.81
N LYS A 313 21.80 -14.34 44.35
CA LYS A 313 20.85 -13.40 43.72
C LYS A 313 21.38 -11.97 43.72
N PRO A 314 21.47 -11.36 42.54
CA PRO A 314 21.96 -9.99 42.36
C PRO A 314 21.14 -8.98 43.16
N ALA A 315 21.80 -7.94 43.62
CA ALA A 315 21.17 -6.87 44.39
C ALA A 315 21.97 -5.59 44.14
N LEU A 316 21.28 -4.49 43.89
CA LEU A 316 21.94 -3.22 43.62
C LEU A 316 21.99 -2.26 44.80
N ILE A 317 23.08 -1.50 44.88
CA ILE A 317 23.23 -0.51 45.91
C ILE A 317 23.68 0.79 45.26
N GLY A 318 23.15 1.91 45.75
CA GLY A 318 23.50 3.21 45.21
C GLY A 318 22.61 3.70 44.07
N LEU A 319 21.55 2.95 43.76
CA LEU A 319 20.68 3.35 42.66
C LEU A 319 20.14 4.78 42.78
N GLU A 320 19.53 5.09 43.92
CA GLU A 320 18.96 6.43 44.11
C GLU A 320 20.00 7.54 44.03
N GLU A 321 21.13 7.34 44.70
CA GLU A 321 22.19 8.32 44.72
C GLU A 321 22.75 8.45 43.31
N ALA A 322 22.84 7.33 42.60
CA ALA A 322 23.36 7.31 41.25
C ALA A 322 22.41 7.98 40.25
N LEU A 323 21.13 7.62 40.32
CA LEU A 323 20.15 8.21 39.40
C LEU A 323 19.95 9.69 39.66
N ALA A 324 20.47 10.18 40.78
CA ALA A 324 20.34 11.59 41.12
C ALA A 324 21.28 12.40 40.24
N ILE A 325 22.20 11.70 39.59
CA ILE A 325 23.16 12.35 38.71
C ILE A 325 22.55 12.47 37.30
N GLU A 326 22.35 13.71 36.85
CA GLU A 326 21.76 13.97 35.54
C GLU A 326 22.57 13.37 34.40
N GLY A 327 21.88 12.67 33.51
CA GLY A 327 22.54 12.05 32.38
C GLY A 327 22.93 10.60 32.63
N LEU A 328 22.83 10.17 33.89
CA LEU A 328 23.18 8.79 34.26
C LEU A 328 21.99 7.87 33.99
N SER A 329 22.22 6.78 33.26
CA SER A 329 21.17 5.81 33.00
C SER A 329 21.78 4.44 33.28
N LEU A 330 20.94 3.49 33.70
CA LEU A 330 21.43 2.17 34.05
C LEU A 330 20.96 1.05 33.12
N HIS A 331 21.87 0.13 32.82
CA HIS A 331 21.56 -1.00 31.96
C HIS A 331 22.01 -2.29 32.67
N PHE A 332 21.16 -2.79 33.56
CA PHE A 332 21.45 -4.00 34.33
C PHE A 332 20.97 -5.22 33.53
N TYR A 333 21.89 -6.14 33.23
CA TYR A 333 21.52 -7.34 32.48
C TYR A 333 20.88 -8.27 33.50
N GLY A 334 19.83 -8.98 33.09
CA GLY A 334 19.16 -9.87 34.02
C GLY A 334 19.82 -11.22 34.24
N LYS A 335 21.02 -11.22 34.82
CA LYS A 335 21.69 -12.49 35.08
C LYS A 335 21.17 -13.11 36.35
N LYS A 336 20.87 -14.40 36.29
CA LYS A 336 20.31 -15.13 37.41
C LYS A 336 21.23 -15.40 38.59
N GLU A 337 22.40 -14.75 38.60
CA GLU A 337 23.34 -14.91 39.71
C GLU A 337 24.59 -14.04 39.56
N THR A 338 24.96 -13.35 40.64
CA THR A 338 26.15 -12.52 40.59
C THR A 338 27.37 -13.30 41.08
N ARG A 339 28.53 -12.87 40.62
CA ARG A 339 29.81 -13.50 40.96
C ARG A 339 30.92 -12.46 40.77
N PRO A 340 31.87 -12.39 41.72
CA PRO A 340 32.96 -11.43 41.61
C PRO A 340 33.51 -11.26 40.19
N TYR A 341 33.67 -10.00 39.78
CA TYR A 341 34.24 -9.66 38.47
C TYR A 341 33.36 -9.94 37.26
N ARG A 342 32.32 -10.73 37.44
CA ARG A 342 31.42 -11.03 36.32
C ARG A 342 30.72 -9.77 35.84
N LYS A 343 30.50 -9.66 34.53
CA LYS A 343 29.82 -8.50 33.97
C LYS A 343 28.31 -8.62 34.21
N MSE A 344 27.78 -7.78 35.10
CA MSE A 344 26.36 -7.79 35.44
C MSE A 344 25.61 -6.69 34.69
O MSE A 344 24.38 -6.67 34.68
CB MSE A 344 26.19 -7.59 36.94
CG MSE A 344 26.83 -8.69 37.78
SE MSE A 344 26.14 -10.43 37.30
CE MSE A 344 24.52 -10.40 38.36
N GLY A 345 26.34 -5.78 34.06
CA GLY A 345 25.68 -4.71 33.33
C GLY A 345 26.61 -3.52 33.15
N HIS A 346 26.04 -2.39 32.77
CA HIS A 346 26.80 -1.17 32.61
C HIS A 346 25.90 0.01 32.83
N PHE A 347 26.48 1.18 33.05
CA PHE A 347 25.72 2.40 33.21
C PHE A 347 26.42 3.42 32.34
N THR A 348 25.67 4.41 31.88
CA THR A 348 26.22 5.44 31.01
C THR A 348 25.87 6.83 31.50
N VAL A 349 26.78 7.76 31.26
CA VAL A 349 26.55 9.13 31.68
C VAL A 349 26.74 10.02 30.47
N VAL A 350 25.63 10.55 29.96
CA VAL A 350 25.70 11.43 28.80
C VAL A 350 25.71 12.88 29.26
N ASP A 351 26.56 13.68 28.63
CA ASP A 351 26.70 15.08 28.95
C ASP A 351 27.35 15.82 27.78
N ARG A 352 26.93 17.05 27.56
CA ARG A 352 27.45 17.87 26.48
C ARG A 352 28.96 18.04 26.63
N ASP A 353 29.42 18.03 27.87
CA ASP A 353 30.85 18.17 28.18
C ASP A 353 31.45 16.81 28.61
N VAL A 354 32.25 16.22 27.75
CA VAL A 354 32.85 14.92 28.02
C VAL A 354 33.58 14.83 29.35
N GLU A 355 34.20 15.92 29.78
CA GLU A 355 34.90 15.89 31.06
C GLU A 355 33.93 15.84 32.24
N ARG A 356 32.74 16.41 32.07
CA ARG A 356 31.75 16.36 33.13
C ARG A 356 31.16 14.96 33.11
N ALA A 357 31.06 14.38 31.93
CA ALA A 357 30.52 13.04 31.82
C ALA A 357 31.44 12.10 32.58
N LEU A 358 32.74 12.21 32.32
CA LEU A 358 33.74 11.37 32.98
C LEU A 358 33.75 11.60 34.49
N GLU A 359 33.60 12.86 34.89
CA GLU A 359 33.59 13.20 36.31
C GLU A 359 32.41 12.52 37.00
N LYS A 360 31.23 12.66 36.40
CA LYS A 360 30.03 12.07 36.95
C LYS A 360 30.15 10.56 36.98
N ALA A 361 30.63 9.98 35.88
CA ALA A 361 30.77 8.54 35.78
C ALA A 361 31.68 7.94 36.84
N LEU A 362 32.84 8.55 37.04
CA LEU A 362 33.80 8.04 38.04
C LEU A 362 33.24 8.21 39.45
N ARG A 363 32.46 9.25 39.64
CA ARG A 363 31.86 9.52 40.94
C ARG A 363 30.79 8.47 41.24
N ALA A 364 30.06 8.07 40.20
CA ALA A 364 29.01 7.07 40.34
C ALA A 364 29.59 5.64 40.35
N LYS A 365 30.77 5.48 39.78
CA LYS A 365 31.42 4.18 39.72
C LYS A 365 31.67 3.63 41.13
N LYS A 366 31.69 4.52 42.12
CA LYS A 366 31.92 4.15 43.51
C LYS A 366 30.60 3.97 44.26
N ILE A 367 29.52 4.47 43.68
CA ILE A 367 28.19 4.41 44.29
C ILE A 367 27.37 3.19 43.85
N LEU A 368 27.32 2.94 42.54
CA LEU A 368 26.57 1.82 42.01
C LEU A 368 27.36 0.54 42.21
N LYS A 369 26.72 -0.47 42.81
CA LYS A 369 27.40 -1.73 43.05
C LYS A 369 26.47 -2.93 43.02
N VAL A 370 26.90 -3.99 42.33
CA VAL A 370 26.12 -5.21 42.24
C VAL A 370 26.59 -6.10 43.38
N VAL A 371 25.65 -6.41 44.27
CA VAL A 371 25.91 -7.23 45.44
C VAL A 371 24.97 -8.43 45.44
N SER A 372 24.99 -9.20 46.51
CA SER A 372 24.12 -10.36 46.63
C SER A 372 22.96 -10.04 47.54
N GLU A 373 21.83 -10.71 47.30
CA GLU A 373 20.64 -10.51 48.09
C GLU A 373 20.77 -11.41 49.34
N MSE B 1 15.30 -7.67 45.11
CA MSE B 1 14.84 -7.02 43.85
C MSE B 1 13.35 -6.73 43.92
O MSE B 1 12.52 -7.64 43.91
CB MSE B 1 15.14 -7.94 42.66
CG MSE B 1 14.51 -7.50 41.35
SE MSE B 1 15.18 -8.47 39.80
CE MSE B 1 14.55 -10.24 40.25
N LYS B 2 13.01 -5.45 44.02
CA LYS B 2 11.61 -5.04 44.10
C LYS B 2 10.80 -5.51 42.89
N LYS B 3 9.54 -5.85 43.13
CA LYS B 3 8.64 -6.33 42.09
C LYS B 3 7.65 -5.26 41.62
N ILE B 4 7.53 -5.10 40.31
CA ILE B 4 6.60 -4.15 39.72
C ILE B 4 5.51 -4.95 39.01
N GLY B 5 4.26 -4.68 39.37
CA GLY B 5 3.15 -5.38 38.74
C GLY B 5 2.55 -4.56 37.61
N ILE B 6 2.36 -5.18 36.45
CA ILE B 6 1.80 -4.46 35.30
C ILE B 6 0.50 -5.09 34.76
N ILE B 7 -0.60 -4.37 34.89
CA ILE B 7 -1.88 -4.86 34.39
C ILE B 7 -2.03 -4.41 32.94
N GLY B 8 -2.08 -5.37 32.02
CA GLY B 8 -2.16 -5.06 30.60
C GLY B 8 -0.84 -5.46 29.98
N GLY B 9 -0.84 -6.55 29.22
CA GLY B 9 0.39 -7.02 28.61
C GLY B 9 0.57 -6.72 27.15
N GLY B 10 -0.03 -5.62 26.70
CA GLY B 10 0.08 -5.24 25.29
C GLY B 10 1.43 -4.63 25.00
N GLN B 11 1.53 -3.86 23.93
CA GLN B 11 2.79 -3.25 23.52
C GLN B 11 3.31 -2.22 24.53
N LEU B 12 2.44 -1.34 24.99
CA LEU B 12 2.85 -0.33 25.97
C LEU B 12 3.40 -0.99 27.22
N GLY B 13 2.80 -2.12 27.61
CA GLY B 13 3.24 -2.83 28.80
C GLY B 13 4.56 -3.54 28.61
N LYS B 14 4.77 -4.07 27.42
CA LYS B 14 6.00 -4.78 27.09
C LYS B 14 7.17 -3.80 27.18
N MSE B 15 7.02 -2.66 26.51
CA MSE B 15 8.06 -1.63 26.51
C MSE B 15 8.36 -1.25 27.96
O MSE B 15 9.51 -0.97 28.31
CB MSE B 15 7.58 -0.42 25.70
CG MSE B 15 7.31 -0.75 24.23
SE MSE B 15 6.52 0.65 23.09
CE MSE B 15 8.17 1.49 22.51
N MSE B 16 7.33 -1.25 28.79
CA MSE B 16 7.46 -0.92 30.21
C MSE B 16 8.29 -1.94 30.99
O MSE B 16 9.22 -1.58 31.72
CB MSE B 16 6.08 -0.82 30.87
CG MSE B 16 5.29 0.43 30.58
SE MSE B 16 3.59 0.43 31.52
CE MSE B 16 4.25 0.18 33.29
N THR B 17 7.93 -3.22 30.86
CA THR B 17 8.64 -4.27 31.56
C THR B 17 10.10 -4.34 31.11
N LEU B 18 10.33 -4.05 29.83
CA LEU B 18 11.67 -4.06 29.27
C LEU B 18 12.57 -3.02 29.95
N GLU B 19 12.04 -1.81 30.15
CA GLU B 19 12.81 -0.75 30.80
C GLU B 19 12.94 -1.04 32.29
N ALA B 20 11.89 -1.60 32.88
CA ALA B 20 11.89 -1.94 34.29
C ALA B 20 12.97 -2.98 34.62
N LYS B 21 13.04 -4.05 33.82
CA LYS B 21 14.02 -5.09 34.08
C LYS B 21 15.41 -4.54 33.81
N LYS B 22 15.49 -3.61 32.86
CA LYS B 22 16.76 -2.99 32.50
C LYS B 22 17.28 -2.21 33.71
N MSE B 23 16.37 -1.79 34.59
CA MSE B 23 16.75 -1.03 35.76
C MSE B 23 16.90 -1.96 36.96
O MSE B 23 17.09 -1.52 38.09
CB MSE B 23 15.70 0.05 36.05
CG MSE B 23 16.23 1.26 36.79
SE MSE B 23 14.93 2.71 36.86
CE MSE B 23 14.71 2.94 34.98
N GLY B 24 16.81 -3.26 36.68
CA GLY B 24 16.96 -4.26 37.71
C GLY B 24 15.72 -4.64 38.51
N PHE B 25 14.53 -4.46 37.96
CA PHE B 25 13.32 -4.81 38.69
C PHE B 25 12.70 -6.11 38.17
N TYR B 26 11.93 -6.76 39.04
CA TYR B 26 11.23 -8.01 38.70
C TYR B 26 9.83 -7.57 38.24
N VAL B 27 9.32 -8.14 37.16
CA VAL B 27 8.01 -7.72 36.65
C VAL B 27 6.97 -8.83 36.45
N ILE B 28 5.76 -8.60 36.95
CA ILE B 28 4.67 -9.55 36.81
C ILE B 28 3.56 -8.90 35.97
N VAL B 29 3.27 -9.51 34.83
CA VAL B 29 2.25 -8.99 33.93
C VAL B 29 0.93 -9.71 34.14
N LEU B 30 -0.16 -8.95 34.21
CA LEU B 30 -1.49 -9.53 34.35
C LEU B 30 -2.22 -9.24 33.04
N ASP B 31 -2.44 -10.29 32.26
CA ASP B 31 -3.13 -10.16 30.98
C ASP B 31 -3.92 -11.45 30.71
N PRO B 32 -5.11 -11.33 30.12
CA PRO B 32 -5.96 -12.49 29.82
C PRO B 32 -5.35 -13.40 28.75
N THR B 33 -4.55 -12.82 27.87
CA THR B 33 -3.93 -13.59 26.79
C THR B 33 -2.64 -14.29 27.22
N PRO B 34 -2.65 -15.63 27.25
CA PRO B 34 -1.45 -16.38 27.65
C PRO B 34 -0.28 -15.98 26.76
N ARG B 35 0.88 -15.80 27.36
CA ARG B 35 2.08 -15.40 26.63
C ARG B 35 1.83 -14.10 25.89
N SER B 36 1.29 -13.12 26.60
CA SER B 36 1.01 -11.80 26.01
C SER B 36 2.35 -11.17 25.64
N PRO B 37 2.34 -10.14 24.79
CA PRO B 37 3.59 -9.47 24.38
C PRO B 37 4.49 -9.12 25.56
N ALA B 38 3.91 -8.53 26.60
CA ALA B 38 4.67 -8.15 27.80
C ALA B 38 5.01 -9.35 28.69
N GLY B 39 4.12 -10.33 28.74
CA GLY B 39 4.38 -11.51 29.55
C GLY B 39 5.54 -12.33 29.01
N GLN B 40 5.68 -12.32 27.70
CA GLN B 40 6.73 -13.04 27.00
C GLN B 40 8.11 -12.59 27.48
N VAL B 41 8.26 -11.28 27.69
CA VAL B 41 9.53 -10.74 28.17
C VAL B 41 9.51 -10.33 29.63
N ALA B 42 8.51 -10.80 30.37
CA ALA B 42 8.42 -10.49 31.78
C ALA B 42 8.87 -11.69 32.62
N ASP B 43 9.06 -11.49 33.92
CA ASP B 43 9.47 -12.57 34.80
C ASP B 43 8.33 -13.53 35.06
N GLU B 44 7.12 -12.99 35.09
CA GLU B 44 5.96 -13.80 35.39
C GLU B 44 4.70 -13.16 34.81
N GLN B 45 3.69 -13.96 34.53
CA GLN B 45 2.43 -13.44 34.00
C GLN B 45 1.23 -14.11 34.64
N ILE B 46 0.25 -13.31 35.03
CA ILE B 46 -0.98 -13.83 35.60
C ILE B 46 -2.00 -13.81 34.48
N VAL B 47 -2.44 -14.98 34.05
CA VAL B 47 -3.43 -15.06 32.98
C VAL B 47 -4.82 -14.87 33.57
N ALA B 48 -5.36 -13.66 33.40
CA ALA B 48 -6.68 -13.33 33.91
C ALA B 48 -7.22 -12.09 33.19
N GLY B 49 -8.52 -11.86 33.33
CA GLY B 49 -9.14 -10.71 32.69
C GLY B 49 -8.90 -9.44 33.48
N PHE B 50 -9.08 -8.29 32.85
CA PHE B 50 -8.86 -7.00 33.48
C PHE B 50 -9.89 -6.63 34.52
N PHE B 51 -10.80 -7.55 34.83
CA PHE B 51 -11.83 -7.31 35.83
C PHE B 51 -11.93 -8.48 36.81
N ASP B 52 -10.98 -9.40 36.69
CA ASP B 52 -10.93 -10.56 37.58
C ASP B 52 -10.45 -10.02 38.92
N SER B 53 -11.35 -9.38 39.65
CA SER B 53 -11.03 -8.79 40.94
C SER B 53 -10.06 -9.60 41.76
N GLU B 54 -10.32 -10.91 41.86
CA GLU B 54 -9.48 -11.79 42.63
C GLU B 54 -8.02 -11.76 42.16
N ARG B 55 -7.81 -11.94 40.87
CA ARG B 55 -6.47 -11.96 40.32
C ARG B 55 -5.73 -10.63 40.34
N ILE B 56 -6.43 -9.52 40.10
CA ILE B 56 -5.75 -8.24 40.12
C ILE B 56 -5.27 -7.97 41.56
N GLU B 57 -5.94 -8.61 42.51
CA GLU B 57 -5.59 -8.45 43.92
C GLU B 57 -4.33 -9.27 44.24
N ASP B 58 -4.20 -10.42 43.60
CA ASP B 58 -3.03 -11.27 43.81
C ASP B 58 -1.82 -10.55 43.24
N LEU B 59 -2.06 -9.79 42.17
CA LEU B 59 -0.99 -9.03 41.54
C LEU B 59 -0.53 -7.91 42.47
N VAL B 60 -1.48 -7.09 42.90
CA VAL B 60 -1.16 -5.98 43.80
C VAL B 60 -0.48 -6.39 45.09
N LYS B 61 -0.96 -7.44 45.74
CA LYS B 61 -0.35 -7.89 46.99
C LYS B 61 0.98 -8.59 46.78
N GLY B 62 1.21 -9.10 45.56
CA GLY B 62 2.46 -9.78 45.26
C GLY B 62 3.48 -8.89 44.57
N SER B 63 3.25 -7.58 44.61
CA SER B 63 4.15 -6.62 43.99
C SER B 63 4.42 -5.48 44.95
N ASP B 64 5.53 -4.79 44.76
CA ASP B 64 5.83 -3.66 45.63
C ASP B 64 5.03 -2.46 45.11
N VAL B 65 4.96 -2.35 43.79
CA VAL B 65 4.22 -1.27 43.15
C VAL B 65 3.51 -1.82 41.94
N THR B 66 2.26 -1.43 41.77
CA THR B 66 1.44 -1.88 40.65
C THR B 66 1.08 -0.70 39.76
N THR B 67 1.24 -0.87 38.45
CA THR B 67 0.91 0.17 37.50
C THR B 67 0.12 -0.50 36.36
N TYR B 68 -0.26 0.28 35.35
CA TYR B 68 -1.04 -0.27 34.25
C TYR B 68 -0.81 0.43 32.92
N ASP B 69 -1.04 -0.29 31.81
CA ASP B 69 -0.84 0.28 30.49
C ASP B 69 -2.15 0.56 29.72
N LEU B 70 -3.29 0.36 30.38
CA LEU B 70 -4.57 0.63 29.73
C LEU B 70 -5.57 1.10 30.77
N GLU B 71 -6.66 1.72 30.31
CA GLU B 71 -7.67 2.25 31.21
C GLU B 71 -8.86 1.33 31.54
N HIS B 72 -9.34 0.56 30.57
CA HIS B 72 -10.47 -0.36 30.83
C HIS B 72 -10.03 -1.41 31.83
N ILE B 73 -10.03 -1.02 33.09
CA ILE B 73 -9.59 -1.86 34.20
C ILE B 73 -10.54 -1.82 35.40
N ASP B 74 -10.45 -2.82 36.27
CA ASP B 74 -11.28 -2.87 37.47
C ASP B 74 -10.77 -1.84 38.47
N VAL B 75 -11.18 -0.59 38.28
CA VAL B 75 -10.76 0.49 39.16
C VAL B 75 -11.29 0.35 40.60
N GLN B 76 -12.44 -0.29 40.75
CA GLN B 76 -13.02 -0.45 42.08
C GLN B 76 -12.17 -1.25 43.06
N THR B 77 -11.77 -2.46 42.68
CA THR B 77 -10.94 -3.25 43.59
C THR B 77 -9.60 -2.55 43.79
N LEU B 78 -9.15 -1.80 42.79
CA LEU B 78 -7.88 -1.08 42.91
C LEU B 78 -7.97 0.02 43.97
N LYS B 79 -9.10 0.73 44.00
CA LYS B 79 -9.29 1.78 44.99
C LYS B 79 -9.26 1.19 46.39
N LYS B 80 -9.84 0.00 46.55
CA LYS B 80 -9.85 -0.67 47.86
C LYS B 80 -8.44 -1.02 48.29
N LEU B 81 -7.70 -1.66 47.40
CA LEU B 81 -6.32 -2.05 47.69
C LEU B 81 -5.48 -0.80 47.97
N TYR B 82 -5.79 0.27 47.25
CA TYR B 82 -5.06 1.52 47.42
C TYR B 82 -5.36 2.15 48.78
N ASN B 83 -6.61 2.03 49.22
CA ASN B 83 -7.03 2.58 50.51
C ASN B 83 -6.45 1.84 51.70
N GLU B 84 -6.17 0.56 51.53
CA GLU B 84 -5.59 -0.20 52.62
C GLU B 84 -4.07 -0.24 52.54
N GLY B 85 -3.49 0.71 51.78
CA GLY B 85 -2.04 0.82 51.69
C GLY B 85 -1.20 0.35 50.50
N TYR B 86 -1.72 -0.52 49.65
CA TYR B 86 -0.92 -1.00 48.52
C TYR B 86 -0.60 0.09 47.51
N LYS B 87 0.65 0.12 47.06
CA LYS B 87 1.12 1.13 46.11
C LYS B 87 0.63 0.89 44.69
N ILE B 88 -0.23 1.77 44.22
CA ILE B 88 -0.79 1.69 42.88
C ILE B 88 -0.64 3.05 42.20
N HIS B 89 0.10 3.08 41.10
CA HIS B 89 0.35 4.31 40.35
C HIS B 89 0.18 4.17 38.84
N PRO B 90 -0.51 5.14 38.22
CA PRO B 90 -1.09 6.28 38.95
C PRO B 90 -2.22 5.81 39.85
N SER B 91 -2.65 6.67 40.77
CA SER B 91 -3.71 6.32 41.69
C SER B 91 -4.99 5.91 41.02
N PRO B 92 -5.58 4.79 41.47
CA PRO B 92 -6.84 4.37 40.84
C PRO B 92 -7.86 5.49 40.90
N TYR B 93 -7.66 6.42 41.83
CA TYR B 93 -8.57 7.56 41.93
C TYR B 93 -8.39 8.52 40.76
N THR B 94 -7.15 8.75 40.32
CA THR B 94 -6.96 9.65 39.21
C THR B 94 -7.44 8.94 37.95
N LEU B 95 -7.29 7.61 37.93
CA LEU B 95 -7.75 6.81 36.79
C LEU B 95 -9.26 6.96 36.68
N GLU B 96 -9.93 6.94 37.83
CA GLU B 96 -11.37 7.08 37.88
C GLU B 96 -11.80 8.42 37.32
N ILE B 97 -11.15 9.49 37.78
CA ILE B 97 -11.46 10.81 37.31
C ILE B 97 -11.29 10.88 35.79
N ILE B 98 -10.27 10.21 35.27
CA ILE B 98 -9.99 10.20 33.83
C ILE B 98 -10.94 9.33 33.01
N GLN B 99 -11.40 8.22 33.59
CA GLN B 99 -12.32 7.32 32.89
C GLN B 99 -13.56 7.99 32.33
N ASP B 100 -14.20 8.81 33.16
CA ASP B 100 -15.42 9.52 32.78
C ASP B 100 -15.05 10.89 32.24
N LYS B 101 -15.11 11.02 30.91
CA LYS B 101 -14.74 12.26 30.27
C LYS B 101 -15.37 13.52 30.83
N PHE B 102 -16.59 13.42 31.34
CA PHE B 102 -17.25 14.59 31.89
C PHE B 102 -16.63 14.97 33.23
N VAL B 103 -16.43 14.00 34.12
CA VAL B 103 -15.84 14.30 35.41
C VAL B 103 -14.38 14.74 35.24
N GLN B 104 -13.74 14.31 34.16
CA GLN B 104 -12.37 14.72 33.89
C GLN B 104 -12.41 16.22 33.56
N LYS B 105 -13.35 16.60 32.71
CA LYS B 105 -13.52 18.00 32.33
C LYS B 105 -13.85 18.84 33.56
N GLU B 106 -14.77 18.32 34.37
CA GLU B 106 -15.20 19.00 35.59
C GLU B 106 -13.99 19.27 36.49
N PHE B 107 -13.19 18.23 36.69
CA PHE B 107 -12.01 18.33 37.51
C PHE B 107 -11.04 19.38 36.98
N LEU B 108 -10.81 19.37 35.66
CA LEU B 108 -9.90 20.33 35.04
C LEU B 108 -10.40 21.75 35.21
N LYS B 109 -11.68 21.96 34.99
CA LYS B 109 -12.26 23.30 35.12
C LYS B 109 -12.07 23.84 36.53
N LYS B 110 -12.49 23.07 37.54
CA LYS B 110 -12.36 23.49 38.93
C LYS B 110 -10.94 23.84 39.36
N ASN B 111 -9.95 23.09 38.89
CA ASN B 111 -8.57 23.38 39.28
C ASN B 111 -7.91 24.48 38.47
N GLY B 112 -8.72 25.26 37.77
CA GLY B 112 -8.20 26.37 36.99
C GLY B 112 -7.47 26.05 35.70
N ILE B 113 -7.70 24.86 35.17
CA ILE B 113 -7.05 24.45 33.93
C ILE B 113 -7.93 24.73 32.72
N PRO B 114 -7.41 25.50 31.76
CA PRO B 114 -8.16 25.84 30.55
C PRO B 114 -8.66 24.60 29.80
N VAL B 115 -9.93 24.64 29.42
CA VAL B 115 -10.54 23.51 28.73
C VAL B 115 -11.71 24.01 27.86
N PRO B 116 -12.06 23.27 26.78
CA PRO B 116 -13.17 23.69 25.92
C PRO B 116 -14.47 23.80 26.69
N GLU B 117 -15.36 24.68 26.24
CA GLU B 117 -16.66 24.85 26.89
C GLU B 117 -17.39 23.52 26.73
N TYR B 118 -17.94 22.99 27.82
CA TYR B 118 -18.64 21.72 27.77
C TYR B 118 -19.98 21.79 28.47
N LYS B 119 -20.82 20.78 28.26
CA LYS B 119 -22.14 20.75 28.88
C LYS B 119 -22.70 19.33 29.01
N LEU B 120 -22.99 18.92 30.23
CA LEU B 120 -23.56 17.59 30.46
C LEU B 120 -24.93 17.53 29.78
N VAL B 121 -25.19 16.45 29.04
CA VAL B 121 -26.49 16.36 28.37
C VAL B 121 -27.55 15.62 29.18
N LYS B 122 -28.64 16.32 29.45
CA LYS B 122 -29.78 15.77 30.17
C LYS B 122 -30.97 15.90 29.22
N ASP B 123 -30.89 16.90 28.36
CA ASP B 123 -31.92 17.18 27.37
C ASP B 123 -31.23 17.48 26.04
N LEU B 124 -30.77 16.43 25.37
CA LEU B 124 -30.06 16.53 24.10
C LEU B 124 -30.45 17.69 23.18
N GLU B 125 -31.58 17.56 22.49
CA GLU B 125 -32.05 18.59 21.57
C GLU B 125 -32.11 19.98 22.21
N SER B 126 -32.32 20.03 23.51
CA SER B 126 -32.38 21.31 24.22
C SER B 126 -30.98 21.85 24.54
N ASP B 127 -30.04 20.94 24.83
CA ASP B 127 -28.68 21.32 25.15
C ASP B 127 -27.88 21.75 23.93
N VAL B 128 -28.05 21.04 22.82
CA VAL B 128 -27.33 21.37 21.60
C VAL B 128 -27.63 22.80 21.16
N ARG B 129 -28.84 23.26 21.43
CA ARG B 129 -29.25 24.62 21.07
C ARG B 129 -28.42 25.67 21.79
N GLU B 130 -27.67 25.27 22.82
CA GLU B 130 -26.85 26.23 23.55
C GLU B 130 -25.51 26.46 22.85
N PHE B 131 -25.23 25.64 21.83
CA PHE B 131 -23.99 25.76 21.07
C PHE B 131 -24.26 26.04 19.61
N GLY B 132 -25.32 25.43 19.09
CA GLY B 132 -25.67 25.58 17.70
C GLY B 132 -24.77 24.66 16.91
N PHE B 133 -25.11 24.38 15.66
CA PHE B 133 -24.26 23.52 14.85
C PHE B 133 -23.11 24.40 14.37
N PRO B 134 -21.88 23.85 14.29
CA PRO B 134 -21.53 22.48 14.64
C PRO B 134 -21.21 22.36 16.13
N VAL B 135 -21.46 21.19 16.70
CA VAL B 135 -21.19 20.97 18.12
C VAL B 135 -20.61 19.57 18.29
N VAL B 136 -19.79 19.38 19.32
CA VAL B 136 -19.18 18.07 19.52
C VAL B 136 -19.80 17.29 20.68
N GLN B 137 -20.10 16.02 20.41
CA GLN B 137 -20.67 15.13 21.41
C GLN B 137 -19.69 14.01 21.67
N LYS B 138 -19.53 13.64 22.93
CA LYS B 138 -18.61 12.58 23.29
C LYS B 138 -19.26 11.65 24.30
N ALA B 139 -18.88 10.38 24.26
CA ALA B 139 -19.41 9.41 25.21
C ALA B 139 -18.64 9.69 26.49
N ARG B 140 -19.31 9.62 27.64
CA ARG B 140 -18.63 9.86 28.90
C ARG B 140 -17.61 8.77 29.19
N LYS B 141 -17.98 7.52 28.95
CA LYS B 141 -17.08 6.41 29.19
C LYS B 141 -16.81 5.60 27.93
N GLY B 142 -15.61 5.04 27.82
CA GLY B 142 -15.25 4.25 26.67
C GLY B 142 -15.70 2.81 26.77
N GLY B 148 -17.98 7.04 20.46
CA GLY B 148 -16.95 7.84 21.09
C GLY B 148 -17.15 9.35 21.00
N VAL B 149 -16.58 9.94 19.96
CA VAL B 149 -16.70 11.38 19.73
C VAL B 149 -17.40 11.66 18.40
N PHE B 150 -18.59 12.24 18.48
CA PHE B 150 -19.42 12.54 17.30
C PHE B 150 -19.50 14.06 17.05
N ILE B 151 -19.31 14.45 15.79
CA ILE B 151 -19.38 15.86 15.43
C ILE B 151 -20.73 16.19 14.81
N ILE B 152 -21.66 16.66 15.63
CA ILE B 152 -23.01 17.01 15.19
C ILE B 152 -22.99 18.29 14.36
N LYS B 153 -23.15 18.15 13.05
CA LYS B 153 -23.12 19.30 12.16
C LYS B 153 -24.47 19.74 11.57
N ASN B 154 -25.44 18.83 11.55
CA ASN B 154 -26.73 19.16 10.99
C ASN B 154 -27.84 18.44 11.73
N GLU B 155 -29.07 18.60 11.24
CA GLU B 155 -30.23 17.96 11.84
C GLU B 155 -30.16 16.43 11.77
N LYS B 156 -29.83 15.89 10.60
CA LYS B 156 -29.76 14.45 10.46
C LYS B 156 -28.75 13.81 11.42
N ASP B 157 -27.65 14.51 11.70
CA ASP B 157 -26.67 13.97 12.62
C ASP B 157 -27.23 13.98 14.04
N LEU B 158 -27.84 15.09 14.43
CA LEU B 158 -28.43 15.22 15.76
C LEU B 158 -29.45 14.12 16.00
N GLU B 159 -30.24 13.80 14.98
CA GLU B 159 -31.26 12.76 15.08
C GLU B 159 -30.59 11.39 15.19
N ASN B 160 -29.31 11.33 14.82
CA ASN B 160 -28.56 10.08 14.87
C ASN B 160 -27.32 10.24 15.75
N ALA B 161 -27.47 10.99 16.84
CA ALA B 161 -26.37 11.23 17.78
C ALA B 161 -26.03 10.01 18.61
N ILE B 162 -24.92 10.08 19.33
CA ILE B 162 -24.47 9.00 20.18
C ILE B 162 -25.53 8.75 21.26
N LYS B 163 -25.86 7.49 21.46
CA LYS B 163 -26.84 7.09 22.45
C LYS B 163 -26.14 6.71 23.75
N GLY B 164 -26.78 6.97 24.88
CA GLY B 164 -26.17 6.63 26.15
C GLY B 164 -25.79 7.84 26.96
N GLU B 165 -24.88 7.65 27.91
CA GLU B 165 -24.42 8.75 28.76
C GLU B 165 -23.38 9.56 27.99
N THR B 166 -23.75 10.77 27.58
CA THR B 166 -22.83 11.60 26.83
C THR B 166 -22.82 13.04 27.34
N TYR B 167 -21.98 13.87 26.73
CA TYR B 167 -21.90 15.29 27.06
C TYR B 167 -21.50 16.05 25.80
N LEU B 168 -21.73 17.35 25.82
CA LEU B 168 -21.42 18.20 24.66
C LEU B 168 -20.21 19.09 24.90
N GLU B 169 -19.51 19.40 23.81
CA GLU B 169 -18.34 20.26 23.82
C GLU B 169 -18.45 21.19 22.63
N GLU B 170 -18.04 22.44 22.81
CA GLU B 170 -18.07 23.40 21.72
C GLU B 170 -17.12 22.87 20.66
N PHE B 171 -17.45 23.06 19.39
CA PHE B 171 -16.55 22.62 18.35
C PHE B 171 -15.41 23.64 18.37
N VAL B 172 -14.21 23.18 18.69
CA VAL B 172 -13.06 24.09 18.76
C VAL B 172 -12.41 24.33 17.40
N GLU B 173 -12.10 25.59 17.14
CA GLU B 173 -11.44 26.03 15.91
C GLU B 173 -9.97 25.78 16.22
N ILE B 174 -9.46 24.65 15.77
CA ILE B 174 -8.08 24.27 16.07
C ILE B 174 -7.02 24.78 15.09
N GLU B 175 -6.00 25.42 15.63
CA GLU B 175 -4.88 25.90 14.82
C GLU B 175 -3.92 24.70 14.74
N LYS B 176 -3.67 24.07 15.90
CA LYS B 176 -2.80 22.89 15.97
C LYS B 176 -3.17 22.04 17.18
N GLU B 177 -2.94 20.73 17.09
CA GLU B 177 -3.21 19.85 18.22
C GLU B 177 -1.84 19.50 18.78
N LEU B 178 -1.68 19.72 20.10
CA LEU B 178 -0.43 19.48 20.79
C LEU B 178 -0.46 18.38 21.85
N ALA B 179 0.71 17.96 22.29
CA ALA B 179 0.82 16.94 23.32
C ALA B 179 2.10 17.15 24.11
N VAL B 180 2.11 16.64 25.34
CA VAL B 180 3.30 16.75 26.19
C VAL B 180 3.24 15.69 27.27
N MSE B 181 4.37 15.03 27.49
CA MSE B 181 4.47 14.01 28.51
C MSE B 181 5.00 14.72 29.75
O MSE B 181 5.90 15.56 29.66
CB MSE B 181 5.44 12.91 28.09
CG MSE B 181 5.15 12.33 26.72
SE MSE B 181 3.43 11.43 26.56
CE MSE B 181 3.70 10.01 27.84
N VAL B 182 4.45 14.38 30.90
CA VAL B 182 4.89 15.00 32.15
C VAL B 182 4.88 13.91 33.22
N ALA B 183 6.04 13.69 33.84
CA ALA B 183 6.14 12.67 34.87
C ALA B 183 6.26 13.32 36.23
N ARG B 184 5.92 12.57 37.27
CA ARG B 184 6.01 13.09 38.63
C ARG B 184 6.19 12.01 39.70
N ASN B 185 7.09 12.30 40.64
CA ASN B 185 7.43 11.44 41.78
C ASN B 185 6.42 11.64 42.89
N GLU B 186 6.34 10.68 43.80
CA GLU B 186 5.44 10.86 44.93
C GLU B 186 6.15 11.92 45.78
N LYS B 187 7.46 12.03 45.61
CA LYS B 187 8.23 13.02 46.34
C LYS B 187 7.83 14.42 45.88
N GLY B 188 7.37 14.55 44.64
CA GLY B 188 6.96 15.84 44.13
C GLY B 188 7.78 16.39 42.98
N GLU B 189 8.86 15.71 42.63
CA GLU B 189 9.67 16.17 41.53
C GLU B 189 8.89 16.00 40.22
N ILE B 190 9.00 16.97 39.34
CA ILE B 190 8.29 16.86 38.08
C ILE B 190 9.26 17.03 36.92
N ALA B 191 9.06 16.21 35.89
CA ALA B 191 9.88 16.24 34.70
C ALA B 191 8.92 16.47 33.54
N CYS B 192 9.10 17.57 32.84
CA CYS B 192 8.24 17.89 31.73
C CYS B 192 9.02 17.80 30.42
N TYR B 193 8.44 17.07 29.47
CA TYR B 193 9.05 16.87 28.16
C TYR B 193 8.70 18.00 27.19
N PRO B 194 9.29 17.95 25.98
CA PRO B 194 9.01 18.99 24.98
C PRO B 194 7.57 18.87 24.50
N VAL B 195 6.98 20.00 24.14
CA VAL B 195 5.64 19.98 23.61
C VAL B 195 5.82 19.50 22.17
N VAL B 196 4.99 18.55 21.73
CA VAL B 196 5.08 18.06 20.35
C VAL B 196 3.83 18.45 19.56
N GLU B 197 3.85 18.18 18.26
CA GLU B 197 2.75 18.58 17.40
C GLU B 197 2.15 17.41 16.61
N MSE B 198 0.82 17.37 16.54
CA MSE B 198 0.14 16.32 15.78
C MSE B 198 -0.04 16.92 14.39
O MSE B 198 -0.89 17.78 14.19
CB MSE B 198 -1.21 15.99 16.39
CG MSE B 198 -1.21 15.83 17.91
SE MSE B 198 0.11 14.58 18.60
CE MSE B 198 -0.86 12.93 18.35
N TYR B 199 0.76 16.46 13.43
CA TYR B 199 0.71 16.97 12.05
C TYR B 199 -0.62 16.72 11.34
N ASP B 208 -1.78 9.88 11.78
CA ASP B 208 -1.27 10.38 13.05
C ASP B 208 0.26 10.46 12.99
N THR B 209 0.77 11.68 13.08
CA THR B 209 2.20 11.93 13.02
C THR B 209 2.59 12.93 14.09
N VAL B 210 3.68 12.66 14.79
CA VAL B 210 4.14 13.53 15.85
C VAL B 210 5.41 14.29 15.50
N ILE B 211 5.38 15.61 15.68
CA ILE B 211 6.53 16.46 15.39
C ILE B 211 7.12 17.01 16.68
N ALA B 212 8.37 16.69 16.94
CA ALA B 212 9.06 17.16 18.14
C ALA B 212 10.36 17.89 17.78
N PRO B 213 10.49 19.14 18.22
CA PRO B 213 9.48 19.83 19.04
C PRO B 213 8.37 20.44 18.17
N ALA B 214 7.28 20.86 18.80
CA ALA B 214 6.17 21.47 18.08
C ALA B 214 6.66 22.76 17.44
N ARG B 215 6.28 22.99 16.19
CA ARG B 215 6.68 24.20 15.48
C ARG B 215 5.73 25.30 15.93
N ILE B 216 5.96 25.81 17.13
CA ILE B 216 5.10 26.84 17.70
C ILE B 216 5.93 27.91 18.40
N GLU B 217 5.35 29.11 18.54
CA GLU B 217 6.00 30.24 19.20
C GLU B 217 6.38 29.91 20.65
N GLU B 218 7.61 30.29 21.04
CA GLU B 218 8.08 30.04 22.39
C GLU B 218 6.98 30.32 23.42
N LYS B 219 6.25 31.40 23.17
CA LYS B 219 5.16 31.82 24.06
C LYS B 219 4.18 30.68 24.34
N TYR B 220 3.80 29.95 23.30
CA TYR B 220 2.85 28.87 23.45
C TYR B 220 3.40 27.60 24.10
N SER B 221 4.61 27.20 23.73
CA SER B 221 5.19 26.00 24.32
C SER B 221 5.38 26.21 25.84
N LYS B 222 5.73 27.43 26.23
CA LYS B 222 5.94 27.75 27.63
C LYS B 222 4.61 27.59 28.36
N ILE B 223 3.54 28.01 27.70
CA ILE B 223 2.21 27.91 28.27
C ILE B 223 1.76 26.45 28.35
N ALA B 224 1.97 25.69 27.27
CA ALA B 224 1.57 24.29 27.21
C ALA B 224 2.29 23.46 28.27
N ARG B 225 3.56 23.79 28.51
CA ARG B 225 4.35 23.08 29.50
C ARG B 225 3.86 23.46 30.90
N GLU B 226 3.46 24.72 31.07
CA GLU B 226 2.98 25.19 32.37
C GLU B 226 1.63 24.59 32.72
N ILE B 227 0.79 24.37 31.72
CA ILE B 227 -0.53 23.79 31.94
C ILE B 227 -0.41 22.29 32.23
N ALA B 228 0.42 21.62 31.44
CA ALA B 228 0.63 20.18 31.61
C ALA B 228 1.14 19.89 33.02
N THR B 229 2.05 20.73 33.50
CA THR B 229 2.58 20.57 34.85
C THR B 229 1.43 20.78 35.84
N SER B 230 0.65 21.85 35.63
CA SER B 230 -0.47 22.13 36.50
C SER B 230 -1.40 20.95 36.65
N VAL B 231 -1.72 20.29 35.54
CA VAL B 231 -2.60 19.14 35.57
C VAL B 231 -2.06 18.03 36.47
N VAL B 232 -0.82 17.64 36.22
CA VAL B 232 -0.21 16.58 37.00
C VAL B 232 -0.21 17.01 38.47
N GLU B 233 0.18 18.26 38.73
CA GLU B 233 0.20 18.76 40.10
C GLU B 233 -1.18 18.70 40.72
N ALA B 234 -2.17 19.31 40.07
CA ALA B 234 -3.53 19.31 40.60
C ALA B 234 -3.96 17.88 40.93
N LEU B 235 -3.43 16.96 40.14
CA LEU B 235 -3.72 15.54 40.28
C LEU B 235 -2.87 14.88 41.35
N GLU B 236 -1.74 15.50 41.67
CA GLU B 236 -0.78 14.93 42.62
C GLU B 236 -0.41 13.59 42.02
N GLY B 237 -0.32 13.57 40.70
CA GLY B 237 -0.01 12.34 39.98
C GLY B 237 1.34 11.72 40.25
N VAL B 238 1.42 10.41 40.02
CA VAL B 238 2.65 9.65 40.17
C VAL B 238 2.72 8.77 38.92
N GLY B 239 3.78 8.98 38.14
CA GLY B 239 3.95 8.24 36.90
C GLY B 239 4.07 9.27 35.79
N ILE B 240 4.02 8.82 34.53
CA ILE B 240 4.11 9.77 33.42
C ILE B 240 2.73 9.93 32.80
N PHE B 241 2.39 11.15 32.42
CA PHE B 241 1.08 11.44 31.84
C PHE B 241 1.16 12.08 30.47
N GLY B 242 0.23 11.70 29.60
CA GLY B 242 0.17 12.25 28.26
C GLY B 242 -0.97 13.23 28.21
N ILE B 243 -0.65 14.51 28.06
CA ILE B 243 -1.68 15.55 28.00
C ILE B 243 -1.89 16.11 26.61
N GLU B 244 -3.06 15.86 26.03
CA GLU B 244 -3.41 16.37 24.70
C GLU B 244 -4.02 17.75 24.84
N MSE B 245 -3.61 18.67 23.98
CA MSE B 245 -4.11 20.03 24.01
C MSE B 245 -4.44 20.56 22.62
O MSE B 245 -4.03 19.97 21.62
CB MSE B 245 -3.07 20.94 24.68
CG MSE B 245 -2.80 20.60 26.13
SE MSE B 245 -1.24 21.50 26.82
CE MSE B 245 0.09 20.36 26.03
N PHE B 246 -5.21 21.65 22.59
CA PHE B 246 -5.56 22.29 21.33
C PHE B 246 -5.05 23.71 21.40
N LEU B 247 -4.34 24.15 20.37
CA LEU B 247 -3.92 25.54 20.31
C LEU B 247 -5.02 26.04 19.38
N THR B 248 -5.86 26.95 19.87
CA THR B 248 -6.98 27.46 19.08
C THR B 248 -6.60 28.54 18.07
N LYS B 249 -7.54 28.81 17.17
CA LYS B 249 -7.39 29.82 16.13
C LYS B 249 -7.37 31.20 16.76
N GLN B 250 -7.68 31.27 18.06
CA GLN B 250 -7.68 32.55 18.76
C GLN B 250 -6.47 32.72 19.68
N GLY B 251 -5.54 31.77 19.59
CA GLY B 251 -4.32 31.84 20.38
C GLY B 251 -4.44 31.27 21.78
N GLU B 252 -5.46 30.44 22.02
CA GLU B 252 -5.63 29.85 23.34
C GLU B 252 -5.21 28.38 23.34
N ILE B 253 -4.69 27.94 24.48
CA ILE B 253 -4.29 26.55 24.64
C ILE B 253 -5.25 25.92 25.65
N LEU B 254 -5.92 24.86 25.24
CA LEU B 254 -6.89 24.15 26.08
C LEU B 254 -6.54 22.66 26.14
N VAL B 255 -6.69 22.03 27.30
CA VAL B 255 -6.39 20.61 27.39
C VAL B 255 -7.65 19.85 26.99
N ASN B 256 -7.45 18.87 26.12
CA ASN B 256 -8.51 18.04 25.58
C ASN B 256 -8.64 16.70 26.31
N GLU B 257 -7.51 16.13 26.71
CA GLU B 257 -7.54 14.86 27.42
C GLU B 257 -6.26 14.51 28.15
N ILE B 258 -6.40 13.65 29.15
CA ILE B 258 -5.28 13.20 29.96
C ILE B 258 -5.18 11.68 29.91
N ALA B 259 -3.99 11.20 29.58
CA ALA B 259 -3.73 9.77 29.52
C ALA B 259 -2.79 9.44 30.69
N PRO B 260 -3.27 8.68 31.69
CA PRO B 260 -2.55 8.26 32.90
C PRO B 260 -1.55 7.15 32.65
N ARG B 261 -0.68 7.34 31.65
CA ARG B 261 0.30 6.31 31.29
C ARG B 261 1.19 6.79 30.15
N PRO B 262 2.16 5.96 29.75
CA PRO B 262 3.03 6.32 28.63
C PRO B 262 2.05 6.45 27.47
N HIS B 263 2.27 7.41 26.57
CA HIS B 263 1.36 7.64 25.46
C HIS B 263 2.02 7.49 24.08
N ASN B 264 1.23 7.09 23.09
CA ASN B 264 1.73 6.91 21.73
C ASN B 264 2.48 8.15 21.24
N SER B 265 2.00 9.33 21.64
CA SER B 265 2.63 10.59 21.24
C SER B 265 3.92 10.88 22.00
N GLY B 266 4.33 9.95 22.88
CA GLY B 266 5.55 10.15 23.62
C GLY B 266 6.68 9.22 23.18
N HIS B 267 6.41 8.40 22.16
CA HIS B 267 7.42 7.46 21.66
C HIS B 267 8.69 8.12 21.16
N TYR B 268 8.56 9.31 20.56
CA TYR B 268 9.73 10.01 20.03
C TYR B 268 10.85 10.12 21.06
N THR B 269 10.47 10.22 22.34
CA THR B 269 11.45 10.36 23.42
C THR B 269 12.48 9.24 23.44
N ILE B 270 12.11 8.08 22.90
CA ILE B 270 13.01 6.96 22.87
C ILE B 270 14.24 7.25 22.03
N GLU B 271 14.03 7.90 20.88
CA GLU B 271 15.14 8.19 19.98
C GLU B 271 15.66 9.62 20.07
N ALA B 272 14.88 10.51 20.66
CA ALA B 272 15.27 11.92 20.71
C ALA B 272 15.63 12.53 22.05
N CYS B 273 15.17 11.96 23.15
CA CYS B 273 15.48 12.53 24.45
C CYS B 273 16.45 11.66 25.24
N VAL B 274 17.01 12.22 26.31
CA VAL B 274 17.96 11.49 27.13
C VAL B 274 17.27 10.29 27.77
N THR B 275 16.11 10.51 28.36
CA THR B 275 15.40 9.38 28.94
C THR B 275 14.02 9.24 28.33
N SER B 276 13.76 8.03 27.82
CA SER B 276 12.50 7.69 27.19
C SER B 276 11.36 7.87 28.17
N GLN B 277 10.15 7.95 27.64
CA GLN B 277 8.97 8.10 28.48
C GLN B 277 8.84 6.85 29.34
N PHE B 278 9.27 5.71 28.81
CA PHE B 278 9.20 4.46 29.54
C PHE B 278 10.18 4.40 30.71
N GLU B 279 11.35 4.99 30.55
CA GLU B 279 12.27 4.94 31.66
C GLU B 279 11.78 5.88 32.76
N GLN B 280 11.16 7.00 32.35
CA GLN B 280 10.65 7.98 33.31
C GLN B 280 9.51 7.41 34.11
N HIS B 281 8.64 6.67 33.45
CA HIS B 281 7.50 6.08 34.14
C HIS B 281 7.96 5.16 35.25
N ILE B 282 8.99 4.35 34.98
CA ILE B 282 9.51 3.42 35.99
C ILE B 282 10.15 4.24 37.10
N ARG B 283 10.98 5.21 36.73
CA ARG B 283 11.61 6.05 37.73
C ARG B 283 10.51 6.69 38.57
N ALA B 284 9.51 7.26 37.91
CA ALA B 284 8.42 7.94 38.59
C ALA B 284 7.64 7.06 39.57
N ILE B 285 7.20 5.88 39.14
CA ILE B 285 6.42 5.02 40.03
C ILE B 285 7.22 4.37 41.14
N MSE B 286 8.55 4.31 40.96
CA MSE B 286 9.42 3.72 41.98
C MSE B 286 9.96 4.82 42.90
O MSE B 286 10.79 4.57 43.77
CB MSE B 286 10.57 2.96 41.32
CG MSE B 286 10.13 1.72 40.54
SE MSE B 286 8.76 0.71 41.50
CE MSE B 286 9.91 -0.23 42.74
N ASN B 287 9.46 6.03 42.69
CA ASN B 287 9.84 7.20 43.48
C ASN B 287 11.32 7.50 43.41
N LEU B 288 11.91 7.17 42.26
CA LEU B 288 13.32 7.39 42.03
C LEU B 288 13.51 8.77 41.42
N PRO B 289 14.74 9.30 41.47
CA PRO B 289 15.02 10.61 40.90
C PRO B 289 14.72 10.57 39.40
N LEU B 290 13.99 11.56 38.92
CA LEU B 290 13.60 11.62 37.51
C LEU B 290 14.78 11.87 36.57
N GLY B 291 14.70 11.33 35.36
CA GLY B 291 15.77 11.52 34.40
C GLY B 291 15.58 12.72 33.50
N SER B 292 16.68 13.27 32.98
CA SER B 292 16.68 14.42 32.08
C SER B 292 15.76 14.24 30.87
N THR B 293 15.08 15.30 30.47
CA THR B 293 14.19 15.23 29.31
C THR B 293 14.75 16.00 28.13
N GLU B 294 16.03 16.32 28.17
CA GLU B 294 16.66 17.09 27.10
C GLU B 294 16.45 16.45 25.73
N LEU B 295 15.99 17.27 24.79
CA LEU B 295 15.76 16.81 23.44
C LEU B 295 17.10 16.93 22.72
N LEU B 296 17.69 15.78 22.41
CA LEU B 296 18.99 15.77 21.73
C LEU B 296 18.91 16.12 20.24
N ILE B 297 17.76 15.86 19.63
CA ILE B 297 17.59 16.13 18.21
C ILE B 297 16.12 16.06 17.81
N PRO B 298 15.67 16.95 16.92
CA PRO B 298 14.26 16.92 16.50
C PRO B 298 13.93 15.57 15.89
N ALA B 299 12.66 15.18 16.00
CA ALA B 299 12.21 13.90 15.48
C ALA B 299 10.78 13.95 14.99
N VAL B 300 10.47 13.10 14.02
CA VAL B 300 9.12 13.01 13.50
C VAL B 300 8.75 11.54 13.52
N MSE B 301 7.75 11.22 14.32
CA MSE B 301 7.31 9.84 14.43
C MSE B 301 6.06 9.63 13.59
O MSE B 301 5.28 10.56 13.39
CB MSE B 301 7.00 9.52 15.89
CG MSE B 301 6.66 8.06 16.14
SE MSE B 301 5.10 7.89 17.26
CE MSE B 301 3.75 8.07 15.91
N VAL B 302 5.90 8.43 13.08
CA VAL B 302 4.74 8.09 12.25
C VAL B 302 4.30 6.67 12.55
N ASN B 303 3.02 6.51 12.91
CA ASN B 303 2.48 5.19 13.23
C ASN B 303 2.37 4.31 11.99
N LEU B 304 2.60 3.02 12.17
CA LEU B 304 2.47 2.06 11.08
C LEU B 304 1.16 1.32 11.37
N LEU B 305 0.08 1.77 10.73
CA LEU B 305 -1.23 1.18 10.92
C LEU B 305 -1.47 0.12 9.86
N GLY B 306 -2.32 -0.83 10.17
CA GLY B 306 -2.65 -1.87 9.21
C GLY B 306 -3.29 -1.23 7.99
N GLU B 307 -2.89 -1.65 6.80
CA GLU B 307 -3.45 -1.08 5.58
C GLU B 307 -4.93 -1.38 5.43
N GLU B 308 -5.62 -0.41 4.85
CA GLU B 308 -7.06 -0.51 4.60
C GLU B 308 -7.31 -1.66 3.64
N GLY B 309 -8.29 -2.49 3.95
CA GLY B 309 -8.62 -3.62 3.10
C GLY B 309 -7.78 -4.88 3.27
N TYR B 310 -6.98 -4.94 4.32
CA TYR B 310 -6.14 -6.11 4.55
C TYR B 310 -6.45 -6.79 5.87
N TYR B 311 -6.36 -8.12 5.87
CA TYR B 311 -6.65 -8.94 7.05
C TYR B 311 -5.78 -10.19 7.08
N GLY B 312 -5.29 -10.56 8.26
CA GLY B 312 -4.48 -11.77 8.37
C GLY B 312 -3.02 -11.64 8.75
N LYS B 313 -2.22 -12.55 8.22
CA LYS B 313 -0.78 -12.60 8.46
C LYS B 313 -0.16 -11.25 8.13
N PRO B 314 0.61 -10.69 9.07
CA PRO B 314 1.27 -9.39 8.89
C PRO B 314 2.46 -9.48 7.96
N ALA B 315 2.58 -8.48 7.08
CA ALA B 315 3.68 -8.40 6.13
C ALA B 315 4.13 -6.94 6.09
N LEU B 316 5.43 -6.71 6.27
CA LEU B 316 5.95 -5.35 6.25
C LEU B 316 6.58 -5.13 4.89
N ILE B 317 6.14 -4.10 4.17
CA ILE B 317 6.71 -3.83 2.86
C ILE B 317 7.31 -2.42 2.73
N GLY B 318 8.42 -2.34 2.00
CA GLY B 318 9.10 -1.07 1.80
C GLY B 318 10.28 -0.84 2.72
N LEU B 319 10.62 -1.85 3.50
CA LEU B 319 11.72 -1.76 4.45
C LEU B 319 13.03 -1.29 3.83
N GLU B 320 13.53 -2.02 2.84
CA GLU B 320 14.79 -1.66 2.21
C GLU B 320 14.87 -0.22 1.75
N GLU B 321 13.82 0.24 1.08
CA GLU B 321 13.76 1.61 0.58
C GLU B 321 13.67 2.66 1.69
N ALA B 322 12.88 2.39 2.72
CA ALA B 322 12.74 3.34 3.81
C ALA B 322 14.01 3.47 4.64
N LEU B 323 14.70 2.36 4.87
CA LEU B 323 15.93 2.41 5.65
C LEU B 323 17.01 3.26 5.00
N ALA B 324 16.84 3.59 3.72
CA ALA B 324 17.82 4.41 3.01
C ALA B 324 17.70 5.88 3.42
N ILE B 325 16.60 6.22 4.06
CA ILE B 325 16.38 7.59 4.52
C ILE B 325 17.18 7.79 5.82
N GLU B 326 18.16 8.68 5.80
CA GLU B 326 18.97 8.94 6.97
C GLU B 326 18.17 9.41 8.17
N GLY B 327 18.42 8.78 9.31
CA GLY B 327 17.72 9.16 10.51
C GLY B 327 16.48 8.33 10.75
N LEU B 328 16.11 7.53 9.76
CA LEU B 328 14.93 6.68 9.88
C LEU B 328 15.30 5.39 10.60
N SER B 329 14.48 5.01 11.56
CA SER B 329 14.66 3.76 12.31
C SER B 329 13.23 3.23 12.43
N LEU B 330 13.10 1.94 12.64
CA LEU B 330 11.80 1.30 12.70
C LEU B 330 11.51 0.53 13.99
N HIS B 331 10.25 0.58 14.44
CA HIS B 331 9.84 -0.15 15.64
C HIS B 331 8.58 -0.96 15.26
N PHE B 332 8.80 -2.21 14.86
CA PHE B 332 7.70 -3.07 14.46
C PHE B 332 7.34 -3.95 15.66
N TYR B 333 6.08 -3.91 16.08
CA TYR B 333 5.65 -4.70 17.22
C TYR B 333 5.45 -6.16 16.80
N GLY B 334 5.47 -7.07 17.76
CA GLY B 334 5.31 -8.46 17.42
C GLY B 334 3.85 -8.87 17.40
N LYS B 335 3.14 -8.55 16.30
CA LYS B 335 1.73 -8.91 16.20
C LYS B 335 1.49 -9.93 15.12
N LYS B 336 0.72 -10.96 15.49
CA LYS B 336 0.41 -12.07 14.59
C LYS B 336 -0.70 -11.81 13.57
N GLU B 337 -1.55 -10.82 13.84
CA GLU B 337 -2.64 -10.52 12.91
C GLU B 337 -2.76 -9.04 12.58
N THR B 338 -2.84 -8.73 11.29
CA THR B 338 -2.97 -7.35 10.86
C THR B 338 -4.44 -7.02 10.66
N ARG B 339 -4.83 -5.82 11.08
CA ARG B 339 -6.22 -5.37 10.97
C ARG B 339 -6.18 -3.91 10.55
N PRO B 340 -6.98 -3.53 9.55
CA PRO B 340 -6.97 -2.14 9.12
C PRO B 340 -7.04 -1.16 10.28
N TYR B 341 -6.20 -0.12 10.22
CA TYR B 341 -6.15 0.92 11.23
C TYR B 341 -5.47 0.49 12.53
N ARG B 342 -5.16 -0.81 12.66
CA ARG B 342 -4.51 -1.29 13.86
C ARG B 342 -3.04 -0.87 13.95
N LYS B 343 -2.62 -0.51 15.16
CA LYS B 343 -1.24 -0.10 15.42
C LYS B 343 -0.29 -1.28 15.36
N MSE B 344 0.38 -1.45 14.23
CA MSE B 344 1.32 -2.54 14.04
C MSE B 344 2.75 -2.13 14.42
O MSE B 344 3.62 -2.97 14.61
CB MSE B 344 1.30 -3.00 12.58
CG MSE B 344 -0.06 -3.38 12.09
SE MSE B 344 -0.81 -4.78 13.16
CE MSE B 344 0.05 -6.31 12.33
N GLY B 345 2.98 -0.82 14.52
CA GLY B 345 4.30 -0.35 14.87
C GLY B 345 4.39 1.13 14.55
N HIS B 346 5.61 1.66 14.60
CA HIS B 346 5.84 3.05 14.28
C HIS B 346 7.29 3.21 13.83
N PHE B 347 7.59 4.32 13.17
CA PHE B 347 8.96 4.58 12.75
C PHE B 347 9.26 6.03 13.08
N THR B 348 10.53 6.35 13.28
CA THR B 348 10.90 7.71 13.63
C THR B 348 12.05 8.21 12.77
N VAL B 349 12.05 9.51 12.54
CA VAL B 349 13.12 10.12 11.76
C VAL B 349 13.71 11.27 12.56
N VAL B 350 15.00 11.21 12.84
CA VAL B 350 15.62 12.29 13.56
C VAL B 350 16.47 13.07 12.56
N ASP B 351 16.51 14.39 12.74
CA ASP B 351 17.28 15.28 11.87
C ASP B 351 17.46 16.60 12.60
N ARG B 352 18.65 17.18 12.49
CA ARG B 352 18.93 18.46 13.17
C ARG B 352 17.85 19.47 12.83
N ASP B 353 17.34 19.40 11.61
CA ASP B 353 16.28 20.30 11.13
C ASP B 353 14.95 19.55 11.14
N VAL B 354 14.03 19.96 12.00
CA VAL B 354 12.74 19.28 12.11
C VAL B 354 11.97 19.23 10.80
N GLU B 355 12.11 20.29 10.00
CA GLU B 355 11.44 20.36 8.72
C GLU B 355 11.98 19.28 7.77
N ARG B 356 13.29 19.06 7.79
CA ARG B 356 13.85 18.01 6.94
C ARG B 356 13.46 16.68 7.54
N ALA B 357 13.30 16.63 8.86
CA ALA B 357 12.89 15.40 9.52
C ALA B 357 11.49 15.01 9.06
N LEU B 358 10.61 16.01 8.96
CA LEU B 358 9.23 15.79 8.52
C LEU B 358 9.14 15.37 7.05
N GLU B 359 9.83 16.11 6.18
CA GLU B 359 9.83 15.79 4.76
C GLU B 359 10.20 14.32 4.58
N LYS B 360 11.26 13.90 5.25
CA LYS B 360 11.71 12.51 5.17
C LYS B 360 10.66 11.53 5.69
N ALA B 361 10.07 11.88 6.83
CA ALA B 361 9.06 11.04 7.46
C ALA B 361 7.89 10.89 6.52
N LEU B 362 7.44 11.99 5.94
CA LEU B 362 6.32 11.95 5.00
C LEU B 362 6.69 11.06 3.82
N ARG B 363 7.91 11.19 3.33
CA ARG B 363 8.37 10.37 2.22
C ARG B 363 8.26 8.90 2.62
N ALA B 364 8.83 8.57 3.77
CA ALA B 364 8.80 7.22 4.29
C ALA B 364 7.37 6.72 4.53
N LYS B 365 6.51 7.60 5.00
CA LYS B 365 5.13 7.25 5.26
C LYS B 365 4.48 6.60 4.04
N LYS B 366 4.81 7.11 2.85
CA LYS B 366 4.25 6.55 1.62
C LYS B 366 4.87 5.20 1.27
N ILE B 367 6.14 5.01 1.69
CA ILE B 367 6.87 3.78 1.40
C ILE B 367 6.57 2.61 2.34
N LEU B 368 6.70 2.86 3.64
CA LEU B 368 6.45 1.82 4.64
C LEU B 368 4.97 1.47 4.80
N LYS B 369 4.63 0.21 4.53
CA LYS B 369 3.26 -0.24 4.64
C LYS B 369 3.18 -1.61 5.29
N VAL B 370 2.16 -1.82 6.11
CA VAL B 370 1.96 -3.11 6.76
C VAL B 370 0.77 -3.76 6.07
N VAL B 371 1.09 -4.67 5.17
CA VAL B 371 0.08 -5.36 4.39
C VAL B 371 -0.19 -6.76 4.96
N SER B 372 -1.03 -7.54 4.27
CA SER B 372 -1.36 -8.89 4.75
C SER B 372 -0.78 -10.00 3.89
N GLU B 373 -0.87 -11.23 4.39
CA GLU B 373 -0.38 -12.42 3.71
C GLU B 373 1.15 -12.43 3.61
N MSE C 1 -35.36 -7.64 -11.95
CA MSE C 1 -33.92 -7.51 -12.32
C MSE C 1 -33.04 -8.38 -11.43
O MSE C 1 -32.84 -8.06 -10.26
CB MSE C 1 -33.47 -6.05 -12.21
CG MSE C 1 -31.96 -5.84 -12.37
SE MSE C 1 -31.39 -3.98 -12.42
CE MSE C 1 -32.13 -3.40 -10.74
N LYS C 2 -32.53 -9.48 -11.99
CA LYS C 2 -31.67 -10.42 -11.28
C LYS C 2 -30.49 -9.69 -10.61
N LYS C 3 -30.11 -10.16 -9.43
CA LYS C 3 -29.02 -9.55 -8.68
C LYS C 3 -27.77 -10.42 -8.71
N ILE C 4 -26.64 -9.77 -8.99
CA ILE C 4 -25.34 -10.45 -9.06
C ILE C 4 -24.43 -9.96 -7.94
N GLY C 5 -23.87 -10.90 -7.19
CA GLY C 5 -22.95 -10.57 -6.12
C GLY C 5 -21.53 -10.90 -6.59
N ILE C 6 -20.61 -9.97 -6.36
CA ILE C 6 -19.21 -10.17 -6.76
C ILE C 6 -18.28 -10.01 -5.58
N ILE C 7 -17.60 -11.09 -5.18
CA ILE C 7 -16.66 -11.02 -4.08
C ILE C 7 -15.35 -10.46 -4.62
N GLY C 8 -14.97 -9.28 -4.17
CA GLY C 8 -13.75 -8.66 -4.63
C GLY C 8 -14.01 -7.47 -5.53
N GLY C 9 -13.85 -6.27 -5.02
CA GLY C 9 -14.09 -5.07 -5.80
C GLY C 9 -12.84 -4.43 -6.38
N GLY C 10 -11.94 -5.25 -6.91
CA GLY C 10 -10.72 -4.73 -7.49
C GLY C 10 -10.96 -4.28 -8.91
N GLN C 11 -9.89 -4.11 -9.68
CA GLN C 11 -10.03 -3.67 -11.06
C GLN C 11 -10.80 -4.67 -11.92
N LEU C 12 -10.61 -5.96 -11.65
CA LEU C 12 -11.31 -6.99 -12.39
C LEU C 12 -12.80 -6.97 -12.01
N GLY C 13 -13.04 -6.79 -10.71
CA GLY C 13 -14.41 -6.74 -10.23
C GLY C 13 -15.13 -5.53 -10.79
N LYS C 14 -14.41 -4.42 -10.92
CA LYS C 14 -15.00 -3.19 -11.44
C LYS C 14 -15.42 -3.38 -12.90
N MSE C 15 -14.60 -4.10 -13.67
CA MSE C 15 -14.88 -4.35 -15.07
C MSE C 15 -16.03 -5.35 -15.23
O MSE C 15 -16.73 -5.34 -16.23
CB MSE C 15 -13.61 -4.84 -15.78
CG MSE C 15 -12.46 -3.84 -15.70
SE MSE C 15 -10.68 -4.45 -16.27
CE MSE C 15 -10.76 -3.86 -18.13
N MSE C 16 -16.20 -6.22 -14.23
CA MSE C 16 -17.29 -7.19 -14.23
C MSE C 16 -18.60 -6.50 -13.91
O MSE C 16 -19.63 -6.75 -14.55
CB MSE C 16 -17.08 -8.26 -13.15
CG MSE C 16 -16.09 -9.36 -13.48
SE MSE C 16 -15.97 -10.56 -11.94
CE MSE C 16 -17.79 -11.16 -12.01
N THR C 17 -18.56 -5.62 -12.90
CA THR C 17 -19.73 -4.88 -12.46
C THR C 17 -20.28 -4.00 -13.57
N LEU C 18 -19.38 -3.30 -14.25
CA LEU C 18 -19.74 -2.42 -15.35
C LEU C 18 -20.46 -3.16 -16.47
N GLU C 19 -19.95 -4.34 -16.83
CA GLU C 19 -20.56 -5.13 -17.90
C GLU C 19 -21.88 -5.74 -17.46
N ALA C 20 -22.00 -6.06 -16.18
CA ALA C 20 -23.23 -6.66 -15.66
C ALA C 20 -24.37 -5.65 -15.70
N LYS C 21 -24.11 -4.43 -15.28
CA LYS C 21 -25.14 -3.39 -15.28
C LYS C 21 -25.54 -2.99 -16.70
N LYS C 22 -24.61 -2.98 -17.64
CA LYS C 22 -25.01 -2.61 -18.99
C LYS C 22 -25.84 -3.72 -19.59
N MSE C 23 -25.82 -4.89 -18.96
CA MSE C 23 -26.61 -6.02 -19.44
C MSE C 23 -27.95 -5.98 -18.72
O MSE C 23 -28.83 -6.79 -18.99
CB MSE C 23 -25.90 -7.35 -19.19
CG MSE C 23 -26.54 -8.51 -19.97
SE MSE C 23 -25.43 -10.09 -20.18
CE MSE C 23 -24.10 -9.38 -21.38
N GLY C 24 -28.08 -5.02 -17.81
CA GLY C 24 -29.33 -4.87 -17.08
C GLY C 24 -29.39 -5.47 -15.69
N PHE C 25 -28.29 -6.05 -15.24
CA PHE C 25 -28.26 -6.65 -13.91
C PHE C 25 -27.90 -5.68 -12.80
N TYR C 26 -28.40 -6.00 -11.62
CA TYR C 26 -28.16 -5.24 -10.39
C TYR C 26 -26.99 -5.95 -9.70
N VAL C 27 -25.95 -5.22 -9.31
CA VAL C 27 -24.84 -5.91 -8.66
C VAL C 27 -24.40 -5.38 -7.30
N ILE C 28 -24.06 -6.32 -6.41
CA ILE C 28 -23.60 -6.03 -5.06
C ILE C 28 -22.13 -6.46 -5.00
N VAL C 29 -21.29 -5.58 -4.47
CA VAL C 29 -19.88 -5.90 -4.34
C VAL C 29 -19.52 -6.08 -2.87
N LEU C 30 -18.72 -7.09 -2.56
CA LEU C 30 -18.24 -7.32 -1.21
C LEU C 30 -16.74 -7.07 -1.29
N ASP C 31 -16.26 -6.08 -0.55
CA ASP C 31 -14.84 -5.74 -0.56
C ASP C 31 -14.48 -5.11 0.77
N PRO C 32 -13.28 -5.40 1.29
CA PRO C 32 -12.80 -4.87 2.56
C PRO C 32 -12.50 -3.36 2.55
N THR C 33 -12.29 -2.82 1.35
CA THR C 33 -12.00 -1.40 1.21
C THR C 33 -13.26 -0.62 0.90
N PRO C 34 -13.67 0.28 1.81
CA PRO C 34 -14.89 1.08 1.59
C PRO C 34 -14.73 1.94 0.33
N ARG C 35 -15.78 1.99 -0.48
CA ARG C 35 -15.78 2.76 -1.72
C ARG C 35 -14.71 2.23 -2.67
N SER C 36 -14.59 0.90 -2.72
CA SER C 36 -13.62 0.24 -3.57
C SER C 36 -13.95 0.56 -5.02
N PRO C 37 -12.97 0.37 -5.94
CA PRO C 37 -13.14 0.65 -7.37
C PRO C 37 -14.44 0.09 -7.93
N ALA C 38 -14.67 -1.21 -7.74
CA ALA C 38 -15.90 -1.85 -8.21
C ALA C 38 -17.11 -1.33 -7.43
N GLY C 39 -16.94 -1.22 -6.11
CA GLY C 39 -18.04 -0.75 -5.27
C GLY C 39 -18.58 0.59 -5.71
N GLN C 40 -17.69 1.49 -6.12
CA GLN C 40 -18.08 2.81 -6.55
C GLN C 40 -19.01 2.80 -7.77
N VAL C 41 -18.88 1.80 -8.63
CA VAL C 41 -19.73 1.71 -9.81
C VAL C 41 -20.81 0.67 -9.73
N ALA C 42 -20.99 0.09 -8.54
CA ALA C 42 -22.01 -0.92 -8.34
C ALA C 42 -23.25 -0.25 -7.76
N ASP C 43 -24.28 -1.05 -7.48
CA ASP C 43 -25.52 -0.55 -6.90
C ASP C 43 -25.38 -0.47 -5.38
N GLU C 44 -24.70 -1.46 -4.81
CA GLU C 44 -24.46 -1.52 -3.36
C GLU C 44 -23.10 -2.13 -3.10
N GLN C 45 -22.55 -1.88 -1.92
CA GLN C 45 -21.27 -2.49 -1.56
C GLN C 45 -21.27 -2.92 -0.10
N ILE C 46 -20.86 -4.16 0.13
CA ILE C 46 -20.76 -4.72 1.46
C ILE C 46 -19.27 -4.60 1.83
N VAL C 47 -18.98 -3.80 2.84
CA VAL C 47 -17.60 -3.60 3.29
C VAL C 47 -17.19 -4.66 4.28
N ALA C 48 -16.58 -5.73 3.78
CA ALA C 48 -16.15 -6.82 4.65
C ALA C 48 -14.90 -7.48 4.11
N GLY C 49 -14.25 -8.26 4.98
CA GLY C 49 -13.05 -8.95 4.59
C GLY C 49 -13.43 -10.20 3.83
N PHE C 50 -12.53 -10.64 2.97
CA PHE C 50 -12.74 -11.82 2.14
C PHE C 50 -12.87 -13.12 2.94
N PHE C 51 -12.76 -13.03 4.27
CA PHE C 51 -12.89 -14.22 5.10
C PHE C 51 -13.91 -14.00 6.21
N ASP C 52 -14.72 -12.95 6.06
CA ASP C 52 -15.77 -12.59 7.02
C ASP C 52 -17.02 -13.42 6.69
N SER C 53 -17.04 -14.67 7.18
CA SER C 53 -18.14 -15.61 6.93
C SER C 53 -19.55 -15.06 6.93
N GLU C 54 -19.90 -14.27 7.94
CA GLU C 54 -21.25 -13.72 8.04
C GLU C 54 -21.63 -12.86 6.83
N ARG C 55 -20.78 -11.88 6.50
CA ARG C 55 -21.06 -10.97 5.40
C ARG C 55 -21.12 -11.65 4.03
N ILE C 56 -20.22 -12.61 3.79
CA ILE C 56 -20.23 -13.32 2.52
C ILE C 56 -21.52 -14.13 2.40
N GLU C 57 -22.05 -14.60 3.52
CA GLU C 57 -23.30 -15.33 3.51
C GLU C 57 -24.37 -14.32 3.08
N ASP C 58 -24.35 -13.14 3.69
CA ASP C 58 -25.32 -12.11 3.37
C ASP C 58 -25.34 -11.83 1.87
N LEU C 59 -24.16 -11.64 1.30
CA LEU C 59 -24.00 -11.36 -0.12
C LEU C 59 -24.59 -12.44 -1.01
N VAL C 60 -24.30 -13.70 -0.70
CA VAL C 60 -24.78 -14.82 -1.50
C VAL C 60 -26.29 -15.04 -1.41
N LYS C 61 -26.88 -14.80 -0.24
CA LYS C 61 -28.32 -14.99 -0.08
C LYS C 61 -29.12 -13.81 -0.62
N GLY C 62 -28.43 -12.68 -0.84
CA GLY C 62 -29.09 -11.50 -1.37
C GLY C 62 -28.78 -11.35 -2.85
N SER C 63 -28.28 -12.41 -3.47
CA SER C 63 -27.94 -12.41 -4.89
C SER C 63 -28.52 -13.65 -5.56
N ASP C 64 -28.82 -13.56 -6.85
CA ASP C 64 -29.33 -14.71 -7.58
C ASP C 64 -28.15 -15.59 -7.98
N VAL C 65 -27.02 -14.95 -8.22
CA VAL C 65 -25.78 -15.63 -8.60
C VAL C 65 -24.64 -14.85 -7.95
N THR C 66 -23.63 -15.56 -7.46
CA THR C 66 -22.49 -14.91 -6.83
C THR C 66 -21.21 -15.38 -7.53
N THR C 67 -20.31 -14.44 -7.77
CA THR C 67 -19.04 -14.74 -8.42
C THR C 67 -17.94 -13.99 -7.64
N TYR C 68 -16.73 -13.94 -8.19
CA TYR C 68 -15.63 -13.25 -7.51
C TYR C 68 -14.50 -12.87 -8.47
N ASP C 69 -13.63 -11.94 -8.06
CA ASP C 69 -12.54 -11.51 -8.92
C ASP C 69 -11.11 -11.84 -8.43
N LEU C 70 -11.02 -12.53 -7.29
CA LEU C 70 -9.73 -12.94 -6.76
C LEU C 70 -9.90 -14.34 -6.16
N GLU C 71 -8.79 -15.04 -5.93
CA GLU C 71 -8.85 -16.39 -5.42
C GLU C 71 -8.64 -16.54 -3.91
N HIS C 72 -7.96 -15.57 -3.30
CA HIS C 72 -7.71 -15.59 -1.86
C HIS C 72 -9.04 -15.32 -1.16
N ILE C 73 -9.92 -16.31 -1.17
CA ILE C 73 -11.25 -16.14 -0.59
C ILE C 73 -11.69 -17.26 0.37
N ASP C 74 -12.76 -17.01 1.12
CA ASP C 74 -13.27 -18.01 2.06
C ASP C 74 -13.96 -19.11 1.26
N VAL C 75 -13.17 -19.97 0.64
CA VAL C 75 -13.67 -21.06 -0.19
C VAL C 75 -14.44 -22.13 0.57
N GLN C 76 -14.26 -22.17 1.89
CA GLN C 76 -14.95 -23.17 2.70
C GLN C 76 -16.41 -22.84 2.98
N THR C 77 -16.71 -21.59 3.34
CA THR C 77 -18.12 -21.27 3.58
C THR C 77 -18.83 -21.15 2.23
N LEU C 78 -18.12 -20.70 1.20
CA LEU C 78 -18.74 -20.59 -0.12
C LEU C 78 -19.16 -22.00 -0.49
N LYS C 79 -18.35 -22.97 -0.12
CA LYS C 79 -18.64 -24.37 -0.44
C LYS C 79 -19.91 -24.83 0.30
N LYS C 80 -20.08 -24.37 1.53
CA LYS C 80 -21.26 -24.75 2.31
C LYS C 80 -22.48 -24.17 1.63
N LEU C 81 -22.42 -22.88 1.32
CA LEU C 81 -23.52 -22.19 0.66
C LEU C 81 -23.87 -22.83 -0.67
N TYR C 82 -22.84 -23.18 -1.45
CA TYR C 82 -23.01 -23.82 -2.75
C TYR C 82 -23.79 -25.12 -2.55
N ASN C 83 -23.43 -25.88 -1.51
CA ASN C 83 -24.11 -27.13 -1.21
C ASN C 83 -25.56 -26.89 -0.77
N GLU C 84 -25.87 -25.67 -0.37
CA GLU C 84 -27.23 -25.34 0.05
C GLU C 84 -28.13 -25.03 -1.15
N GLY C 85 -27.55 -25.02 -2.33
CA GLY C 85 -28.31 -24.74 -3.54
C GLY C 85 -28.06 -23.38 -4.13
N TYR C 86 -27.31 -22.54 -3.43
CA TYR C 86 -27.00 -21.21 -3.92
C TYR C 86 -26.07 -21.27 -5.12
N LYS C 87 -26.37 -20.44 -6.11
CA LYS C 87 -25.59 -20.37 -7.35
C LYS C 87 -24.32 -19.55 -7.20
N ILE C 88 -23.18 -20.25 -7.18
CA ILE C 88 -21.89 -19.59 -7.06
C ILE C 88 -21.01 -20.09 -8.19
N HIS C 89 -20.50 -19.16 -9.00
CA HIS C 89 -19.68 -19.53 -10.14
C HIS C 89 -18.42 -18.70 -10.27
N PRO C 90 -17.25 -19.35 -10.50
CA PRO C 90 -17.12 -20.81 -10.61
C PRO C 90 -17.37 -21.46 -9.26
N SER C 91 -17.64 -22.77 -9.28
CA SER C 91 -17.90 -23.52 -8.05
C SER C 91 -16.74 -23.47 -7.07
N PRO C 92 -17.03 -23.38 -5.78
CA PRO C 92 -15.94 -23.34 -4.80
C PRO C 92 -15.03 -24.57 -4.95
N TYR C 93 -15.58 -25.65 -5.49
CA TYR C 93 -14.85 -26.89 -5.67
C TYR C 93 -13.78 -26.76 -6.74
N THR C 94 -14.13 -26.18 -7.88
CA THR C 94 -13.14 -26.03 -8.94
C THR C 94 -12.11 -25.04 -8.42
N LEU C 95 -12.58 -24.02 -7.73
CA LEU C 95 -11.68 -23.03 -7.17
C LEU C 95 -10.70 -23.68 -6.21
N GLU C 96 -11.20 -24.66 -5.46
CA GLU C 96 -10.38 -25.39 -4.48
C GLU C 96 -9.35 -26.26 -5.17
N ILE C 97 -9.76 -26.89 -6.27
CA ILE C 97 -8.88 -27.75 -7.06
C ILE C 97 -7.71 -26.93 -7.61
N ILE C 98 -7.99 -25.67 -7.92
CA ILE C 98 -7.00 -24.77 -8.49
C ILE C 98 -6.02 -24.10 -7.51
N GLN C 99 -6.49 -23.76 -6.33
CA GLN C 99 -5.63 -23.09 -5.35
C GLN C 99 -4.37 -23.84 -4.91
N ASP C 100 -4.28 -25.11 -5.29
CA ASP C 100 -3.11 -25.93 -4.92
C ASP C 100 -2.51 -26.56 -6.17
N LYS C 101 -1.37 -26.02 -6.59
CA LYS C 101 -0.67 -26.50 -7.78
C LYS C 101 -0.64 -28.03 -7.88
N PHE C 102 -0.35 -28.69 -6.77
CA PHE C 102 -0.29 -30.14 -6.78
C PHE C 102 -1.64 -30.80 -7.02
N VAL C 103 -2.67 -30.36 -6.30
CA VAL C 103 -3.99 -30.95 -6.48
C VAL C 103 -4.49 -30.62 -7.89
N GLN C 104 -3.99 -29.54 -8.46
CA GLN C 104 -4.35 -29.15 -9.81
C GLN C 104 -3.75 -30.17 -10.78
N LYS C 105 -2.46 -30.45 -10.59
CA LYS C 105 -1.75 -31.41 -11.43
C LYS C 105 -2.47 -32.76 -11.35
N GLU C 106 -2.90 -33.14 -10.15
CA GLU C 106 -3.61 -34.40 -9.94
C GLU C 106 -4.91 -34.46 -10.73
N PHE C 107 -5.69 -33.38 -10.70
CA PHE C 107 -6.95 -33.33 -11.43
C PHE C 107 -6.73 -33.41 -12.93
N LEU C 108 -5.74 -32.66 -13.41
CA LEU C 108 -5.41 -32.64 -14.82
C LEU C 108 -5.02 -34.02 -15.32
N LYS C 109 -4.24 -34.73 -14.53
CA LYS C 109 -3.78 -36.07 -14.88
C LYS C 109 -4.95 -37.06 -14.86
N LYS C 110 -5.80 -36.95 -13.83
CA LYS C 110 -6.95 -37.84 -13.72
C LYS C 110 -7.86 -37.76 -14.92
N ASN C 111 -7.90 -36.60 -15.57
CA ASN C 111 -8.74 -36.43 -16.74
C ASN C 111 -7.95 -36.41 -18.06
N GLY C 112 -6.79 -37.06 -18.04
CA GLY C 112 -5.98 -37.13 -19.24
C GLY C 112 -5.60 -35.83 -19.93
N ILE C 113 -5.43 -34.77 -19.14
CA ILE C 113 -5.05 -33.48 -19.71
C ILE C 113 -3.52 -33.44 -19.71
N PRO C 114 -2.90 -33.33 -20.89
CA PRO C 114 -1.44 -33.29 -20.96
C PRO C 114 -0.80 -32.32 -19.98
N VAL C 115 0.21 -32.80 -19.28
CA VAL C 115 0.91 -32.00 -18.29
C VAL C 115 2.27 -32.64 -18.03
N PRO C 116 3.27 -31.85 -17.61
CA PRO C 116 4.58 -32.46 -17.37
C PRO C 116 4.53 -33.42 -16.17
N GLU C 117 5.20 -34.56 -16.29
CA GLU C 117 5.23 -35.55 -15.21
C GLU C 117 5.60 -34.82 -13.91
N TYR C 118 4.99 -35.21 -12.80
CA TYR C 118 5.28 -34.56 -11.53
C TYR C 118 5.43 -35.57 -10.40
N LYS C 119 5.81 -35.06 -9.24
CA LYS C 119 6.00 -35.90 -8.06
C LYS C 119 5.98 -35.03 -6.80
N LEU C 120 5.23 -35.46 -5.79
CA LEU C 120 5.16 -34.74 -4.53
C LEU C 120 6.48 -35.02 -3.82
N VAL C 121 6.99 -34.07 -3.05
CA VAL C 121 8.25 -34.31 -2.36
C VAL C 121 8.04 -34.66 -0.89
N LYS C 122 8.64 -35.77 -0.47
CA LYS C 122 8.58 -36.23 0.91
C LYS C 122 9.97 -36.06 1.50
N ASP C 123 10.97 -36.18 0.63
CA ASP C 123 12.37 -35.97 0.98
C ASP C 123 13.08 -35.69 -0.35
N LEU C 124 13.29 -34.40 -0.59
CA LEU C 124 13.88 -33.88 -1.81
C LEU C 124 15.08 -34.60 -2.43
N GLU C 125 16.18 -34.69 -1.68
CA GLU C 125 17.40 -35.35 -2.18
C GLU C 125 17.13 -36.64 -2.94
N SER C 126 16.24 -37.48 -2.40
CA SER C 126 15.92 -38.74 -3.06
C SER C 126 14.90 -38.57 -4.19
N ASP C 127 13.90 -37.71 -3.97
CA ASP C 127 12.86 -37.48 -4.97
C ASP C 127 13.38 -36.96 -6.30
N VAL C 128 14.32 -36.03 -6.26
CA VAL C 128 14.90 -35.47 -7.48
C VAL C 128 15.56 -36.54 -8.36
N ARG C 129 15.97 -37.64 -7.75
CA ARG C 129 16.63 -38.71 -8.48
C ARG C 129 15.73 -39.43 -9.48
N GLU C 130 14.43 -39.42 -9.22
CA GLU C 130 13.48 -40.07 -10.12
C GLU C 130 13.44 -39.27 -11.44
N PHE C 131 13.87 -38.01 -11.36
CA PHE C 131 13.88 -37.12 -12.53
C PHE C 131 15.26 -36.86 -13.11
N GLY C 132 16.28 -36.80 -12.26
CA GLY C 132 17.62 -36.50 -12.74
C GLY C 132 17.65 -34.99 -12.94
N PHE C 133 18.83 -34.43 -13.19
CA PHE C 133 18.90 -32.98 -13.37
C PHE C 133 18.92 -32.58 -14.86
N PRO C 134 18.33 -31.42 -15.20
CA PRO C 134 17.67 -30.49 -14.28
C PRO C 134 16.21 -30.88 -14.00
N VAL C 135 15.68 -30.42 -12.88
CA VAL C 135 14.30 -30.70 -12.50
C VAL C 135 13.71 -29.46 -11.83
N VAL C 136 12.40 -29.28 -11.95
CA VAL C 136 11.74 -28.11 -11.40
C VAL C 136 10.93 -28.32 -10.13
N GLN C 137 11.19 -27.50 -9.12
CA GLN C 137 10.48 -27.57 -7.85
C GLN C 137 9.56 -26.35 -7.73
N LYS C 138 8.32 -26.60 -7.32
CA LYS C 138 7.34 -25.52 -7.17
C LYS C 138 6.60 -25.61 -5.85
N ALA C 139 6.20 -24.45 -5.32
CA ALA C 139 5.45 -24.41 -4.09
C ALA C 139 4.02 -24.86 -4.42
N ARG C 140 3.42 -25.67 -3.55
CA ARG C 140 2.06 -26.14 -3.78
C ARG C 140 1.11 -24.97 -3.64
N LYS C 141 1.35 -24.15 -2.62
CA LYS C 141 0.54 -22.97 -2.38
C LYS C 141 1.47 -21.81 -2.04
N GLY C 142 2.07 -21.22 -3.07
CA GLY C 142 2.97 -20.10 -2.87
C GLY C 142 2.44 -19.04 -1.93
N GLY C 148 8.42 -19.36 -5.23
CA GLY C 148 7.41 -19.95 -6.09
C GLY C 148 7.91 -21.09 -6.97
N VAL C 149 8.88 -20.80 -7.83
CA VAL C 149 9.43 -21.81 -8.72
C VAL C 149 10.97 -21.82 -8.70
N PHE C 150 11.54 -23.02 -8.65
CA PHE C 150 12.98 -23.18 -8.59
C PHE C 150 13.47 -24.37 -9.42
N ILE C 151 14.42 -24.10 -10.32
CA ILE C 151 14.96 -25.16 -11.15
C ILE C 151 16.23 -25.76 -10.52
N ILE C 152 16.14 -27.02 -10.13
CA ILE C 152 17.25 -27.73 -9.50
C ILE C 152 18.20 -28.27 -10.57
N LYS C 153 19.34 -27.62 -10.73
CA LYS C 153 20.32 -28.00 -11.75
C LYS C 153 21.32 -29.07 -11.35
N ASN C 154 21.49 -29.26 -10.04
CA ASN C 154 22.41 -30.26 -9.53
C ASN C 154 22.19 -30.41 -8.03
N GLU C 155 22.90 -31.34 -7.40
CA GLU C 155 22.74 -31.56 -5.97
C GLU C 155 23.02 -30.30 -5.16
N LYS C 156 23.96 -29.50 -5.63
CA LYS C 156 24.32 -28.27 -4.95
C LYS C 156 23.12 -27.34 -4.75
N ASP C 157 22.17 -27.39 -5.69
CA ASP C 157 20.99 -26.56 -5.61
C ASP C 157 19.99 -27.04 -4.56
N LEU C 158 20.14 -28.29 -4.13
CA LEU C 158 19.24 -28.84 -3.12
C LEU C 158 19.33 -28.04 -1.83
N GLU C 159 20.41 -27.27 -1.68
CA GLU C 159 20.60 -26.46 -0.48
C GLU C 159 19.91 -25.10 -0.58
N ASN C 160 19.30 -24.83 -1.73
CA ASN C 160 18.60 -23.57 -1.93
C ASN C 160 17.16 -23.85 -2.34
N ALA C 161 16.72 -25.07 -2.06
CA ALA C 161 15.37 -25.49 -2.39
C ALA C 161 14.30 -24.63 -1.75
N ILE C 162 13.08 -24.77 -2.23
CA ILE C 162 11.94 -24.03 -1.69
C ILE C 162 11.46 -24.78 -0.46
N LYS C 163 11.22 -24.04 0.62
CA LYS C 163 10.78 -24.64 1.88
C LYS C 163 9.26 -24.84 1.92
N GLY C 164 8.82 -25.81 2.69
CA GLY C 164 7.40 -26.07 2.81
C GLY C 164 6.86 -27.12 1.86
N GLU C 165 5.55 -27.07 1.65
CA GLU C 165 4.87 -28.00 0.77
C GLU C 165 5.28 -27.74 -0.68
N THR C 166 5.88 -28.74 -1.32
CA THR C 166 6.29 -28.59 -2.70
C THR C 166 6.19 -29.89 -3.48
N TYR C 167 6.39 -29.78 -4.78
CA TYR C 167 6.37 -30.92 -5.67
C TYR C 167 7.37 -30.69 -6.79
N LEU C 168 7.61 -31.73 -7.57
CA LEU C 168 8.53 -31.67 -8.67
C LEU C 168 7.82 -31.98 -9.97
N GLU C 169 8.31 -31.40 -11.06
CA GLU C 169 7.79 -31.70 -12.38
C GLU C 169 8.98 -31.66 -13.32
N GLU C 170 8.94 -32.50 -14.36
CA GLU C 170 10.03 -32.57 -15.30
C GLU C 170 10.26 -31.24 -15.98
N PHE C 171 11.54 -30.90 -16.14
CA PHE C 171 11.91 -29.67 -16.80
C PHE C 171 11.50 -29.84 -18.24
N VAL C 172 10.94 -28.79 -18.83
CA VAL C 172 10.55 -28.89 -20.22
C VAL C 172 11.13 -27.72 -21.01
N GLU C 173 11.49 -27.99 -22.26
CA GLU C 173 12.07 -26.96 -23.13
C GLU C 173 10.91 -26.16 -23.69
N ILE C 174 10.74 -24.95 -23.19
CA ILE C 174 9.66 -24.08 -23.62
C ILE C 174 9.97 -23.28 -24.88
N GLU C 175 9.15 -23.46 -25.90
CA GLU C 175 9.28 -22.72 -27.15
C GLU C 175 8.54 -21.40 -26.98
N LYS C 176 7.33 -21.49 -26.44
CA LYS C 176 6.48 -20.34 -26.19
C LYS C 176 5.45 -20.61 -25.11
N GLU C 177 5.12 -19.58 -24.35
CA GLU C 177 4.12 -19.70 -23.32
C GLU C 177 2.83 -19.11 -23.90
N LEU C 178 1.78 -19.93 -23.88
CA LEU C 178 0.50 -19.57 -24.42
C LEU C 178 -0.59 -19.43 -23.36
N ALA C 179 -1.67 -18.76 -23.75
CA ALA C 179 -2.81 -18.55 -22.88
C ALA C 179 -4.06 -18.49 -23.75
N VAL C 180 -5.19 -18.89 -23.18
CA VAL C 180 -6.46 -18.86 -23.90
C VAL C 180 -7.61 -18.75 -22.91
N MSE C 181 -8.48 -17.77 -23.14
CA MSE C 181 -9.65 -17.58 -22.29
C MSE C 181 -10.73 -18.51 -22.80
O MSE C 181 -11.05 -18.50 -23.99
CB MSE C 181 -10.16 -16.13 -22.39
CG MSE C 181 -9.14 -15.05 -22.02
SE MSE C 181 -8.32 -15.29 -20.28
CE MSE C 181 -9.93 -15.25 -19.20
N VAL C 182 -11.30 -19.32 -21.91
CA VAL C 182 -12.37 -20.25 -22.28
C VAL C 182 -13.57 -20.05 -21.36
N ALA C 183 -14.77 -19.90 -21.94
CA ALA C 183 -15.96 -19.73 -21.14
C ALA C 183 -16.94 -20.88 -21.34
N ARG C 184 -17.67 -21.22 -20.28
CA ARG C 184 -18.64 -22.30 -20.33
C ARG C 184 -19.89 -21.99 -19.49
N ASN C 185 -21.04 -22.36 -20.05
CA ASN C 185 -22.36 -22.20 -19.44
C ASN C 185 -22.62 -23.34 -18.46
N GLU C 186 -23.62 -23.18 -17.59
CA GLU C 186 -23.97 -24.27 -16.69
C GLU C 186 -24.63 -25.28 -17.62
N LYS C 187 -25.14 -24.80 -18.74
CA LYS C 187 -25.79 -25.62 -19.77
C LYS C 187 -24.75 -26.37 -20.61
N GLY C 188 -23.49 -25.97 -20.51
CA GLY C 188 -22.48 -26.67 -21.26
C GLY C 188 -21.99 -26.03 -22.54
N GLU C 189 -22.53 -24.87 -22.90
CA GLU C 189 -22.04 -24.25 -24.11
C GLU C 189 -20.64 -23.67 -23.86
N ILE C 190 -19.75 -23.81 -24.83
CA ILE C 190 -18.41 -23.27 -24.67
C ILE C 190 -18.08 -22.29 -25.78
N ALA C 191 -17.31 -21.27 -25.41
CA ALA C 191 -16.85 -20.23 -26.34
C ALA C 191 -15.35 -20.14 -26.06
N CYS C 192 -14.54 -20.51 -27.04
CA CYS C 192 -13.09 -20.48 -26.87
C CYS C 192 -12.49 -19.31 -27.64
N TYR C 193 -11.70 -18.49 -26.95
CA TYR C 193 -11.08 -17.34 -27.57
C TYR C 193 -9.84 -17.75 -28.33
N PRO C 194 -9.21 -16.81 -29.05
CA PRO C 194 -8.01 -17.13 -29.81
C PRO C 194 -6.88 -17.38 -28.82
N VAL C 195 -5.93 -18.21 -29.21
CA VAL C 195 -4.80 -18.49 -28.34
C VAL C 195 -3.89 -17.28 -28.50
N VAL C 196 -3.33 -16.79 -27.39
CA VAL C 196 -2.44 -15.65 -27.43
C VAL C 196 -1.04 -16.08 -26.99
N GLU C 197 -0.07 -15.21 -27.19
CA GLU C 197 1.32 -15.49 -26.86
C GLU C 197 1.86 -14.53 -25.80
N MSE C 198 2.61 -15.07 -24.84
CA MSE C 198 3.21 -14.24 -23.81
C MSE C 198 4.58 -13.82 -24.36
O MSE C 198 5.44 -14.66 -24.63
CB MSE C 198 3.38 -15.02 -22.51
CG MSE C 198 2.11 -15.65 -21.99
SE MSE C 198 0.65 -14.41 -21.79
CE MSE C 198 1.53 -13.13 -20.66
N TYR C 199 4.78 -12.52 -24.53
CA TYR C 199 6.03 -12.02 -25.07
C TYR C 199 7.11 -11.97 -23.98
N THR C 209 3.65 -8.73 -21.39
CA THR C 209 2.81 -8.26 -22.49
C THR C 209 2.21 -9.43 -23.28
N VAL C 210 1.06 -9.18 -23.89
CA VAL C 210 0.37 -10.22 -24.64
C VAL C 210 0.25 -9.93 -26.14
N ILE C 211 0.39 -10.97 -26.95
CA ILE C 211 0.27 -10.85 -28.41
C ILE C 211 -0.90 -11.73 -28.88
N ALA C 212 -1.84 -11.14 -29.61
CA ALA C 212 -3.00 -11.88 -30.11
C ALA C 212 -3.20 -11.60 -31.59
N PRO C 213 -3.30 -12.66 -32.41
CA PRO C 213 -3.24 -14.06 -32.01
C PRO C 213 -1.78 -14.52 -31.86
N ALA C 214 -1.57 -15.66 -31.21
CA ALA C 214 -0.21 -16.18 -31.01
C ALA C 214 0.46 -16.48 -32.35
N ARG C 215 1.73 -16.10 -32.45
CA ARG C 215 2.49 -16.32 -33.66
C ARG C 215 3.01 -17.75 -33.73
N ILE C 216 2.08 -18.67 -33.91
CA ILE C 216 2.38 -20.08 -34.00
C ILE C 216 1.50 -20.70 -35.09
N GLU C 217 1.90 -21.86 -35.60
CA GLU C 217 1.14 -22.54 -36.64
C GLU C 217 -0.25 -22.96 -36.21
N GLU C 218 -1.15 -23.06 -37.19
CA GLU C 218 -2.53 -23.43 -36.96
C GLU C 218 -2.66 -24.75 -36.21
N LYS C 219 -1.83 -25.73 -36.56
CA LYS C 219 -1.87 -27.04 -35.91
C LYS C 219 -1.76 -26.93 -34.38
N TYR C 220 -0.88 -26.06 -33.89
CA TYR C 220 -0.71 -25.90 -32.45
C TYR C 220 -1.84 -25.08 -31.83
N SER C 221 -2.24 -24.00 -32.52
CA SER C 221 -3.29 -23.16 -31.99
C SER C 221 -4.56 -23.99 -31.84
N LYS C 222 -4.80 -24.90 -32.77
CA LYS C 222 -5.98 -25.75 -32.71
C LYS C 222 -5.88 -26.72 -31.54
N ILE C 223 -4.75 -27.40 -31.40
CA ILE C 223 -4.58 -28.33 -30.31
C ILE C 223 -4.70 -27.54 -29.00
N ALA C 224 -4.05 -26.39 -28.93
CA ALA C 224 -4.09 -25.58 -27.72
C ALA C 224 -5.51 -25.18 -27.32
N ARG C 225 -6.36 -24.86 -28.30
CA ARG C 225 -7.74 -24.48 -28.00
C ARG C 225 -8.50 -25.70 -27.47
N GLU C 226 -8.28 -26.84 -28.11
CA GLU C 226 -8.94 -28.08 -27.71
C GLU C 226 -8.57 -28.49 -26.29
N ILE C 227 -7.28 -28.36 -25.96
CA ILE C 227 -6.81 -28.71 -24.63
C ILE C 227 -7.42 -27.76 -23.59
N ALA C 228 -7.35 -26.47 -23.87
CA ALA C 228 -7.89 -25.46 -22.95
C ALA C 228 -9.35 -25.77 -22.69
N THR C 229 -10.07 -26.04 -23.77
CA THR C 229 -11.48 -26.37 -23.67
C THR C 229 -11.70 -27.61 -22.81
N SER C 230 -10.99 -28.69 -23.12
CA SER C 230 -11.15 -29.93 -22.36
C SER C 230 -10.86 -29.75 -20.88
N VAL C 231 -10.16 -28.68 -20.53
CA VAL C 231 -9.86 -28.41 -19.12
C VAL C 231 -11.13 -27.92 -18.45
N VAL C 232 -11.79 -26.95 -19.07
CA VAL C 232 -13.01 -26.38 -18.51
C VAL C 232 -14.15 -27.41 -18.60
N GLU C 233 -14.06 -28.32 -19.56
CA GLU C 233 -15.07 -29.36 -19.71
C GLU C 233 -14.96 -30.41 -18.59
N ALA C 234 -13.74 -30.90 -18.33
CA ALA C 234 -13.53 -31.90 -17.29
C ALA C 234 -13.87 -31.27 -15.93
N LEU C 235 -13.65 -29.97 -15.87
CA LEU C 235 -13.91 -29.21 -14.67
C LEU C 235 -15.41 -28.93 -14.57
N GLU C 236 -16.10 -28.95 -15.71
CA GLU C 236 -17.54 -28.64 -15.73
C GLU C 236 -17.69 -27.23 -15.15
N GLY C 237 -16.70 -26.39 -15.41
CA GLY C 237 -16.73 -25.04 -14.89
C GLY C 237 -17.77 -24.13 -15.51
N VAL C 238 -18.15 -23.12 -14.75
CA VAL C 238 -19.11 -22.13 -15.18
C VAL C 238 -18.44 -20.79 -14.97
N GLY C 239 -18.27 -20.03 -16.05
CA GLY C 239 -17.63 -18.74 -15.98
C GLY C 239 -16.57 -18.69 -17.06
N ILE C 240 -15.67 -17.71 -17.03
CA ILE C 240 -14.64 -17.66 -18.04
C ILE C 240 -13.31 -18.04 -17.38
N PHE C 241 -12.56 -18.92 -18.06
CA PHE C 241 -11.30 -19.36 -17.50
C PHE C 241 -10.10 -19.01 -18.38
N GLY C 242 -8.98 -18.77 -17.71
CA GLY C 242 -7.74 -18.45 -18.41
C GLY C 242 -6.84 -19.66 -18.26
N ILE C 243 -6.51 -20.31 -19.37
CA ILE C 243 -5.67 -21.49 -19.36
C ILE C 243 -4.28 -21.20 -19.89
N GLU C 244 -3.28 -21.29 -19.01
CA GLU C 244 -1.89 -21.06 -19.37
C GLU C 244 -1.26 -22.36 -19.80
N MSE C 245 -0.61 -22.36 -20.96
CA MSE C 245 0.00 -23.58 -21.48
C MSE C 245 1.41 -23.39 -22.03
O MSE C 245 1.84 -22.28 -22.31
CB MSE C 245 -0.88 -24.15 -22.57
CG MSE C 245 -2.32 -24.41 -22.16
SE MSE C 245 -3.42 -24.74 -23.70
CE MSE C 245 -3.63 -22.91 -24.26
N PHE C 246 2.13 -24.50 -22.17
CA PHE C 246 3.48 -24.46 -22.71
C PHE C 246 3.52 -25.14 -24.07
N LEU C 247 4.25 -24.52 -24.99
CA LEU C 247 4.46 -25.09 -26.33
C LEU C 247 5.93 -25.50 -26.26
N THR C 248 6.21 -26.79 -26.26
CA THR C 248 7.61 -27.25 -26.17
C THR C 248 8.30 -27.35 -27.53
N LYS C 249 9.62 -27.46 -27.51
CA LYS C 249 10.41 -27.57 -28.73
C LYS C 249 10.03 -28.85 -29.48
N GLN C 250 9.44 -29.80 -28.74
CA GLN C 250 9.03 -31.06 -29.34
C GLN C 250 7.58 -31.05 -29.83
N GLY C 251 7.03 -29.85 -29.96
CA GLY C 251 5.66 -29.70 -30.45
C GLY C 251 4.55 -30.22 -29.56
N GLU C 252 4.78 -30.16 -28.26
CA GLU C 252 3.79 -30.63 -27.29
C GLU C 252 3.14 -29.42 -26.63
N ILE C 253 1.87 -29.56 -26.26
CA ILE C 253 1.14 -28.49 -25.58
C ILE C 253 0.74 -29.03 -24.20
N LEU C 254 1.26 -28.39 -23.16
CA LEU C 254 1.00 -28.81 -21.78
C LEU C 254 0.36 -27.68 -20.99
N VAL C 255 -0.55 -28.04 -20.09
CA VAL C 255 -1.19 -27.03 -19.26
C VAL C 255 -0.35 -26.76 -18.02
N ASN C 256 -0.12 -25.48 -17.74
CA ASN C 256 0.68 -25.08 -16.60
C ASN C 256 -0.12 -24.40 -15.50
N GLU C 257 -1.24 -23.79 -15.86
CA GLU C 257 -2.07 -23.10 -14.87
C GLU C 257 -3.50 -22.83 -15.32
N ILE C 258 -4.37 -22.63 -14.34
CA ILE C 258 -5.76 -22.35 -14.57
C ILE C 258 -6.18 -21.17 -13.70
N ALA C 259 -6.85 -20.19 -14.30
CA ALA C 259 -7.34 -19.03 -13.56
C ALA C 259 -8.87 -19.06 -13.68
N PRO C 260 -9.58 -19.28 -12.56
CA PRO C 260 -11.04 -19.34 -12.56
C PRO C 260 -11.69 -17.95 -12.56
N ARG C 261 -11.32 -17.13 -13.53
CA ARG C 261 -11.84 -15.76 -13.61
C ARG C 261 -11.27 -15.04 -14.84
N PRO C 262 -11.78 -13.84 -15.15
CA PRO C 262 -11.26 -13.09 -16.29
C PRO C 262 -9.80 -12.90 -15.90
N HIS C 263 -8.88 -12.94 -16.86
CA HIS C 263 -7.46 -12.86 -16.55
C HIS C 263 -6.74 -11.71 -17.25
N ASN C 264 -5.58 -11.34 -16.71
CA ASN C 264 -4.82 -10.24 -17.30
C ASN C 264 -4.46 -10.55 -18.75
N SER C 265 -4.21 -11.83 -19.05
CA SER C 265 -3.86 -12.21 -20.41
C SER C 265 -5.09 -12.16 -21.31
N GLY C 266 -6.23 -11.73 -20.75
CA GLY C 266 -7.45 -11.67 -21.53
C GLY C 266 -8.01 -10.28 -21.79
N HIS C 267 -7.29 -9.23 -21.41
CA HIS C 267 -7.81 -7.87 -21.61
C HIS C 267 -7.88 -7.47 -23.09
N TYR C 268 -7.01 -8.04 -23.91
CA TYR C 268 -6.99 -7.72 -25.33
C TYR C 268 -8.38 -7.89 -25.96
N THR C 269 -9.17 -8.84 -25.47
CA THR C 269 -10.49 -9.08 -26.03
C THR C 269 -11.37 -7.83 -26.05
N ILE C 270 -11.14 -6.93 -25.11
CA ILE C 270 -11.93 -5.71 -25.05
C ILE C 270 -11.76 -4.84 -26.29
N GLU C 271 -10.56 -4.83 -26.85
CA GLU C 271 -10.28 -4.03 -28.04
C GLU C 271 -10.31 -4.82 -29.34
N ALA C 272 -10.04 -6.13 -29.29
CA ALA C 272 -9.95 -6.93 -30.49
C ALA C 272 -11.00 -7.98 -30.79
N CYS C 273 -11.82 -8.35 -29.81
CA CYS C 273 -12.86 -9.36 -30.02
C CYS C 273 -14.26 -8.77 -29.98
N VAL C 274 -15.22 -9.47 -30.58
CA VAL C 274 -16.59 -8.98 -30.61
C VAL C 274 -17.18 -8.92 -29.19
N THR C 275 -16.91 -9.92 -28.36
CA THR C 275 -17.40 -9.85 -26.98
C THR C 275 -16.22 -10.01 -26.03
N SER C 276 -16.04 -9.03 -25.15
CA SER C 276 -14.93 -9.05 -24.20
C SER C 276 -15.07 -10.18 -23.18
N GLN C 277 -13.95 -10.52 -22.55
CA GLN C 277 -13.91 -11.58 -21.55
C GLN C 277 -14.84 -11.30 -20.37
N PHE C 278 -15.07 -10.03 -20.10
CA PHE C 278 -15.94 -9.64 -19.00
C PHE C 278 -17.42 -9.87 -19.35
N GLU C 279 -17.84 -9.46 -20.55
CA GLU C 279 -19.23 -9.68 -20.94
C GLU C 279 -19.44 -11.19 -20.94
N GLN C 280 -18.49 -11.93 -21.49
CA GLN C 280 -18.58 -13.39 -21.54
C GLN C 280 -18.73 -14.04 -20.18
N HIS C 281 -17.99 -13.55 -19.19
CA HIS C 281 -18.03 -14.10 -17.85
C HIS C 281 -19.42 -13.94 -17.28
N ILE C 282 -20.01 -12.77 -17.47
CA ILE C 282 -21.34 -12.52 -16.96
C ILE C 282 -22.35 -13.40 -17.67
N ARG C 283 -22.22 -13.57 -18.98
CA ARG C 283 -23.15 -14.43 -19.71
C ARG C 283 -23.03 -15.86 -19.19
N ALA C 284 -21.79 -16.30 -19.01
CA ALA C 284 -21.54 -17.66 -18.55
C ALA C 284 -22.15 -17.93 -17.18
N ILE C 285 -21.89 -17.08 -16.20
CA ILE C 285 -22.44 -17.31 -14.88
C ILE C 285 -23.95 -17.09 -14.78
N MSE C 286 -24.55 -16.42 -15.76
CA MSE C 286 -25.99 -16.18 -15.74
C MSE C 286 -26.69 -17.25 -16.57
O MSE C 286 -27.92 -17.27 -16.70
CB MSE C 286 -26.33 -14.79 -16.28
CG MSE C 286 -25.86 -13.66 -15.38
SE MSE C 286 -26.35 -13.94 -13.53
CE MSE C 286 -28.26 -13.84 -13.71
N ASN C 287 -25.88 -18.13 -17.13
CA ASN C 287 -26.36 -19.23 -17.95
C ASN C 287 -27.11 -18.74 -19.19
N LEU C 288 -26.56 -17.69 -19.79
CA LEU C 288 -27.12 -17.08 -20.99
C LEU C 288 -26.31 -17.54 -22.18
N PRO C 289 -26.84 -17.33 -23.40
CA PRO C 289 -26.08 -17.74 -24.59
C PRO C 289 -24.73 -17.02 -24.62
N LEU C 290 -23.69 -17.75 -24.99
CA LEU C 290 -22.35 -17.17 -25.06
C LEU C 290 -22.18 -16.31 -26.31
N GLY C 291 -21.32 -15.29 -26.22
CA GLY C 291 -21.09 -14.42 -27.35
C GLY C 291 -19.97 -14.86 -28.27
N SER C 292 -19.92 -14.28 -29.46
CA SER C 292 -18.89 -14.59 -30.44
C SER C 292 -17.49 -14.18 -30.01
N THR C 293 -16.50 -15.05 -30.23
CA THR C 293 -15.13 -14.75 -29.84
C THR C 293 -14.26 -14.36 -31.02
N GLU C 294 -14.89 -13.94 -32.12
CA GLU C 294 -14.19 -13.54 -33.32
C GLU C 294 -13.19 -12.41 -33.06
N LEU C 295 -11.97 -12.59 -33.54
CA LEU C 295 -10.92 -11.59 -33.41
C LEU C 295 -11.01 -10.63 -34.60
N LEU C 296 -11.47 -9.42 -34.34
CA LEU C 296 -11.62 -8.44 -35.41
C LEU C 296 -10.29 -7.90 -35.91
N ILE C 297 -9.33 -7.75 -35.00
CA ILE C 297 -8.03 -7.22 -35.36
C ILE C 297 -6.95 -7.70 -34.39
N PRO C 298 -5.72 -7.91 -34.89
CA PRO C 298 -4.58 -8.36 -34.09
C PRO C 298 -4.29 -7.32 -33.00
N ALA C 299 -3.82 -7.76 -31.85
CA ALA C 299 -3.54 -6.82 -30.78
C ALA C 299 -2.46 -7.27 -29.80
N VAL C 300 -1.68 -6.32 -29.33
CA VAL C 300 -0.63 -6.58 -28.37
C VAL C 300 -0.88 -5.67 -27.17
N MSE C 301 -1.00 -6.26 -25.98
CA MSE C 301 -1.28 -5.51 -24.77
C MSE C 301 -0.05 -5.42 -23.88
O MSE C 301 0.74 -6.36 -23.81
CB MSE C 301 -2.41 -6.16 -23.98
CG MSE C 301 -2.69 -5.50 -22.65
SE MSE C 301 -3.05 -6.76 -21.23
CE MSE C 301 -1.22 -7.21 -20.80
N VAL C 302 0.11 -4.29 -23.19
CA VAL C 302 1.24 -4.06 -22.30
C VAL C 302 0.76 -3.50 -20.96
N ASN C 303 1.20 -4.09 -19.86
CA ASN C 303 0.81 -3.62 -18.54
C ASN C 303 1.62 -2.39 -18.13
N LEU C 304 0.93 -1.39 -17.55
CA LEU C 304 1.59 -0.18 -17.08
C LEU C 304 1.90 -0.40 -15.62
N LEU C 305 3.18 -0.39 -15.26
CA LEU C 305 3.56 -0.59 -13.87
C LEU C 305 4.09 0.68 -13.23
N GLY C 306 3.97 0.76 -11.91
CA GLY C 306 4.47 1.93 -11.20
C GLY C 306 5.97 2.02 -11.38
N GLU C 307 6.43 3.18 -11.82
CA GLU C 307 7.85 3.40 -12.06
C GLU C 307 8.62 3.41 -10.73
N GLU C 308 9.80 2.80 -10.73
CA GLU C 308 10.62 2.73 -9.53
C GLU C 308 10.97 4.06 -8.90
N GLY C 309 11.00 4.09 -7.57
CA GLY C 309 11.36 5.29 -6.84
C GLY C 309 10.25 6.31 -6.64
N TYR C 310 9.03 5.94 -6.98
CA TYR C 310 7.90 6.83 -6.84
C TYR C 310 6.82 6.19 -5.96
N TYR C 311 6.18 7.00 -5.12
CA TYR C 311 5.13 6.54 -4.21
C TYR C 311 4.14 7.67 -3.98
N GLY C 312 2.87 7.32 -3.82
CA GLY C 312 1.85 8.35 -3.58
C GLY C 312 0.86 8.55 -4.70
N LYS C 313 0.18 9.70 -4.71
CA LYS C 313 -0.79 9.99 -5.76
C LYS C 313 -0.07 9.86 -7.10
N PRO C 314 -0.61 9.03 -8.00
CA PRO C 314 -0.01 8.80 -9.32
C PRO C 314 -0.10 10.00 -10.25
N ALA C 315 0.74 9.95 -11.29
CA ALA C 315 0.80 10.99 -12.29
C ALA C 315 1.28 10.32 -13.56
N LEU C 316 0.45 10.38 -14.60
CA LEU C 316 0.78 9.77 -15.88
C LEU C 316 1.64 10.70 -16.70
N ILE C 317 2.65 10.15 -17.37
CA ILE C 317 3.48 10.96 -18.22
C ILE C 317 3.69 10.23 -19.56
N GLY C 318 3.50 10.96 -20.65
CA GLY C 318 3.66 10.38 -21.97
C GLY C 318 2.37 10.10 -22.71
N LEU C 319 1.24 10.49 -22.14
CA LEU C 319 -0.04 10.24 -22.79
C LEU C 319 -0.12 10.86 -24.19
N GLU C 320 0.09 12.17 -24.27
CA GLU C 320 0.04 12.87 -25.55
C GLU C 320 0.89 12.22 -26.63
N GLU C 321 2.16 11.95 -26.33
CA GLU C 321 3.05 11.32 -27.29
C GLU C 321 2.57 9.93 -27.68
N ALA C 322 2.19 9.14 -26.68
CA ALA C 322 1.72 7.77 -26.91
C ALA C 322 0.42 7.68 -27.72
N LEU C 323 -0.49 8.63 -27.52
CA LEU C 323 -1.76 8.60 -28.26
C LEU C 323 -1.56 8.98 -29.73
N ALA C 324 -0.37 9.44 -30.08
CA ALA C 324 -0.11 9.82 -31.48
C ALA C 324 0.20 8.57 -32.29
N ILE C 325 0.26 7.42 -31.62
CA ILE C 325 0.52 6.16 -32.29
C ILE C 325 -0.83 5.54 -32.69
N GLU C 326 -1.06 5.36 -33.99
CA GLU C 326 -2.32 4.79 -34.47
C GLU C 326 -2.63 3.44 -33.84
N GLY C 327 -3.87 3.30 -33.36
CA GLY C 327 -4.30 2.04 -32.77
C GLY C 327 -4.03 1.87 -31.28
N LEU C 328 -3.32 2.82 -30.67
CA LEU C 328 -3.00 2.76 -29.24
C LEU C 328 -4.15 3.26 -28.38
N SER C 329 -4.60 2.45 -27.42
CA SER C 329 -5.66 2.86 -26.52
C SER C 329 -5.16 2.65 -25.10
N LEU C 330 -5.54 3.56 -24.21
CA LEU C 330 -5.09 3.51 -22.82
C LEU C 330 -6.16 3.16 -21.81
N HIS C 331 -5.80 2.33 -20.84
CA HIS C 331 -6.72 1.97 -19.77
C HIS C 331 -5.96 2.16 -18.48
N PHE C 332 -6.01 3.37 -17.94
CA PHE C 332 -5.34 3.70 -16.70
C PHE C 332 -6.29 3.41 -15.56
N TYR C 333 -5.91 2.50 -14.67
CA TYR C 333 -6.77 2.20 -13.51
C TYR C 333 -6.62 3.40 -12.59
N GLY C 334 -7.70 3.83 -11.95
CA GLY C 334 -7.60 4.98 -11.08
C GLY C 334 -7.13 4.71 -9.66
N LYS C 335 -6.07 3.92 -9.49
CA LYS C 335 -5.58 3.60 -8.15
C LYS C 335 -5.08 4.84 -7.44
N LYS C 336 -5.44 4.97 -6.18
CA LYS C 336 -5.06 6.13 -5.37
C LYS C 336 -3.56 6.27 -5.19
N GLU C 337 -2.86 5.15 -5.04
CA GLU C 337 -1.43 5.20 -4.82
C GLU C 337 -0.64 4.33 -5.78
N THR C 338 0.57 4.79 -6.09
CA THR C 338 1.45 4.06 -6.97
C THR C 338 2.68 3.69 -6.16
N ARG C 339 3.31 2.60 -6.56
CA ARG C 339 4.53 2.13 -5.93
C ARG C 339 5.15 1.20 -6.97
N PRO C 340 6.49 1.18 -7.04
CA PRO C 340 7.24 0.34 -7.97
C PRO C 340 6.64 -1.02 -8.29
N TYR C 341 6.57 -1.33 -9.58
CA TYR C 341 6.06 -2.58 -10.11
C TYR C 341 4.56 -2.87 -9.89
N ARG C 342 3.82 -1.90 -9.37
CA ARG C 342 2.40 -2.11 -9.15
C ARG C 342 1.61 -1.90 -10.44
N LYS C 343 0.65 -2.78 -10.70
CA LYS C 343 -0.18 -2.66 -11.90
C LYS C 343 -1.00 -1.38 -11.77
N MSE C 344 -0.72 -0.41 -12.63
CA MSE C 344 -1.45 0.86 -12.59
C MSE C 344 -2.42 1.00 -13.77
O MSE C 344 -3.20 1.95 -13.84
CB MSE C 344 -0.48 2.03 -12.56
CG MSE C 344 0.39 2.09 -11.31
SE MSE C 344 -0.67 2.18 -9.69
CE MSE C 344 -1.38 3.96 -9.90
N GLY C 345 -2.37 0.05 -14.70
CA GLY C 345 -3.24 0.07 -15.86
C GLY C 345 -2.58 -0.69 -17.00
N HIS C 346 -3.10 -0.51 -18.22
CA HIS C 346 -2.51 -1.17 -19.37
C HIS C 346 -2.91 -0.45 -20.65
N PHE C 347 -2.17 -0.69 -21.72
CA PHE C 347 -2.49 -0.08 -23.00
C PHE C 347 -2.44 -1.17 -24.05
N THR C 348 -3.15 -0.95 -25.16
CA THR C 348 -3.20 -1.93 -26.23
C THR C 348 -3.00 -1.27 -27.57
N VAL C 349 -2.40 -2.00 -28.50
CA VAL C 349 -2.21 -1.49 -29.85
C VAL C 349 -2.82 -2.49 -30.79
N VAL C 350 -3.78 -2.03 -31.59
CA VAL C 350 -4.40 -2.90 -32.56
C VAL C 350 -3.86 -2.50 -33.93
N ASP C 351 -3.60 -3.51 -34.76
CA ASP C 351 -3.08 -3.29 -36.10
C ASP C 351 -3.37 -4.54 -36.90
N ARG C 352 -3.63 -4.40 -38.19
CA ARG C 352 -3.92 -5.56 -39.02
C ARG C 352 -2.71 -6.47 -39.10
N ASP C 353 -1.54 -5.87 -38.92
CA ASP C 353 -0.27 -6.59 -38.94
C ASP C 353 0.19 -6.70 -37.48
N VAL C 354 0.07 -7.88 -36.89
CA VAL C 354 0.46 -8.06 -35.50
C VAL C 354 1.90 -7.64 -35.24
N GLU C 355 2.80 -7.90 -36.19
CA GLU C 355 4.19 -7.51 -36.01
C GLU C 355 4.28 -5.98 -35.93
N ARG C 356 3.46 -5.30 -36.71
CA ARG C 356 3.46 -3.84 -36.72
C ARG C 356 2.89 -3.35 -35.38
N ALA C 357 1.98 -4.15 -34.81
CA ALA C 357 1.35 -3.81 -33.54
C ALA C 357 2.37 -3.96 -32.42
N LEU C 358 3.13 -5.06 -32.47
CA LEU C 358 4.16 -5.31 -31.47
C LEU C 358 5.18 -4.18 -31.49
N GLU C 359 5.62 -3.82 -32.69
CA GLU C 359 6.60 -2.76 -32.85
C GLU C 359 6.17 -1.47 -32.16
N LYS C 360 4.91 -1.08 -32.38
CA LYS C 360 4.36 0.12 -31.78
C LYS C 360 4.19 0.00 -30.28
N ALA C 361 3.68 -1.14 -29.81
CA ALA C 361 3.47 -1.35 -28.39
C ALA C 361 4.80 -1.25 -27.61
N LEU C 362 5.83 -1.88 -28.15
CA LEU C 362 7.14 -1.87 -27.51
C LEU C 362 7.75 -0.47 -27.51
N ARG C 363 7.38 0.33 -28.49
CA ARG C 363 7.89 1.70 -28.58
C ARG C 363 7.17 2.56 -27.53
N ALA C 364 5.87 2.36 -27.39
CA ALA C 364 5.07 3.11 -26.42
C ALA C 364 5.39 2.70 -24.98
N LYS C 365 5.87 1.47 -24.81
CA LYS C 365 6.21 0.98 -23.48
C LYS C 365 7.28 1.85 -22.83
N LYS C 366 8.20 2.37 -23.64
CA LYS C 366 9.28 3.23 -23.14
C LYS C 366 8.79 4.66 -22.97
N ILE C 367 7.66 4.98 -23.58
CA ILE C 367 7.11 6.33 -23.49
C ILE C 367 6.12 6.52 -22.33
N LEU C 368 5.20 5.57 -22.16
CA LEU C 368 4.23 5.66 -21.07
C LEU C 368 4.81 5.20 -19.74
N LYS C 369 4.77 6.08 -18.74
CA LYS C 369 5.28 5.75 -17.42
C LYS C 369 4.35 6.26 -16.34
N VAL C 370 4.24 5.52 -15.24
CA VAL C 370 3.40 5.94 -14.13
C VAL C 370 4.34 6.43 -13.03
N VAL C 371 4.19 7.70 -12.67
CA VAL C 371 5.02 8.32 -11.66
C VAL C 371 4.11 8.88 -10.55
N SER C 372 4.67 9.74 -9.70
CA SER C 372 3.91 10.38 -8.64
C SER C 372 4.29 11.85 -8.69
N GLU C 373 3.39 12.72 -8.25
CA GLU C 373 3.64 14.16 -8.25
C GLU C 373 4.79 14.56 -7.33
N MSE D 1 -3.53 15.46 -12.08
CA MSE D 1 -4.65 14.90 -12.89
C MSE D 1 -5.58 16.02 -13.37
O MSE D 1 -6.15 16.74 -12.56
CB MSE D 1 -5.43 13.88 -12.04
CG MSE D 1 -6.69 13.32 -12.72
SE MSE D 1 -7.61 11.93 -11.70
CE MSE D 1 -7.41 12.69 -9.92
N LYS D 2 -5.71 16.16 -14.70
CA LYS D 2 -6.57 17.20 -15.25
C LYS D 2 -8.04 16.88 -15.01
N LYS D 3 -8.81 17.91 -14.63
CA LYS D 3 -10.22 17.73 -14.32
C LYS D 3 -11.14 18.18 -15.45
N ILE D 4 -12.10 17.33 -15.79
CA ILE D 4 -13.06 17.62 -16.85
C ILE D 4 -14.45 17.83 -16.27
N GLY D 5 -15.07 18.95 -16.62
CA GLY D 5 -16.40 19.23 -16.14
C GLY D 5 -17.39 18.80 -17.21
N ILE D 6 -18.50 18.20 -16.81
CA ILE D 6 -19.50 17.75 -17.78
C ILE D 6 -20.92 18.17 -17.36
N ILE D 7 -21.53 19.03 -18.17
CA ILE D 7 -22.89 19.50 -17.89
C ILE D 7 -23.89 18.55 -18.53
N GLY D 8 -24.60 17.80 -17.69
CA GLY D 8 -25.57 16.84 -18.18
C GLY D 8 -25.10 15.44 -17.85
N GLY D 9 -25.78 14.80 -16.90
CA GLY D 9 -25.40 13.46 -16.48
C GLY D 9 -26.23 12.33 -17.03
N GLY D 10 -26.67 12.48 -18.28
CA GLY D 10 -27.47 11.45 -18.92
C GLY D 10 -26.63 10.30 -19.42
N GLN D 11 -27.21 9.49 -20.31
CA GLN D 11 -26.50 8.35 -20.85
C GLN D 11 -25.25 8.75 -21.62
N LEU D 12 -25.35 9.78 -22.45
CA LEU D 12 -24.20 10.23 -23.21
C LEU D 12 -23.10 10.67 -22.25
N GLY D 13 -23.49 11.47 -21.26
CA GLY D 13 -22.53 11.94 -20.27
C GLY D 13 -21.85 10.83 -19.51
N LYS D 14 -22.57 9.76 -19.24
CA LYS D 14 -22.01 8.64 -18.50
C LYS D 14 -20.93 7.93 -19.33
N MSE D 15 -21.27 7.62 -20.58
CA MSE D 15 -20.33 6.96 -21.47
C MSE D 15 -19.12 7.87 -21.69
O MSE D 15 -18.00 7.40 -21.97
CB MSE D 15 -21.03 6.64 -22.80
CG MSE D 15 -22.19 5.68 -22.61
SE MSE D 15 -23.36 5.49 -24.15
CE MSE D 15 -22.60 3.90 -24.89
N MSE D 16 -19.34 9.17 -21.51
CA MSE D 16 -18.32 10.20 -21.65
C MSE D 16 -17.36 10.16 -20.48
O MSE D 16 -16.13 10.13 -20.65
CB MSE D 16 -18.98 11.56 -21.70
CG MSE D 16 -18.61 12.45 -22.87
SE MSE D 16 -19.75 14.01 -22.83
CE MSE D 16 -21.13 13.41 -24.02
N THR D 17 -17.93 10.17 -19.27
CA THR D 17 -17.13 10.16 -18.04
C THR D 17 -16.34 8.87 -17.91
N LEU D 18 -16.94 7.76 -18.32
CA LEU D 18 -16.25 6.47 -18.22
C LEU D 18 -14.98 6.50 -19.07
N GLU D 19 -15.11 6.96 -20.32
CA GLU D 19 -13.96 7.03 -21.23
C GLU D 19 -12.96 8.05 -20.72
N ALA D 20 -13.44 9.16 -20.20
CA ALA D 20 -12.54 10.18 -19.69
C ALA D 20 -11.71 9.63 -18.52
N LYS D 21 -12.36 8.95 -17.59
CA LYS D 21 -11.64 8.40 -16.44
C LYS D 21 -10.66 7.30 -16.80
N LYS D 22 -10.99 6.47 -17.78
CA LYS D 22 -10.08 5.40 -18.16
C LYS D 22 -8.85 5.93 -18.87
N MSE D 23 -8.88 7.21 -19.22
CA MSE D 23 -7.75 7.84 -19.87
C MSE D 23 -6.93 8.55 -18.79
O MSE D 23 -5.90 9.16 -19.06
CB MSE D 23 -8.23 8.83 -20.94
CG MSE D 23 -7.15 9.25 -21.93
SE MSE D 23 -7.85 9.99 -23.59
CE MSE D 23 -8.76 8.42 -24.21
N GLY D 24 -7.41 8.45 -17.55
CA GLY D 24 -6.72 9.05 -16.43
C GLY D 24 -7.16 10.43 -15.97
N PHE D 25 -8.29 10.92 -16.46
CA PHE D 25 -8.76 12.24 -16.06
C PHE D 25 -9.77 12.18 -14.92
N TYR D 26 -9.88 13.28 -14.20
CA TYR D 26 -10.82 13.41 -13.09
C TYR D 26 -12.06 14.09 -13.67
N VAL D 27 -13.25 13.57 -13.37
CA VAL D 27 -14.47 14.18 -13.91
C VAL D 27 -15.48 14.60 -12.85
N ILE D 28 -16.08 15.77 -13.05
CA ILE D 28 -17.10 16.30 -12.14
C ILE D 28 -18.38 16.49 -12.96
N VAL D 29 -19.40 15.70 -12.67
CA VAL D 29 -20.65 15.79 -13.41
C VAL D 29 -21.64 16.76 -12.79
N LEU D 30 -22.40 17.44 -13.63
CA LEU D 30 -23.42 18.37 -13.14
C LEU D 30 -24.76 17.98 -13.73
N ASP D 31 -25.70 17.64 -12.86
CA ASP D 31 -27.04 17.22 -13.29
C ASP D 31 -28.05 17.55 -12.19
N PRO D 32 -29.31 17.80 -12.56
CA PRO D 32 -30.32 18.11 -11.54
C PRO D 32 -30.74 16.87 -10.76
N THR D 33 -30.69 15.70 -11.42
CA THR D 33 -31.04 14.44 -10.80
C THR D 33 -29.96 13.98 -9.81
N PRO D 34 -30.35 13.70 -8.55
CA PRO D 34 -29.37 13.26 -7.55
C PRO D 34 -28.78 11.91 -7.93
N ARG D 35 -27.47 11.77 -7.83
CA ARG D 35 -26.80 10.54 -8.19
C ARG D 35 -27.27 10.05 -9.56
N SER D 36 -27.04 10.87 -10.58
CA SER D 36 -27.42 10.54 -11.95
C SER D 36 -26.45 9.52 -12.54
N PRO D 37 -26.85 8.83 -13.62
CA PRO D 37 -25.99 7.82 -14.25
C PRO D 37 -24.53 8.25 -14.37
N ALA D 38 -24.30 9.40 -15.00
CA ALA D 38 -22.94 9.89 -15.17
C ALA D 38 -22.34 10.25 -13.81
N GLY D 39 -23.13 10.89 -12.97
CA GLY D 39 -22.65 11.31 -11.66
C GLY D 39 -22.24 10.16 -10.76
N GLN D 40 -22.85 8.99 -10.96
CA GLN D 40 -22.56 7.81 -10.15
C GLN D 40 -21.16 7.28 -10.43
N VAL D 41 -20.80 7.20 -11.71
CA VAL D 41 -19.48 6.70 -12.08
C VAL D 41 -18.48 7.84 -12.23
N ALA D 42 -18.87 9.01 -11.76
CA ALA D 42 -17.99 10.18 -11.83
C ALA D 42 -17.15 10.27 -10.57
N ASP D 43 -16.43 11.38 -10.41
CA ASP D 43 -15.60 11.61 -9.23
C ASP D 43 -16.36 12.51 -8.25
N GLU D 44 -17.31 13.26 -8.78
CA GLU D 44 -18.13 14.17 -8.00
C GLU D 44 -19.35 14.49 -8.85
N GLN D 45 -20.43 14.94 -8.21
CA GLN D 45 -21.63 15.33 -8.96
C GLN D 45 -22.29 16.55 -8.33
N ILE D 46 -22.29 17.67 -9.05
CA ILE D 46 -22.89 18.91 -8.58
C ILE D 46 -24.38 18.89 -8.89
N VAL D 47 -25.20 18.63 -7.89
CA VAL D 47 -26.64 18.58 -8.07
C VAL D 47 -27.21 19.99 -8.25
N ALA D 48 -27.50 20.33 -9.50
CA ALA D 48 -28.04 21.65 -9.83
C ALA D 48 -28.80 21.59 -11.15
N GLY D 49 -29.43 22.72 -11.49
CA GLY D 49 -30.20 22.77 -12.72
C GLY D 49 -29.37 23.19 -13.92
N PHE D 50 -29.82 22.80 -15.10
CA PHE D 50 -29.12 23.13 -16.34
C PHE D 50 -29.16 24.62 -16.62
N PHE D 51 -29.73 25.38 -15.68
CA PHE D 51 -29.82 26.81 -15.81
C PHE D 51 -29.48 27.49 -14.49
N ASP D 52 -28.81 26.75 -13.61
CA ASP D 52 -28.40 27.27 -12.30
C ASP D 52 -27.16 28.13 -12.53
N SER D 53 -27.39 29.36 -12.99
CA SER D 53 -26.33 30.32 -13.27
C SER D 53 -25.13 30.24 -12.33
N GLU D 54 -25.38 30.02 -11.04
CA GLU D 54 -24.29 29.96 -10.07
C GLU D 54 -23.60 28.61 -9.92
N ARG D 55 -24.33 27.52 -10.17
CA ARG D 55 -23.73 26.20 -10.05
C ARG D 55 -22.87 25.92 -11.28
N ILE D 56 -23.37 26.29 -12.46
CA ILE D 56 -22.62 26.08 -13.69
C ILE D 56 -21.27 26.79 -13.58
N GLU D 57 -21.27 27.99 -12.99
CA GLU D 57 -20.03 28.73 -12.83
C GLU D 57 -19.04 27.95 -11.98
N ASP D 58 -19.51 27.38 -10.87
CA ASP D 58 -18.64 26.61 -9.99
C ASP D 58 -17.98 25.48 -10.77
N LEU D 59 -18.76 24.81 -11.60
CA LEU D 59 -18.29 23.70 -12.40
C LEU D 59 -17.14 24.05 -13.35
N VAL D 60 -17.40 24.94 -14.30
CA VAL D 60 -16.40 25.35 -15.28
C VAL D 60 -15.12 25.93 -14.69
N LYS D 61 -15.24 26.77 -13.65
CA LYS D 61 -14.06 27.37 -13.05
C LYS D 61 -13.32 26.37 -12.17
N GLY D 62 -14.00 25.28 -11.82
CA GLY D 62 -13.37 24.27 -11.00
C GLY D 62 -12.75 23.17 -11.85
N SER D 63 -12.90 23.28 -13.16
CA SER D 63 -12.37 22.28 -14.09
C SER D 63 -11.41 22.92 -15.07
N ASP D 64 -10.59 22.08 -15.71
CA ASP D 64 -9.63 22.56 -16.70
C ASP D 64 -10.36 22.72 -18.02
N VAL D 65 -11.28 21.78 -18.30
CA VAL D 65 -12.06 21.78 -19.52
C VAL D 65 -13.48 21.33 -19.18
N THR D 66 -14.47 22.00 -19.76
CA THR D 66 -15.86 21.65 -19.51
C THR D 66 -16.59 21.41 -20.83
N THR D 67 -17.51 20.46 -20.81
CA THR D 67 -18.30 20.10 -21.98
C THR D 67 -19.72 19.78 -21.51
N TYR D 68 -20.54 19.24 -22.39
CA TYR D 68 -21.91 18.90 -22.06
C TYR D 68 -22.44 17.76 -22.92
N ASP D 69 -23.51 17.11 -22.47
CA ASP D 69 -24.08 16.00 -23.24
C ASP D 69 -25.51 16.34 -23.64
N LEU D 70 -25.89 17.58 -23.37
CA LEU D 70 -27.22 18.08 -23.68
C LEU D 70 -27.09 19.49 -24.27
N GLU D 71 -28.03 19.86 -25.13
CA GLU D 71 -27.99 21.18 -25.77
C GLU D 71 -28.81 22.26 -25.06
N HIS D 72 -29.94 21.88 -24.47
CA HIS D 72 -30.78 22.84 -23.75
C HIS D 72 -30.22 23.16 -22.38
N ILE D 73 -29.25 24.08 -22.34
CA ILE D 73 -28.61 24.50 -21.10
C ILE D 73 -28.35 26.01 -21.14
N ASP D 74 -27.83 26.54 -20.03
CA ASP D 74 -27.54 27.97 -19.94
C ASP D 74 -26.34 28.33 -20.81
N VAL D 75 -26.59 28.66 -22.07
CA VAL D 75 -25.50 29.00 -22.99
C VAL D 75 -24.92 30.38 -22.75
N GLN D 76 -25.76 31.32 -22.31
CA GLN D 76 -25.29 32.68 -22.07
C GLN D 76 -24.26 32.72 -20.95
N THR D 77 -24.53 32.03 -19.85
CA THR D 77 -23.59 32.00 -18.75
C THR D 77 -22.28 31.43 -19.24
N LEU D 78 -22.35 30.36 -20.03
CA LEU D 78 -21.14 29.73 -20.58
C LEU D 78 -20.45 30.65 -21.58
N LYS D 79 -21.21 31.50 -22.25
CA LYS D 79 -20.64 32.44 -23.21
C LYS D 79 -19.75 33.43 -22.46
N LYS D 80 -20.27 33.94 -21.36
CA LYS D 80 -19.55 34.89 -20.51
C LYS D 80 -18.23 34.27 -20.05
N LEU D 81 -18.32 33.05 -19.52
CA LEU D 81 -17.16 32.31 -19.03
C LEU D 81 -16.17 32.00 -20.16
N TYR D 82 -16.68 31.64 -21.32
CA TYR D 82 -15.84 31.35 -22.46
C TYR D 82 -15.05 32.60 -22.81
N ASN D 83 -15.73 33.74 -22.70
CA ASN D 83 -15.13 35.04 -22.99
C ASN D 83 -14.08 35.46 -21.96
N GLU D 84 -14.13 34.85 -20.78
CA GLU D 84 -13.16 35.16 -19.72
C GLU D 84 -11.90 34.32 -19.89
N GLY D 85 -11.97 33.30 -20.73
CA GLY D 85 -10.82 32.45 -20.96
C GLY D 85 -11.01 30.99 -20.61
N TYR D 86 -12.10 30.67 -19.93
CA TYR D 86 -12.35 29.28 -19.56
C TYR D 86 -12.58 28.41 -20.78
N LYS D 87 -11.93 27.24 -20.79
CA LYS D 87 -12.03 26.28 -21.88
C LYS D 87 -13.31 25.46 -21.79
N ILE D 88 -14.18 25.63 -22.77
CA ILE D 88 -15.43 24.88 -22.82
C ILE D 88 -15.65 24.45 -24.26
N HIS D 89 -15.67 23.13 -24.46
CA HIS D 89 -15.84 22.58 -25.79
C HIS D 89 -17.00 21.58 -25.85
N PRO D 90 -17.85 21.70 -26.89
CA PRO D 90 -17.79 22.69 -27.97
C PRO D 90 -18.07 24.09 -27.44
N SER D 91 -17.44 25.10 -28.06
CA SER D 91 -17.65 26.48 -27.65
C SER D 91 -19.14 26.79 -27.58
N PRO D 92 -19.56 27.56 -26.56
CA PRO D 92 -20.95 27.93 -26.38
C PRO D 92 -21.50 28.74 -27.58
N TYR D 93 -20.59 29.28 -28.39
CA TYR D 93 -20.99 30.05 -29.56
C TYR D 93 -21.51 29.16 -30.68
N THR D 94 -20.88 27.99 -30.85
CA THR D 94 -21.34 27.08 -31.90
C THR D 94 -22.65 26.46 -31.43
N LEU D 95 -22.78 26.29 -30.13
CA LEU D 95 -23.99 25.74 -29.55
C LEU D 95 -25.14 26.72 -29.81
N GLU D 96 -24.85 28.00 -29.67
CA GLU D 96 -25.82 29.08 -29.90
C GLU D 96 -26.22 29.14 -31.38
N ILE D 97 -25.25 28.91 -32.25
CA ILE D 97 -25.50 28.92 -33.69
C ILE D 97 -26.39 27.75 -34.10
N ILE D 98 -26.13 26.60 -33.50
CA ILE D 98 -26.87 25.38 -33.81
C ILE D 98 -28.29 25.41 -33.26
N GLN D 99 -28.47 26.04 -32.10
CA GLN D 99 -29.78 26.11 -31.47
C GLN D 99 -30.83 26.90 -32.25
N ASP D 100 -30.39 28.01 -32.85
CA ASP D 100 -31.29 28.85 -33.63
C ASP D 100 -31.20 28.41 -35.09
N LYS D 101 -32.19 27.69 -35.58
CA LYS D 101 -32.17 27.22 -36.95
C LYS D 101 -32.02 28.36 -37.95
N PHE D 102 -32.49 29.56 -37.58
CA PHE D 102 -32.35 30.71 -38.47
C PHE D 102 -30.88 31.00 -38.69
N VAL D 103 -30.12 31.15 -37.61
CA VAL D 103 -28.70 31.45 -37.72
C VAL D 103 -27.92 30.26 -38.29
N GLN D 104 -28.32 29.04 -37.94
CA GLN D 104 -27.63 27.87 -38.45
C GLN D 104 -27.69 27.88 -39.98
N LYS D 105 -28.88 28.10 -40.53
CA LYS D 105 -29.06 28.15 -41.99
C LYS D 105 -28.19 29.25 -42.62
N GLU D 106 -28.20 30.43 -42.02
CA GLU D 106 -27.39 31.53 -42.52
C GLU D 106 -25.90 31.18 -42.42
N PHE D 107 -25.51 30.54 -41.33
CA PHE D 107 -24.11 30.16 -41.15
C PHE D 107 -23.65 29.21 -42.25
N LEU D 108 -24.38 28.12 -42.43
CA LEU D 108 -24.04 27.15 -43.45
C LEU D 108 -23.97 27.80 -44.84
N LYS D 109 -24.95 28.63 -45.20
CA LYS D 109 -24.91 29.29 -46.50
C LYS D 109 -23.73 30.25 -46.58
N LYS D 110 -23.48 30.96 -45.48
CA LYS D 110 -22.38 31.92 -45.45
C LYS D 110 -21.04 31.20 -45.59
N ASN D 111 -21.09 29.87 -45.60
CA ASN D 111 -19.88 29.08 -45.73
C ASN D 111 -19.88 28.11 -46.91
N GLY D 112 -20.87 28.24 -47.79
CA GLY D 112 -20.96 27.39 -48.96
C GLY D 112 -21.39 25.96 -48.73
N ILE D 113 -21.77 25.63 -47.50
CA ILE D 113 -22.19 24.28 -47.18
C ILE D 113 -23.60 24.05 -47.72
N PRO D 114 -23.77 23.07 -48.62
CA PRO D 114 -25.06 22.74 -49.23
C PRO D 114 -26.18 22.39 -48.28
N VAL D 115 -27.30 23.09 -48.43
CA VAL D 115 -28.47 22.93 -47.57
C VAL D 115 -29.77 23.02 -48.40
N PRO D 116 -30.88 22.45 -47.89
CA PRO D 116 -32.13 22.55 -48.66
C PRO D 116 -32.58 24.01 -48.74
N GLU D 117 -33.31 24.35 -49.80
CA GLU D 117 -33.79 25.71 -49.98
C GLU D 117 -34.80 26.00 -48.88
N TYR D 118 -34.88 27.24 -48.43
CA TYR D 118 -35.80 27.61 -47.36
C TYR D 118 -36.18 29.08 -47.42
N LYS D 119 -37.17 29.47 -46.61
CA LYS D 119 -37.65 30.85 -46.56
C LYS D 119 -38.33 31.13 -45.22
N LEU D 120 -37.91 32.20 -44.54
CA LEU D 120 -38.50 32.59 -43.26
C LEU D 120 -39.97 32.93 -43.54
N VAL D 121 -40.90 32.41 -42.75
CA VAL D 121 -42.30 32.71 -43.03
C VAL D 121 -42.84 33.99 -42.42
N LYS D 122 -43.55 34.77 -43.25
CA LYS D 122 -44.17 36.03 -42.86
C LYS D 122 -45.64 35.99 -43.29
N ASP D 123 -45.88 35.40 -44.46
CA ASP D 123 -47.22 35.23 -45.02
C ASP D 123 -47.22 33.78 -45.49
N LEU D 124 -47.67 32.87 -44.62
CA LEU D 124 -47.64 31.46 -44.97
C LEU D 124 -48.19 31.11 -46.35
N GLU D 125 -49.47 31.39 -46.61
CA GLU D 125 -50.05 31.04 -47.91
C GLU D 125 -49.27 31.62 -49.09
N SER D 126 -48.82 32.86 -48.95
CA SER D 126 -48.05 33.49 -50.01
C SER D 126 -46.67 32.84 -50.05
N ASP D 127 -46.15 32.50 -48.87
CA ASP D 127 -44.84 31.88 -48.75
C ASP D 127 -44.74 30.50 -49.37
N VAL D 128 -45.80 29.68 -49.26
CA VAL D 128 -45.72 28.35 -49.83
C VAL D 128 -45.73 28.36 -51.36
N ARG D 129 -46.25 29.43 -51.96
CA ARG D 129 -46.30 29.52 -53.42
C ARG D 129 -44.90 29.37 -54.02
N GLU D 130 -43.88 29.72 -53.26
CA GLU D 130 -42.52 29.60 -53.75
C GLU D 130 -42.07 28.16 -53.86
N PHE D 131 -42.74 27.27 -53.15
CA PHE D 131 -42.37 25.87 -53.18
C PHE D 131 -43.49 24.98 -53.72
N GLY D 132 -44.73 25.33 -53.38
CA GLY D 132 -45.86 24.53 -53.80
C GLY D 132 -45.98 23.40 -52.79
N PHE D 133 -46.95 22.51 -52.98
CA PHE D 133 -47.15 21.38 -52.08
C PHE D 133 -46.50 20.16 -52.72
N PRO D 134 -45.80 19.32 -51.94
CA PRO D 134 -45.59 19.44 -50.50
C PRO D 134 -44.44 20.39 -50.17
N VAL D 135 -44.51 20.99 -48.99
CA VAL D 135 -43.50 21.91 -48.52
C VAL D 135 -43.38 21.64 -47.02
N VAL D 136 -42.20 21.85 -46.45
CA VAL D 136 -41.99 21.61 -45.05
C VAL D 136 -41.78 22.87 -44.20
N GLN D 137 -42.38 22.87 -43.01
CA GLN D 137 -42.26 23.98 -42.08
C GLN D 137 -41.54 23.51 -40.83
N LYS D 138 -40.61 24.33 -40.33
CA LYS D 138 -39.85 24.00 -39.13
C LYS D 138 -39.73 25.20 -38.19
N ALA D 139 -39.69 24.93 -36.89
CA ALA D 139 -39.58 25.98 -35.88
C ALA D 139 -38.15 26.52 -35.78
N ARG D 140 -38.03 27.82 -35.58
CA ARG D 140 -36.72 28.44 -35.44
C ARG D 140 -36.03 27.88 -34.20
N LYS D 141 -36.83 27.52 -33.20
CA LYS D 141 -36.34 26.97 -31.94
C LYS D 141 -37.35 25.97 -31.40
N GLY D 148 -42.03 20.84 -33.94
CA GLY D 148 -40.69 20.90 -34.53
C GLY D 148 -40.72 20.99 -36.05
N VAL D 149 -41.16 19.91 -36.69
CA VAL D 149 -41.24 19.85 -38.16
C VAL D 149 -42.64 19.41 -38.61
N PHE D 150 -43.20 20.14 -39.57
CA PHE D 150 -44.54 19.86 -40.08
C PHE D 150 -44.60 19.85 -41.61
N ILE D 151 -45.00 18.73 -42.18
CA ILE D 151 -45.08 18.60 -43.64
C ILE D 151 -46.46 19.04 -44.15
N ILE D 152 -46.47 20.14 -44.90
CA ILE D 152 -47.71 20.70 -45.46
C ILE D 152 -47.98 20.08 -46.82
N LYS D 153 -49.07 19.32 -46.92
CA LYS D 153 -49.41 18.63 -48.15
C LYS D 153 -50.56 19.29 -48.92
N ASN D 154 -51.32 20.14 -48.24
CA ASN D 154 -52.46 20.78 -48.87
C ASN D 154 -52.89 22.07 -48.20
N GLU D 155 -53.93 22.70 -48.75
CA GLU D 155 -54.46 23.94 -48.18
C GLU D 155 -54.96 23.73 -46.76
N LYS D 156 -55.51 22.55 -46.51
CA LYS D 156 -56.03 22.22 -45.19
C LYS D 156 -54.94 22.25 -44.13
N ASP D 157 -53.86 21.48 -44.34
CA ASP D 157 -52.75 21.45 -43.38
C ASP D 157 -52.31 22.84 -42.96
N LEU D 158 -52.49 23.81 -43.85
CA LEU D 158 -52.10 25.19 -43.59
C LEU D 158 -52.75 25.73 -42.31
N GLU D 159 -53.96 25.25 -42.02
CA GLU D 159 -54.70 25.68 -40.84
C GLU D 159 -53.98 25.25 -39.56
N ASN D 160 -53.20 24.18 -39.66
CA ASN D 160 -52.48 23.65 -38.51
C ASN D 160 -51.00 24.04 -38.50
N ALA D 161 -50.68 25.23 -39.01
CA ALA D 161 -49.29 25.70 -39.06
C ALA D 161 -48.68 25.85 -37.67
N ILE D 162 -47.36 25.74 -37.59
CA ILE D 162 -46.66 25.90 -36.32
C ILE D 162 -46.63 27.40 -36.02
N LYS D 163 -46.79 27.75 -34.74
CA LYS D 163 -46.79 29.16 -34.35
C LYS D 163 -45.41 29.65 -33.91
N GLY D 164 -45.28 30.97 -33.85
CA GLY D 164 -44.00 31.57 -33.47
C GLY D 164 -43.12 31.67 -34.70
N GLU D 165 -41.83 31.90 -34.50
CA GLU D 165 -40.90 32.00 -35.62
C GLU D 165 -40.67 30.65 -36.25
N THR D 166 -40.92 30.57 -37.56
CA THR D 166 -40.74 29.33 -38.31
C THR D 166 -40.21 29.62 -39.71
N TYR D 167 -39.86 28.57 -40.43
CA TYR D 167 -39.40 28.74 -41.81
C TYR D 167 -39.87 27.58 -42.67
N LEU D 168 -39.95 27.83 -43.97
CA LEU D 168 -40.36 26.82 -44.93
C LEU D 168 -39.10 26.26 -45.57
N GLU D 169 -39.12 24.95 -45.84
CA GLU D 169 -38.00 24.25 -46.44
C GLU D 169 -38.52 23.34 -47.55
N GLU D 170 -37.93 23.43 -48.73
CA GLU D 170 -38.36 22.59 -49.85
C GLU D 170 -38.48 21.15 -49.38
N PHE D 171 -39.44 20.42 -49.92
CA PHE D 171 -39.59 19.02 -49.55
C PHE D 171 -38.54 18.27 -50.35
N VAL D 172 -37.55 17.71 -49.67
CA VAL D 172 -36.49 16.98 -50.35
C VAL D 172 -36.88 15.56 -50.72
N GLU D 173 -36.57 15.19 -51.96
CA GLU D 173 -36.84 13.85 -52.46
C GLU D 173 -35.65 13.04 -51.95
N ILE D 174 -35.83 12.45 -50.76
CA ILE D 174 -34.77 11.69 -50.09
C ILE D 174 -34.54 10.28 -50.62
N GLU D 175 -33.31 10.01 -51.03
CA GLU D 175 -32.94 8.69 -51.52
C GLU D 175 -32.46 7.89 -50.31
N LYS D 176 -31.73 8.57 -49.43
CA LYS D 176 -31.20 7.94 -48.23
C LYS D 176 -30.82 9.02 -47.21
N GLU D 177 -31.10 8.78 -45.94
CA GLU D 177 -30.75 9.73 -44.89
C GLU D 177 -29.42 9.27 -44.27
N LEU D 178 -28.44 10.17 -44.26
CA LEU D 178 -27.10 9.88 -43.78
C LEU D 178 -26.62 10.65 -42.55
N ALA D 179 -25.60 10.11 -41.90
CA ALA D 179 -25.00 10.74 -40.72
C ALA D 179 -23.52 10.40 -40.69
N VAL D 180 -22.73 11.33 -40.14
CA VAL D 180 -21.29 11.15 -40.01
C VAL D 180 -20.82 11.85 -38.75
N MSE D 181 -20.05 11.15 -37.92
CA MSE D 181 -19.49 11.75 -36.72
C MSE D 181 -18.13 12.33 -37.17
O MSE D 181 -17.41 11.68 -37.93
CB MSE D 181 -19.25 10.70 -35.64
CG MSE D 181 -20.48 9.93 -35.18
SE MSE D 181 -21.90 11.08 -34.52
CE MSE D 181 -20.95 11.87 -33.03
N VAL D 182 -17.81 13.53 -36.73
CA VAL D 182 -16.54 14.13 -37.07
C VAL D 182 -15.97 14.84 -35.83
N ALA D 183 -14.73 14.54 -35.50
CA ALA D 183 -14.11 15.14 -34.32
C ALA D 183 -13.02 16.10 -34.77
N ARG D 184 -12.74 17.09 -33.93
CA ARG D 184 -11.71 18.07 -34.25
C ARG D 184 -11.07 18.64 -32.99
N ASN D 185 -9.74 18.76 -33.05
CA ASN D 185 -8.88 19.30 -31.98
C ASN D 185 -8.87 20.81 -32.02
N GLU D 186 -8.30 21.43 -31.00
CA GLU D 186 -8.18 22.86 -31.01
C GLU D 186 -7.02 23.09 -31.98
N LYS D 187 -6.18 22.08 -32.13
CA LYS D 187 -5.03 22.14 -33.03
C LYS D 187 -5.44 22.06 -34.49
N GLY D 188 -6.66 21.62 -34.75
CA GLY D 188 -7.11 21.53 -36.13
C GLY D 188 -7.15 20.13 -36.69
N GLU D 189 -6.67 19.14 -35.94
CA GLU D 189 -6.68 17.76 -36.41
C GLU D 189 -8.14 17.31 -36.51
N ILE D 190 -8.49 16.63 -37.60
CA ILE D 190 -9.85 16.16 -37.75
C ILE D 190 -9.87 14.64 -37.93
N ALA D 191 -10.94 14.02 -37.42
CA ALA D 191 -11.09 12.58 -37.53
C ALA D 191 -12.51 12.33 -38.03
N CYS D 192 -12.61 11.89 -39.27
CA CYS D 192 -13.91 11.64 -39.85
C CYS D 192 -14.25 10.15 -39.80
N TYR D 193 -15.41 9.83 -39.24
CA TYR D 193 -15.85 8.45 -39.15
C TYR D 193 -16.53 8.05 -40.45
N PRO D 194 -16.93 6.77 -40.58
CA PRO D 194 -17.60 6.32 -41.79
C PRO D 194 -18.99 6.97 -41.82
N VAL D 195 -19.54 7.18 -43.01
CA VAL D 195 -20.87 7.74 -43.08
C VAL D 195 -21.81 6.56 -42.86
N VAL D 196 -22.93 6.81 -42.17
CA VAL D 196 -23.89 5.75 -41.90
C VAL D 196 -25.27 6.11 -42.43
N GLU D 197 -26.13 5.11 -42.60
CA GLU D 197 -27.46 5.37 -43.12
C GLU D 197 -28.53 5.06 -42.08
N MSE D 198 -29.62 5.82 -42.13
CA MSE D 198 -30.74 5.62 -41.21
C MSE D 198 -31.71 4.72 -41.96
O MSE D 198 -32.21 5.08 -43.02
CB MSE D 198 -31.42 6.95 -40.90
CG MSE D 198 -30.47 8.07 -40.52
SE MSE D 198 -29.32 7.64 -39.04
CE MSE D 198 -30.63 7.85 -37.63
N TYR D 199 -31.96 3.53 -41.41
CA TYR D 199 -32.84 2.57 -42.04
C TYR D 199 -34.32 2.92 -42.05
N ASP D 208 -35.63 3.94 -34.21
CA ASP D 208 -34.50 4.38 -35.02
C ASP D 208 -33.43 3.28 -35.12
N THR D 209 -32.85 3.13 -36.31
CA THR D 209 -31.81 2.13 -36.56
C THR D 209 -30.73 2.67 -37.50
N VAL D 210 -29.48 2.39 -37.18
CA VAL D 210 -28.34 2.85 -37.99
C VAL D 210 -27.60 1.71 -38.67
N ILE D 211 -27.33 1.87 -39.96
CA ILE D 211 -26.59 0.87 -40.73
C ILE D 211 -25.21 1.42 -41.05
N ALA D 212 -24.17 0.72 -40.59
CA ALA D 212 -22.79 1.15 -40.83
C ALA D 212 -22.00 0.05 -41.52
N PRO D 213 -21.34 0.38 -42.65
CA PRO D 213 -21.34 1.72 -43.26
C PRO D 213 -22.54 1.92 -44.19
N ALA D 214 -22.81 3.16 -44.56
CA ALA D 214 -23.93 3.45 -45.44
C ALA D 214 -23.85 2.61 -46.71
N ARG D 215 -25.01 2.08 -47.13
CA ARG D 215 -25.08 1.25 -48.33
C ARG D 215 -25.22 2.13 -49.58
N ILE D 216 -24.22 2.98 -49.80
CA ILE D 216 -24.21 3.89 -50.94
C ILE D 216 -22.88 3.77 -51.68
N GLU D 217 -22.78 4.44 -52.83
CA GLU D 217 -21.55 4.40 -53.63
C GLU D 217 -20.44 5.23 -53.02
N GLU D 218 -19.20 4.81 -53.26
CA GLU D 218 -18.01 5.48 -52.75
C GLU D 218 -18.13 6.97 -53.06
N LYS D 219 -18.54 7.23 -54.30
CA LYS D 219 -18.76 8.57 -54.80
C LYS D 219 -19.43 9.47 -53.76
N TYR D 220 -20.58 9.02 -53.26
CA TYR D 220 -21.35 9.77 -52.28
C TYR D 220 -20.78 9.76 -50.87
N SER D 221 -20.33 8.60 -50.39
CA SER D 221 -19.77 8.52 -49.06
C SER D 221 -18.58 9.48 -48.96
N LYS D 222 -17.86 9.64 -50.06
CA LYS D 222 -16.71 10.53 -50.09
C LYS D 222 -17.21 11.97 -49.97
N ILE D 223 -18.28 12.29 -50.71
CA ILE D 223 -18.87 13.63 -50.69
C ILE D 223 -19.43 13.98 -49.30
N ALA D 224 -20.11 13.02 -48.68
CA ALA D 224 -20.70 13.22 -47.35
C ALA D 224 -19.62 13.47 -46.30
N ARG D 225 -18.51 12.77 -46.43
CA ARG D 225 -17.38 12.93 -45.53
C ARG D 225 -16.77 14.32 -45.65
N GLU D 226 -16.62 14.77 -46.88
CA GLU D 226 -16.06 16.09 -47.15
C GLU D 226 -16.96 17.20 -46.64
N ILE D 227 -18.25 17.11 -46.94
CA ILE D 227 -19.19 18.13 -46.50
C ILE D 227 -19.24 18.19 -44.97
N ALA D 228 -19.46 17.04 -44.33
CA ALA D 228 -19.50 16.96 -42.88
C ALA D 228 -18.25 17.59 -42.29
N THR D 229 -17.09 17.24 -42.86
CA THR D 229 -15.82 17.78 -42.41
C THR D 229 -15.76 19.30 -42.57
N SER D 230 -16.26 19.80 -43.70
CA SER D 230 -16.26 21.24 -43.97
C SER D 230 -17.11 21.99 -42.96
N VAL D 231 -18.15 21.33 -42.44
CA VAL D 231 -19.02 21.97 -41.45
C VAL D 231 -18.26 22.26 -40.15
N VAL D 232 -17.65 21.24 -39.56
CA VAL D 232 -16.91 21.40 -38.31
C VAL D 232 -15.72 22.33 -38.47
N GLU D 233 -15.14 22.36 -39.66
CA GLU D 233 -14.00 23.25 -39.88
C GLU D 233 -14.47 24.71 -39.98
N ALA D 234 -15.58 24.95 -40.68
CA ALA D 234 -16.09 26.30 -40.81
C ALA D 234 -16.42 26.83 -39.42
N LEU D 235 -16.78 25.90 -38.54
CA LEU D 235 -17.16 26.20 -37.17
C LEU D 235 -15.92 26.30 -36.28
N GLU D 236 -14.81 25.70 -36.73
CA GLU D 236 -13.58 25.67 -35.95
C GLU D 236 -13.97 24.95 -34.67
N GLY D 237 -14.89 24.01 -34.81
CA GLY D 237 -15.38 23.27 -33.67
C GLY D 237 -14.36 22.40 -32.95
N VAL D 238 -14.54 22.28 -31.65
CA VAL D 238 -13.68 21.47 -30.82
C VAL D 238 -14.56 20.42 -30.19
N GLY D 239 -14.30 19.16 -30.51
CA GLY D 239 -15.09 18.05 -29.98
C GLY D 239 -15.59 17.18 -31.10
N ILE D 240 -16.50 16.25 -30.81
CA ILE D 240 -17.03 15.42 -31.86
C ILE D 240 -18.41 15.96 -32.21
N PHE D 241 -18.74 15.92 -33.50
CA PHE D 241 -20.02 16.42 -33.96
C PHE D 241 -20.74 15.40 -34.81
N GLY D 242 -22.06 15.37 -34.70
CA GLY D 242 -22.84 14.47 -35.52
C GLY D 242 -23.46 15.34 -36.61
N ILE D 243 -23.21 15.00 -37.87
CA ILE D 243 -23.79 15.77 -38.98
C ILE D 243 -24.76 14.90 -39.78
N GLU D 244 -26.03 15.30 -39.79
CA GLU D 244 -27.09 14.59 -40.51
C GLU D 244 -27.28 15.17 -41.90
N MSE D 245 -27.31 14.30 -42.91
CA MSE D 245 -27.47 14.77 -44.28
C MSE D 245 -28.47 13.96 -45.11
O MSE D 245 -28.78 12.81 -44.78
CB MSE D 245 -26.12 14.75 -44.98
CG MSE D 245 -25.03 15.45 -44.22
SE MSE D 245 -23.29 15.04 -44.95
CE MSE D 245 -23.10 13.28 -44.23
N PHE D 246 -28.97 14.58 -46.17
CA PHE D 246 -29.89 13.92 -47.07
C PHE D 246 -29.17 13.59 -48.37
N LEU D 247 -29.27 12.35 -48.82
CA LEU D 247 -28.71 11.96 -50.11
C LEU D 247 -29.96 12.01 -50.99
N THR D 248 -30.02 13.05 -51.80
CA THR D 248 -31.13 13.30 -52.71
C THR D 248 -31.32 12.29 -53.84
N LYS D 249 -32.56 12.07 -54.27
CA LYS D 249 -32.82 11.14 -55.37
C LYS D 249 -32.22 11.69 -56.67
N GLN D 250 -31.65 12.90 -56.59
CA GLN D 250 -31.00 13.55 -57.72
C GLN D 250 -29.49 13.45 -57.55
N GLY D 251 -29.07 12.73 -56.51
CA GLY D 251 -27.65 12.55 -56.26
C GLY D 251 -26.95 13.71 -55.59
N GLU D 252 -27.70 14.47 -54.81
CA GLU D 252 -27.13 15.61 -54.12
C GLU D 252 -27.05 15.36 -52.61
N ILE D 253 -26.05 15.96 -51.97
CA ILE D 253 -25.88 15.82 -50.53
C ILE D 253 -26.06 17.16 -49.83
N LEU D 254 -27.15 17.25 -49.08
CA LEU D 254 -27.52 18.46 -48.34
C LEU D 254 -27.41 18.21 -46.83
N VAL D 255 -26.88 19.17 -46.07
CA VAL D 255 -26.81 18.99 -44.62
C VAL D 255 -28.16 19.40 -44.07
N ASN D 256 -28.67 18.62 -43.12
CA ASN D 256 -29.97 18.91 -42.54
C ASN D 256 -29.90 19.34 -41.09
N GLU D 257 -28.91 18.84 -40.36
CA GLU D 257 -28.79 19.19 -38.95
C GLU D 257 -27.38 18.99 -38.42
N ILE D 258 -27.09 19.61 -37.28
CA ILE D 258 -25.79 19.50 -36.67
C ILE D 258 -26.00 19.24 -35.17
N ALA D 259 -25.24 18.30 -34.62
CA ALA D 259 -25.32 18.00 -33.18
C ALA D 259 -23.89 18.14 -32.63
N PRO D 260 -23.67 19.16 -31.77
CA PRO D 260 -22.36 19.44 -31.16
C PRO D 260 -22.06 18.54 -29.96
N ARG D 261 -21.96 17.23 -30.18
CA ARG D 261 -21.72 16.28 -29.09
C ARG D 261 -21.86 14.87 -29.63
N PRO D 262 -21.49 13.86 -28.82
CA PRO D 262 -21.63 12.48 -29.26
C PRO D 262 -23.11 12.32 -29.61
N HIS D 263 -23.40 11.52 -30.63
CA HIS D 263 -24.77 11.37 -31.08
C HIS D 263 -25.28 9.94 -31.10
N ASN D 264 -26.58 9.78 -30.94
CA ASN D 264 -27.21 8.47 -30.97
C ASN D 264 -26.76 7.74 -32.25
N SER D 265 -26.58 8.50 -33.33
CA SER D 265 -26.16 7.92 -34.61
C SER D 265 -24.74 7.41 -34.54
N GLY D 266 -23.98 7.87 -33.54
CA GLY D 266 -22.60 7.44 -33.42
C GLY D 266 -22.31 6.26 -32.53
N HIS D 267 -23.34 5.68 -31.90
CA HIS D 267 -23.13 4.55 -30.99
C HIS D 267 -22.46 3.32 -31.59
N TYR D 268 -22.67 3.09 -32.88
CA TYR D 268 -22.09 1.92 -33.53
C TYR D 268 -20.57 1.86 -33.37
N THR D 269 -19.95 3.03 -33.32
CA THR D 269 -18.50 3.11 -33.21
C THR D 269 -17.97 2.34 -32.00
N ILE D 270 -18.78 2.22 -30.97
CA ILE D 270 -18.36 1.52 -29.76
C ILE D 270 -17.97 0.07 -30.05
N GLU D 271 -18.68 -0.56 -30.96
CA GLU D 271 -18.42 -1.95 -31.29
C GLU D 271 -17.67 -2.15 -32.62
N ALA D 272 -17.91 -1.27 -33.59
CA ALA D 272 -17.30 -1.41 -34.90
C ALA D 272 -16.10 -0.56 -35.25
N CYS D 273 -15.76 0.44 -34.45
CA CYS D 273 -14.59 1.29 -34.74
C CYS D 273 -13.46 1.15 -33.72
N VAL D 274 -12.23 1.35 -34.15
CA VAL D 274 -11.11 1.24 -33.22
C VAL D 274 -11.24 2.26 -32.08
N THR D 275 -11.75 3.45 -32.37
CA THR D 275 -11.95 4.42 -31.29
C THR D 275 -13.41 4.91 -31.25
N SER D 276 -14.08 4.65 -30.13
CA SER D 276 -15.48 5.04 -29.99
C SER D 276 -15.63 6.55 -30.02
N GLN D 277 -16.84 6.98 -30.32
CA GLN D 277 -17.17 8.40 -30.41
C GLN D 277 -16.96 9.12 -29.08
N PHE D 278 -17.04 8.39 -27.98
CA PHE D 278 -16.86 8.98 -26.65
C PHE D 278 -15.39 9.15 -26.31
N GLU D 279 -14.56 8.20 -26.69
CA GLU D 279 -13.13 8.35 -26.41
C GLU D 279 -12.66 9.48 -27.33
N GLN D 280 -13.13 9.45 -28.56
CA GLN D 280 -12.76 10.46 -29.55
C GLN D 280 -13.15 11.84 -29.02
N HIS D 281 -14.33 11.95 -28.44
CA HIS D 281 -14.79 13.21 -27.90
C HIS D 281 -13.86 13.78 -26.83
N ILE D 282 -13.42 12.94 -25.88
CA ILE D 282 -12.51 13.37 -24.82
C ILE D 282 -11.14 13.72 -25.41
N ARG D 283 -10.71 12.98 -26.43
CA ARG D 283 -9.42 13.26 -27.05
C ARG D 283 -9.44 14.64 -27.69
N ALA D 284 -10.59 14.98 -28.30
CA ALA D 284 -10.76 16.25 -28.97
C ALA D 284 -10.83 17.44 -28.02
N ILE D 285 -11.74 17.40 -27.04
CA ILE D 285 -11.85 18.52 -26.10
C ILE D 285 -10.60 18.72 -25.26
N MSE D 286 -9.78 17.69 -25.13
CA MSE D 286 -8.55 17.81 -24.35
C MSE D 286 -7.35 18.13 -25.24
O MSE D 286 -6.21 18.13 -24.78
CB MSE D 286 -8.28 16.51 -23.58
CG MSE D 286 -9.33 16.16 -22.54
SE MSE D 286 -9.72 17.64 -21.35
CE MSE D 286 -7.98 17.80 -20.53
N ASN D 287 -7.63 18.40 -26.51
CA ASN D 287 -6.58 18.73 -27.46
C ASN D 287 -5.49 17.67 -27.53
N LEU D 288 -5.90 16.40 -27.51
CA LEU D 288 -4.98 15.28 -27.61
C LEU D 288 -5.03 14.72 -29.01
N PRO D 289 -4.02 13.92 -29.41
CA PRO D 289 -4.03 13.34 -30.75
C PRO D 289 -5.27 12.45 -30.93
N LEU D 290 -5.99 12.65 -32.02
CA LEU D 290 -7.19 11.87 -32.29
C LEU D 290 -6.87 10.41 -32.64
N GLY D 291 -7.76 9.49 -32.25
CA GLY D 291 -7.52 8.09 -32.53
C GLY D 291 -8.11 7.62 -33.84
N SER D 292 -7.67 6.46 -34.29
CA SER D 292 -8.15 5.85 -35.54
C SER D 292 -9.66 5.64 -35.62
N THR D 293 -10.26 5.96 -36.76
CA THR D 293 -11.68 5.79 -36.94
C THR D 293 -12.00 4.56 -37.80
N GLU D 294 -10.98 3.75 -38.08
CA GLU D 294 -11.17 2.57 -38.92
C GLU D 294 -12.36 1.70 -38.51
N LEU D 295 -13.17 1.30 -39.49
CA LEU D 295 -14.31 0.44 -39.24
C LEU D 295 -13.81 -1.00 -39.30
N LEU D 296 -13.84 -1.68 -38.17
CA LEU D 296 -13.38 -3.07 -38.07
C LEU D 296 -14.37 -4.08 -38.64
N ILE D 297 -15.66 -3.75 -38.59
CA ILE D 297 -16.67 -4.67 -39.08
C ILE D 297 -18.00 -3.93 -39.26
N PRO D 298 -18.80 -4.34 -40.26
CA PRO D 298 -20.08 -3.68 -40.47
C PRO D 298 -20.96 -3.87 -39.24
N ALA D 299 -21.85 -2.93 -38.99
CA ALA D 299 -22.70 -3.03 -37.82
C ALA D 299 -23.97 -2.23 -37.94
N VAL D 300 -25.04 -2.71 -37.30
CA VAL D 300 -26.28 -1.95 -37.30
C VAL D 300 -26.77 -1.88 -35.86
N MSE D 301 -27.11 -0.66 -35.45
CA MSE D 301 -27.59 -0.37 -34.11
C MSE D 301 -29.07 -0.04 -34.11
O MSE D 301 -29.57 0.58 -35.05
CB MSE D 301 -26.79 0.81 -33.53
CG MSE D 301 -27.26 1.24 -32.15
SE MSE D 301 -27.68 3.11 -32.09
CE MSE D 301 -29.31 3.06 -33.08
N VAL D 302 -29.73 -0.42 -33.02
CA VAL D 302 -31.17 -0.21 -32.83
C VAL D 302 -31.46 0.29 -31.41
N ASN D 303 -32.23 1.37 -31.29
CA ASN D 303 -32.57 1.90 -29.97
C ASN D 303 -33.63 1.05 -29.28
N LEU D 304 -33.57 1.03 -27.94
CA LEU D 304 -34.55 0.30 -27.14
C LEU D 304 -35.36 1.34 -26.38
N LEU D 305 -36.62 1.53 -26.77
CA LEU D 305 -37.48 2.51 -26.11
C LEU D 305 -38.49 1.85 -25.19
N GLY D 306 -39.00 2.61 -24.24
CA GLY D 306 -39.99 2.08 -23.32
C GLY D 306 -41.23 1.65 -24.08
N GLU D 307 -41.67 0.42 -23.86
CA GLU D 307 -42.85 -0.12 -24.53
C GLU D 307 -44.06 0.74 -24.15
N GLU D 308 -44.93 1.01 -25.13
CA GLU D 308 -46.12 1.80 -24.84
C GLU D 308 -47.04 1.03 -23.89
N GLY D 309 -47.64 1.74 -22.95
CA GLY D 309 -48.53 1.11 -21.99
C GLY D 309 -47.80 0.59 -20.77
N TYR D 310 -46.67 1.21 -20.45
CA TYR D 310 -45.88 0.81 -19.30
C TYR D 310 -45.18 2.01 -18.67
N TYR D 311 -45.29 2.11 -17.34
CA TYR D 311 -44.68 3.19 -16.58
C TYR D 311 -44.23 2.59 -15.26
N GLY D 312 -43.10 3.07 -14.73
CA GLY D 312 -42.62 2.54 -13.46
C GLY D 312 -41.28 1.85 -13.51
N LYS D 313 -41.03 0.95 -12.56
CA LYS D 313 -39.77 0.21 -12.52
C LYS D 313 -39.54 -0.55 -13.80
N PRO D 314 -38.37 -0.35 -14.43
CA PRO D 314 -37.96 -1.00 -15.68
C PRO D 314 -37.91 -2.51 -15.65
N ALA D 315 -38.22 -3.12 -16.78
CA ALA D 315 -38.19 -4.56 -16.94
C ALA D 315 -37.79 -4.88 -18.37
N LEU D 316 -36.62 -5.50 -18.53
CA LEU D 316 -36.12 -5.86 -19.84
C LEU D 316 -36.61 -7.27 -20.16
N ILE D 317 -37.18 -7.46 -21.36
CA ILE D 317 -37.69 -8.76 -21.77
C ILE D 317 -37.03 -9.29 -23.04
N GLY D 318 -36.74 -10.59 -23.07
CA GLY D 318 -36.14 -11.19 -24.23
C GLY D 318 -34.63 -11.26 -24.29
N LEU D 319 -33.96 -10.83 -23.22
CA LEU D 319 -32.49 -10.85 -23.21
C LEU D 319 -31.92 -12.18 -23.64
N GLU D 320 -32.43 -13.25 -23.03
CA GLU D 320 -31.96 -14.62 -23.31
C GLU D 320 -32.01 -15.05 -24.76
N GLU D 321 -33.15 -14.81 -25.41
CA GLU D 321 -33.32 -15.18 -26.82
C GLU D 321 -32.44 -14.31 -27.71
N ALA D 322 -32.33 -13.04 -27.37
CA ALA D 322 -31.54 -12.08 -28.15
C ALA D 322 -30.04 -12.37 -28.12
N LEU D 323 -29.52 -12.79 -26.97
CA LEU D 323 -28.10 -13.08 -26.84
C LEU D 323 -27.70 -14.29 -27.70
N ALA D 324 -28.68 -15.08 -28.10
CA ALA D 324 -28.41 -16.24 -28.94
C ALA D 324 -28.05 -15.77 -30.35
N ILE D 325 -28.30 -14.49 -30.63
CA ILE D 325 -28.00 -13.92 -31.95
C ILE D 325 -26.53 -13.50 -32.00
N GLU D 326 -25.78 -14.13 -32.90
CA GLU D 326 -24.35 -13.86 -33.04
C GLU D 326 -24.02 -12.42 -33.45
N GLY D 327 -23.12 -11.81 -32.67
CA GLY D 327 -22.70 -10.45 -32.95
C GLY D 327 -23.51 -9.38 -32.25
N LEU D 328 -24.53 -9.81 -31.51
CA LEU D 328 -25.40 -8.90 -30.77
C LEU D 328 -24.77 -8.49 -29.44
N SER D 329 -24.85 -7.19 -29.14
CA SER D 329 -24.34 -6.63 -27.90
C SER D 329 -25.47 -5.79 -27.34
N LEU D 330 -25.73 -5.91 -26.04
CA LEU D 330 -26.78 -5.13 -25.41
C LEU D 330 -26.19 -4.02 -24.56
N HIS D 331 -26.79 -2.85 -24.63
CA HIS D 331 -26.34 -1.72 -23.84
C HIS D 331 -27.55 -1.11 -23.13
N PHE D 332 -27.90 -1.69 -21.99
CA PHE D 332 -29.03 -1.21 -21.20
C PHE D 332 -28.53 -0.10 -20.29
N TYR D 333 -29.14 1.08 -20.38
CA TYR D 333 -28.71 2.20 -19.55
C TYR D 333 -29.26 2.01 -18.14
N GLY D 334 -28.94 2.92 -17.24
CA GLY D 334 -29.41 2.79 -15.87
C GLY D 334 -30.81 3.29 -15.55
N LYS D 335 -31.28 4.26 -16.32
CA LYS D 335 -32.61 4.86 -16.11
C LYS D 335 -33.54 4.05 -15.21
N LYS D 336 -33.85 4.63 -14.05
CA LYS D 336 -34.69 3.98 -13.05
C LYS D 336 -36.18 3.92 -13.34
N GLU D 337 -36.61 4.51 -14.46
CA GLU D 337 -38.02 4.49 -14.81
C GLU D 337 -38.24 4.38 -16.31
N THR D 338 -39.21 3.56 -16.70
CA THR D 338 -39.53 3.43 -18.12
C THR D 338 -40.76 4.26 -18.39
N ARG D 339 -40.84 4.78 -19.60
CA ARG D 339 -41.94 5.61 -20.03
C ARG D 339 -42.04 5.35 -21.53
N PRO D 340 -43.25 5.43 -22.09
CA PRO D 340 -43.37 5.17 -23.53
C PRO D 340 -42.41 5.97 -24.41
N TYR D 341 -41.77 5.26 -25.32
CA TYR D 341 -40.82 5.84 -26.26
C TYR D 341 -39.55 6.46 -25.69
N ARG D 342 -39.33 6.31 -24.39
CA ARG D 342 -38.12 6.86 -23.77
C ARG D 342 -36.95 5.93 -24.11
N LYS D 343 -35.79 6.52 -24.45
CA LYS D 343 -34.62 5.72 -24.77
C LYS D 343 -34.11 5.00 -23.53
N MSE D 344 -34.40 3.71 -23.45
CA MSE D 344 -33.96 2.91 -22.31
C MSE D 344 -32.63 2.22 -22.57
O MSE D 344 -32.03 1.64 -21.67
CB MSE D 344 -35.04 1.90 -21.93
CG MSE D 344 -36.36 2.54 -21.48
SE MSE D 344 -36.11 3.87 -20.09
CE MSE D 344 -35.77 2.67 -18.62
N GLY D 345 -32.17 2.26 -23.81
CA GLY D 345 -30.92 1.63 -24.17
C GLY D 345 -30.84 1.39 -25.65
N HIS D 346 -29.85 0.60 -26.07
CA HIS D 346 -29.71 0.28 -27.48
C HIS D 346 -28.93 -1.02 -27.59
N PHE D 347 -28.95 -1.61 -28.77
CA PHE D 347 -28.18 -2.82 -28.99
C PHE D 347 -27.56 -2.73 -30.38
N THR D 348 -26.44 -3.40 -30.54
CA THR D 348 -25.73 -3.40 -31.81
C THR D 348 -25.44 -4.83 -32.25
N VAL D 349 -25.46 -5.04 -33.56
CA VAL D 349 -25.18 -6.36 -34.10
C VAL D 349 -24.09 -6.22 -35.16
N VAL D 350 -22.94 -6.84 -34.93
CA VAL D 350 -21.85 -6.79 -35.89
C VAL D 350 -21.84 -8.08 -36.72
N ASP D 351 -21.42 -7.96 -37.98
CA ASP D 351 -21.35 -9.09 -38.88
C ASP D 351 -20.55 -8.66 -40.10
N ARG D 352 -19.73 -9.56 -40.63
CA ARG D 352 -18.91 -9.23 -41.82
C ARG D 352 -19.79 -8.76 -42.97
N ASP D 353 -21.01 -9.30 -43.05
CA ASP D 353 -21.94 -8.89 -44.09
C ASP D 353 -22.97 -7.93 -43.48
N VAL D 354 -22.91 -6.68 -43.92
CA VAL D 354 -23.81 -5.65 -43.41
C VAL D 354 -25.27 -6.09 -43.52
N GLU D 355 -25.57 -6.85 -44.56
CA GLU D 355 -26.92 -7.31 -44.80
C GLU D 355 -27.37 -8.36 -43.79
N ARG D 356 -26.42 -9.18 -43.32
CA ARG D 356 -26.76 -10.19 -42.31
C ARG D 356 -26.95 -9.50 -40.96
N ALA D 357 -26.13 -8.49 -40.72
CA ALA D 357 -26.22 -7.72 -39.49
C ALA D 357 -27.59 -7.07 -39.43
N LEU D 358 -28.07 -6.60 -40.57
CA LEU D 358 -29.37 -5.95 -40.65
C LEU D 358 -30.54 -6.88 -40.35
N GLU D 359 -30.55 -8.07 -40.94
CA GLU D 359 -31.65 -8.99 -40.66
C GLU D 359 -31.60 -9.49 -39.22
N LYS D 360 -30.40 -9.65 -38.66
CA LYS D 360 -30.29 -10.10 -37.27
C LYS D 360 -30.84 -9.00 -36.35
N ALA D 361 -30.48 -7.77 -36.68
CA ALA D 361 -30.88 -6.61 -35.90
C ALA D 361 -32.38 -6.42 -35.91
N LEU D 362 -32.98 -6.43 -37.09
CA LEU D 362 -34.43 -6.25 -37.19
C LEU D 362 -35.14 -7.37 -36.44
N ARG D 363 -34.59 -8.58 -36.54
CA ARG D 363 -35.16 -9.73 -35.84
C ARG D 363 -35.11 -9.43 -34.33
N ALA D 364 -33.91 -9.09 -33.85
CA ALA D 364 -33.70 -8.79 -32.43
C ALA D 364 -34.60 -7.66 -31.95
N LYS D 365 -34.91 -6.73 -32.85
CA LYS D 365 -35.77 -5.58 -32.52
C LYS D 365 -37.15 -6.02 -32.02
N LYS D 366 -37.62 -7.15 -32.51
CA LYS D 366 -38.92 -7.68 -32.09
C LYS D 366 -38.81 -8.45 -30.77
N ILE D 367 -37.62 -8.96 -30.46
CA ILE D 367 -37.39 -9.73 -29.25
C ILE D 367 -37.26 -8.88 -27.98
N LEU D 368 -36.21 -8.05 -27.92
CA LEU D 368 -35.97 -7.19 -26.77
C LEU D 368 -37.01 -6.08 -26.60
N LYS D 369 -37.58 -5.99 -25.40
CA LYS D 369 -38.56 -4.96 -25.10
C LYS D 369 -38.30 -4.48 -23.68
N VAL D 370 -38.79 -3.29 -23.37
CA VAL D 370 -38.63 -2.73 -22.05
C VAL D 370 -40.00 -2.38 -21.49
N VAL D 371 -40.50 -3.23 -20.61
CA VAL D 371 -41.79 -2.99 -19.97
C VAL D 371 -41.48 -2.63 -18.53
N SER D 372 -42.50 -2.67 -17.68
CA SER D 372 -42.30 -2.35 -16.28
C SER D 372 -42.80 -3.56 -15.49
N GLU D 373 -42.39 -3.67 -14.24
CA GLU D 373 -42.82 -4.78 -13.41
C GLU D 373 -44.31 -4.64 -13.09
PB ADP E . 43.83 -9.53 25.25
O1B ADP E . 42.91 -8.46 24.74
O2B ADP E . 43.83 -9.49 26.87
O3B ADP E . 43.26 -11.02 24.70
PA ADP E . 45.80 -7.82 24.28
O1A ADP E . 46.42 -7.88 22.93
O2A ADP E . 44.55 -6.80 24.23
O3A ADP E . 45.36 -9.35 24.70
O5' ADP E . 46.94 -7.33 25.33
C5' ADP E . 46.29 -6.72 26.46
C4' ADP E . 47.04 -5.46 26.89
O4' ADP E . 48.50 -5.66 26.80
C3' ADP E . 46.72 -4.25 25.99
O3' ADP E . 45.55 -3.55 26.42
C2' ADP E . 47.99 -3.42 26.06
O2' ADP E . 47.95 -2.49 27.15
C1' ADP E . 49.11 -4.47 26.23
N9 ADP E . 49.77 -4.76 24.94
C8 ADP E . 49.32 -5.57 23.93
N7 ADP E . 50.16 -5.59 22.94
C5 ADP E . 51.22 -4.80 23.24
C6 ADP E . 52.42 -4.43 22.58
N6 ADP E . 52.71 -4.92 21.33
N1 ADP E . 53.28 -3.59 23.20
C2 ADP E . 53.03 -3.10 24.42
N3 ADP E . 51.91 -3.43 25.07
C4 ADP E . 50.98 -4.26 24.53
PB ADP F . -10.28 9.85 21.03
O1B ADP F . -8.82 10.16 21.06
O2B ADP F . -10.57 8.97 19.70
O3B ADP F . -10.73 8.97 22.38
PA ADP F . -10.46 12.55 21.43
O1A ADP F . -11.27 13.17 22.50
O2A ADP F . -8.97 12.30 22.01
O3A ADP F . -11.22 11.17 20.96
O5' ADP F . -10.36 13.61 20.21
C5' ADP F . -10.80 12.99 18.99
C4' ADP F . -10.55 13.94 17.81
O4' ADP F . -11.73 14.74 17.55
C3' ADP F . -9.38 14.92 18.08
O3' ADP F . -8.17 14.47 17.46
C2' ADP F . -9.85 16.26 17.54
O2' ADP F . -9.32 16.52 16.24
C1' ADP F . -11.39 16.16 17.53
N9 ADP F . -12.00 16.90 18.65
C8 ADP F . -12.09 16.49 19.96
N7 ADP F . -12.69 17.42 20.67
C5 ADP F . -13.01 18.46 19.88
C6 ADP F . -13.64 19.71 20.08
N6 ADP F . -14.09 20.08 21.34
N1 ADP F . -13.80 20.54 19.02
C2 ADP F . -13.36 20.20 17.80
N3 ADP F . -12.76 19.02 17.58
C4 ADP F . -12.56 18.14 18.57
PB ADP G . 3.64 -18.94 -11.63
O1B ADP G . 3.68 -18.13 -12.89
O2B ADP G . 4.19 -18.03 -10.42
O3B ADP G . 2.05 -19.41 -11.28
PA ADP G . 4.99 -20.74 -13.22
O1A ADP G . 4.61 -22.16 -13.37
O2A ADP G . 4.23 -19.89 -14.40
O3A ADP G . 4.58 -20.28 -11.70
O5' ADP G . 6.61 -20.63 -13.36
C5' ADP G . 6.94 -19.44 -14.09
C4' ADP G . 8.06 -19.72 -15.09
O4' ADP G . 8.85 -20.89 -14.71
C3' ADP G . 7.48 -20.01 -16.48
O3' ADP G . 7.29 -18.80 -17.22
C2' ADP G . 8.52 -20.93 -17.12
O2' ADP G . 9.48 -20.17 -17.85
C1' ADP G . 9.16 -21.67 -15.91
N9 ADP G . 8.68 -23.04 -15.78
C8 ADP G . 7.61 -23.47 -15.04
N7 ADP G . 7.48 -24.76 -15.14
C5 ADP G . 8.46 -25.25 -15.94
C6 ADP G . 8.83 -26.55 -16.41
N6 ADP G . 8.11 -27.66 -16.03
N1 ADP G . 9.90 -26.67 -17.24
C2 ADP G . 10.60 -25.60 -17.62
N3 ADP G . 10.29 -24.37 -17.19
C4 ADP G . 9.24 -24.15 -16.37
PB ADP H . -36.28 16.64 -35.88
O1B ADP H . -37.63 16.60 -35.27
O2B ADP H . -35.28 17.44 -34.90
O3B ADP H . -35.72 15.05 -36.09
PA ADP H . -35.97 16.58 -38.60
O1A ADP H . -35.45 17.51 -39.63
O2A ADP H . -34.82 15.49 -38.28
O3A ADP H . -36.39 17.47 -37.28
O5' ADP H . -37.34 15.89 -39.17
C5' ADP H . -37.30 14.49 -38.96
C4' ADP H . -37.64 13.75 -40.26
O4' ADP H . -38.48 14.58 -41.13
C3' ADP H . -36.37 13.44 -41.06
O3' ADP H . -35.78 12.20 -40.64
C2' ADP H . -36.86 13.41 -42.51
O2' ADP H . -37.27 12.10 -42.90
C1' ADP H . -38.04 14.42 -42.51
N9 ADP H . -37.64 15.70 -43.12
C8 ADP H . -37.04 16.77 -42.49
N7 ADP H . -36.84 17.73 -43.34
C5 ADP H . -37.30 17.36 -44.55
C6 ADP H . -37.35 17.96 -45.84
N6 ADP H . -36.87 19.23 -46.06
N1 ADP H . -37.89 17.26 -46.86
C2 ADP H . -38.37 16.01 -46.69
N3 ADP H . -38.34 15.42 -45.50
C4 ADP H . -37.82 16.04 -44.43
#